data_7JHI
#
_entry.id   7JHI
#
_cell.length_a   67.431
_cell.length_b   81.385
_cell.length_c   157.138
_cell.angle_alpha   90.000
_cell.angle_beta   98.630
_cell.angle_gamma   90.000
#
_symmetry.space_group_name_H-M   'P 1 21 1'
#
loop_
_entity.id
_entity.type
_entity.pdbx_description
1 polymer 'N-acetyllactosaminide beta-1,3-N-acetylglucosaminyltransferase 2'
2 branched beta-D-mannopyranose-(1-4)-2-acetamido-2-deoxy-beta-D-glucopyranose-(1-4)-2-acetamido-2-deoxy-beta-D-glucopyranose
3 branched 2-acetamido-2-deoxy-beta-D-glucopyranose-(1-4)-2-acetamido-2-deoxy-beta-D-glucopyranose
4 branched alpha-D-mannopyranose-(1-6)-beta-D-mannopyranose-(1-4)-2-acetamido-2-deoxy-beta-D-glucopyranose-(1-4)-2-acetamido-2-deoxy-beta-D-glucopyranose
5 non-polymer 2-acetamido-2-deoxy-beta-D-glucopyranose
6 non-polymer 'MAGNESIUM ION'
7 non-polymer "URIDINE-5'-DIPHOSPHATE"
8 non-polymer 'IODIDE ION'
9 non-polymer 'CHLORIDE ION'
10 non-polymer 'TETRAETHYLENE GLYCOL'
11 water water
#
_entity_poly.entity_id   1
_entity_poly.type   'polypeptide(L)'
_entity_poly.pdbx_seq_one_letter_code
;MHHHHHHHHENLYFQGSSSQEKNGKGEVIIPKEKFWKISTPPEAYWNREQEKLNRQYNPILSMLTNQTGEAGRLSNISHL
NYCEPDLRVTSVVTGFNNLPDRFKDFLLYLRCRNYSLLIDQPDKCAKKPFLLLAIKSLTPHFARRQAIRESWGQESNAGN
QTVVRVFLLGQTPPEDNHPDLSDMLKFESEKHQDILMWNYRDTFFNLSLKEVLFLRWVSTSCPDTEFVFKGDDDVFVNTH
HILNYLNSLSKTKAKDLFIGDVIHNAGPHRDKKLKYYIPEVVYSGLYPPYAGGGGFLYSGHLALRLYHITDQVHLYPIDD
VYTGMCLQKLGLVPEKHKGFRTFDIEEKNKNNICSYVDLMLVHSRKPQEMIDIWSQLQSAHLKC
;
_entity_poly.pdbx_strand_id   A,B,C,D
#
loop_
_chem_comp.id
_chem_comp.type
_chem_comp.name
_chem_comp.formula
BMA D-saccharide, beta linking beta-D-mannopyranose 'C6 H12 O6'
CL non-polymer 'CHLORIDE ION' 'Cl -1'
IOD non-polymer 'IODIDE ION' 'I -1'
MAN D-saccharide, alpha linking alpha-D-mannopyranose 'C6 H12 O6'
MG non-polymer 'MAGNESIUM ION' 'Mg 2'
NAG D-saccharide, beta linking 2-acetamido-2-deoxy-beta-D-glucopyranose 'C8 H15 N O6'
PG4 non-polymer 'TETRAETHYLENE GLYCOL' 'C8 H18 O5'
UDP RNA linking URIDINE-5'-DIPHOSPHATE 'C9 H14 N2 O12 P2'
#
# COMPACT_ATOMS: atom_id res chain seq x y z
N PRO A 42 -30.24 -2.58 -26.90
CA PRO A 42 -30.16 -2.82 -25.45
C PRO A 42 -31.41 -2.35 -24.72
N GLU A 43 -31.81 -3.10 -23.68
CA GLU A 43 -32.91 -2.68 -22.82
C GLU A 43 -32.43 -1.70 -21.77
N ALA A 44 -31.22 -1.91 -21.25
CA ALA A 44 -30.66 -1.00 -20.25
C ALA A 44 -30.41 0.37 -20.87
N TYR A 45 -30.73 1.42 -20.11
CA TYR A 45 -30.70 2.77 -20.68
C TYR A 45 -29.27 3.22 -20.98
N TRP A 46 -28.36 3.05 -20.03
CA TRP A 46 -27.00 3.55 -20.21
C TRP A 46 -26.30 2.83 -21.36
N ASN A 47 -26.40 1.50 -21.39
CA ASN A 47 -25.76 0.73 -22.47
C ASN A 47 -26.27 1.18 -23.83
N ARG A 48 -27.56 1.50 -23.95
CA ARG A 48 -28.12 1.89 -25.23
C ARG A 48 -27.62 3.27 -25.65
N GLU A 49 -27.68 4.24 -24.74
CA GLU A 49 -27.23 5.59 -25.07
C GLU A 49 -25.73 5.62 -25.36
N GLN A 50 -24.95 4.76 -24.70
CA GLN A 50 -23.52 4.71 -24.96
C GLN A 50 -23.22 4.14 -26.33
N GLU A 51 -24.00 3.14 -26.77
CA GLU A 51 -23.84 2.61 -28.11
C GLU A 51 -24.31 3.58 -29.18
N LYS A 52 -25.22 4.50 -28.83
CA LYS A 52 -25.53 5.60 -29.73
C LYS A 52 -24.34 6.54 -29.86
N LEU A 53 -23.67 6.86 -28.74
CA LEU A 53 -22.44 7.62 -28.79
C LEU A 53 -21.37 6.90 -29.59
N ASN A 54 -21.29 5.57 -29.43
CA ASN A 54 -20.29 4.80 -30.16
C ASN A 54 -20.46 4.96 -31.66
N ARG A 55 -21.71 4.94 -32.15
CA ARG A 55 -21.93 5.12 -33.58
C ARG A 55 -21.72 6.57 -34.00
N GLN A 56 -21.90 7.52 -33.08
CA GLN A 56 -21.69 8.93 -33.42
C GLN A 56 -20.21 9.24 -33.62
N TYR A 57 -19.35 8.67 -32.79
CA TYR A 57 -17.92 8.95 -32.85
C TYR A 57 -17.15 7.96 -33.72
N ASN A 58 -17.82 6.96 -34.27
CA ASN A 58 -17.16 5.93 -35.09
C ASN A 58 -17.91 5.76 -36.40
N PRO A 59 -17.43 6.36 -37.49
CA PRO A 59 -18.11 6.15 -38.80
C PRO A 59 -18.17 4.70 -39.24
N ILE A 60 -17.18 3.87 -38.88
CA ILE A 60 -17.19 2.49 -39.36
C ILE A 60 -18.33 1.70 -38.73
N LEU A 61 -18.76 2.07 -37.51
CA LEU A 61 -19.91 1.41 -36.91
C LEU A 61 -21.19 1.67 -37.71
N SER A 62 -21.23 2.77 -38.46
CA SER A 62 -22.34 3.06 -39.38
C SER A 62 -22.14 2.39 -40.73
N MET A 63 -21.59 1.18 -40.73
CA MET A 63 -21.35 0.40 -41.94
C MET A 63 -20.48 1.15 -42.96
N ILE A 77 -29.53 18.34 -30.16
CA ILE A 77 -29.79 17.38 -29.10
C ILE A 77 -28.49 17.02 -28.38
N SER A 78 -27.68 18.04 -28.11
CA SER A 78 -26.35 17.86 -27.56
C SER A 78 -26.36 16.95 -26.34
N HIS A 79 -25.54 15.90 -26.37
CA HIS A 79 -25.35 15.04 -25.22
C HIS A 79 -24.33 15.61 -24.25
N LEU A 80 -23.85 16.82 -24.48
CA LEU A 80 -22.79 17.42 -23.69
C LEU A 80 -23.16 18.75 -23.04
N ASN A 81 -24.01 19.56 -23.66
CA ASN A 81 -24.37 20.84 -23.06
C ASN A 81 -25.86 21.14 -23.14
N TYR A 82 -26.72 20.14 -23.31
CA TYR A 82 -28.17 20.32 -23.21
C TYR A 82 -28.54 20.13 -21.76
N CYS A 83 -28.77 21.24 -21.06
CA CYS A 83 -28.95 21.24 -19.61
C CYS A 83 -30.41 21.35 -19.19
N GLU A 84 -31.34 21.32 -20.13
CA GLU A 84 -32.74 21.19 -19.75
C GLU A 84 -33.02 19.73 -19.37
N PRO A 85 -34.01 19.50 -18.51
CA PRO A 85 -34.36 18.12 -18.16
C PRO A 85 -34.73 17.31 -19.39
N ASP A 86 -34.17 16.11 -19.49
CA ASP A 86 -34.42 15.26 -20.66
C ASP A 86 -35.73 14.53 -20.44
N LEU A 87 -36.82 15.11 -20.97
CA LEU A 87 -38.15 14.62 -20.69
C LEU A 87 -38.35 13.20 -21.20
N ARG A 88 -37.59 12.79 -22.21
CA ARG A 88 -37.85 11.52 -22.87
C ARG A 88 -37.57 10.32 -21.97
N VAL A 89 -36.79 10.50 -20.91
CA VAL A 89 -36.43 9.36 -20.06
C VAL A 89 -37.64 8.81 -19.34
N THR A 90 -38.61 9.66 -18.98
CA THR A 90 -39.76 9.19 -18.21
C THR A 90 -40.56 8.14 -18.97
N SER A 91 -40.58 8.23 -20.30
CA SER A 91 -41.36 7.30 -21.10
C SER A 91 -40.54 6.09 -21.57
N VAL A 92 -39.22 6.15 -21.52
CA VAL A 92 -38.39 5.13 -22.14
C VAL A 92 -37.75 4.16 -21.15
N VAL A 93 -37.57 4.55 -19.88
CA VAL A 93 -37.03 3.64 -18.87
C VAL A 93 -38.18 3.11 -18.03
N THR A 94 -38.25 1.79 -17.91
CA THR A 94 -39.39 1.14 -17.28
C THR A 94 -39.35 1.33 -15.77
N GLY A 95 -40.37 2.02 -15.24
CA GLY A 95 -40.44 2.28 -13.82
C GLY A 95 -39.70 3.52 -13.36
N PHE A 96 -39.66 4.57 -14.18
CA PHE A 96 -38.87 5.75 -13.85
C PHE A 96 -39.37 6.40 -12.55
N ASN A 97 -40.68 6.67 -12.48
CA ASN A 97 -41.22 7.40 -11.33
C ASN A 97 -41.25 6.57 -10.05
N ASN A 98 -40.83 5.30 -10.11
CA ASN A 98 -40.67 4.48 -8.92
C ASN A 98 -39.21 4.29 -8.54
N LEU A 99 -38.28 4.89 -9.27
CA LEU A 99 -36.86 4.82 -8.95
C LEU A 99 -36.52 5.79 -7.83
N PRO A 100 -35.40 5.58 -7.14
CA PRO A 100 -34.94 6.57 -6.16
C PRO A 100 -34.67 7.91 -6.82
N ASP A 101 -34.69 8.96 -6.00
CA ASP A 101 -34.56 10.32 -6.53
C ASP A 101 -33.21 10.54 -7.20
N ARG A 102 -32.17 9.83 -6.77
CA ARG A 102 -30.84 10.06 -7.34
C ARG A 102 -30.77 9.58 -8.78
N PHE A 103 -31.38 8.43 -9.09
CA PHE A 103 -31.40 7.96 -10.47
C PHE A 103 -32.24 8.85 -11.36
N LYS A 104 -33.33 9.40 -10.82
CA LYS A 104 -34.16 10.31 -11.60
C LYS A 104 -33.40 11.58 -11.95
N ASP A 105 -32.68 12.16 -10.99
CA ASP A 105 -31.86 13.33 -11.28
C ASP A 105 -30.72 13.00 -12.21
N PHE A 106 -30.12 11.81 -12.05
CA PHE A 106 -29.00 11.43 -12.90
C PHE A 106 -29.44 11.24 -14.35
N LEU A 107 -30.60 10.64 -14.56
CA LEU A 107 -31.08 10.39 -15.92
C LEU A 107 -31.64 11.64 -16.58
N LEU A 108 -32.28 12.52 -15.81
CA LEU A 108 -32.88 13.72 -16.39
C LEU A 108 -31.83 14.67 -16.92
N TYR A 109 -30.70 14.81 -16.22
CA TYR A 109 -29.68 15.79 -16.55
C TYR A 109 -28.37 15.12 -16.94
N LEU A 110 -28.48 13.97 -17.62
CA LEU A 110 -27.29 13.21 -17.99
C LEU A 110 -26.43 13.96 -19.01
N ARG A 111 -27.04 14.82 -19.83
CA ARG A 111 -26.36 15.44 -20.95
C ARG A 111 -25.86 16.85 -20.65
N CYS A 112 -25.74 17.21 -19.38
CA CYS A 112 -25.26 18.54 -18.97
C CYS A 112 -23.94 18.36 -18.22
N ARG A 113 -22.86 18.89 -18.81
CA ARG A 113 -21.56 18.85 -18.15
C ARG A 113 -20.74 20.12 -18.40
N ASN A 114 -21.33 21.18 -18.94
CA ASN A 114 -20.61 22.44 -19.13
C ASN A 114 -20.80 23.35 -17.93
N TYR A 115 -20.31 22.88 -16.78
CA TYR A 115 -20.34 23.65 -15.55
C TYR A 115 -19.07 24.46 -15.41
N SER A 116 -19.17 25.59 -14.71
CA SER A 116 -18.10 26.57 -14.63
C SER A 116 -17.49 26.60 -13.23
N LEU A 117 -16.27 27.12 -13.16
CA LEU A 117 -15.57 27.27 -11.89
C LEU A 117 -16.07 28.51 -11.17
N LEU A 118 -16.44 28.35 -9.89
CA LEU A 118 -16.74 29.50 -9.05
C LEU A 118 -15.54 29.94 -8.22
N ILE A 119 -14.69 28.99 -7.83
CA ILE A 119 -13.45 29.27 -7.13
C ILE A 119 -12.33 28.57 -7.88
N ASP A 120 -11.27 29.31 -8.20
CA ASP A 120 -10.18 28.79 -9.02
C ASP A 120 -8.85 29.09 -8.37
N GLN A 121 -7.84 28.32 -8.76
CA GLN A 121 -6.44 28.55 -8.41
C GLN A 121 -5.62 28.38 -9.68
N PRO A 122 -5.71 29.35 -10.60
CA PRO A 122 -5.19 29.13 -11.97
C PRO A 122 -3.68 29.07 -12.07
N ASP A 123 -2.94 29.43 -11.03
CA ASP A 123 -1.49 29.32 -11.03
C ASP A 123 -1.02 28.35 -9.95
N LYS A 124 -1.89 27.40 -9.57
CA LYS A 124 -1.47 26.30 -8.73
C LYS A 124 -0.30 25.56 -9.35
N CYS A 125 -0.30 25.44 -10.69
CA CYS A 125 0.79 24.81 -11.42
C CYS A 125 1.55 25.83 -12.27
N ALA A 126 1.65 27.08 -11.79
CA ALA A 126 2.49 28.06 -12.46
C ALA A 126 3.92 27.54 -12.60
N LYS A 127 4.39 26.82 -11.59
CA LYS A 127 5.66 26.12 -11.63
C LYS A 127 5.39 24.62 -11.78
N LYS A 128 6.07 23.99 -12.73
CA LYS A 128 5.74 22.62 -13.12
C LYS A 128 5.81 21.66 -11.94
N PRO A 129 4.72 20.97 -11.61
CA PRO A 129 4.73 20.04 -10.48
C PRO A 129 5.08 18.62 -10.89
N PHE A 130 5.77 17.93 -9.98
CA PHE A 130 6.07 16.52 -10.20
C PHE A 130 4.89 15.65 -9.83
N LEU A 131 4.14 16.03 -8.80
CA LEU A 131 2.96 15.28 -8.35
C LEU A 131 1.86 16.25 -8.00
N LEU A 132 0.65 15.98 -8.50
CA LEU A 132 -0.53 16.78 -8.22
C LEU A 132 -1.47 15.97 -7.34
N LEU A 133 -1.73 16.45 -6.13
CA LEU A 133 -2.65 15.80 -5.21
C LEU A 133 -4.04 16.40 -5.39
N ALA A 134 -4.95 15.63 -5.98
CA ALA A 134 -6.33 16.03 -6.17
C ALA A 134 -7.21 15.23 -5.22
N ILE A 135 -7.79 15.91 -4.24
CA ILE A 135 -8.56 15.25 -3.18
C ILE A 135 -10.01 15.68 -3.31
N LYS A 136 -10.89 14.70 -3.56
CA LYS A 136 -12.31 14.98 -3.58
C LYS A 136 -12.80 15.27 -2.16
N SER A 137 -13.58 16.33 -2.02
CA SER A 137 -14.04 16.73 -0.70
C SER A 137 -15.44 17.32 -0.80
N LEU A 138 -16.07 17.48 0.36
CA LEU A 138 -17.39 18.07 0.50
C LEU A 138 -17.26 19.34 1.33
N THR A 139 -18.15 20.30 1.06
CA THR A 139 -18.06 21.62 1.70
C THR A 139 -17.89 21.58 3.21
N PRO A 140 -18.67 20.81 3.98
CA PRO A 140 -18.51 20.84 5.44
C PRO A 140 -17.32 20.05 5.98
N HIS A 141 -16.52 19.43 5.12
CA HIS A 141 -15.39 18.60 5.58
C HIS A 141 -14.15 19.47 5.82
N PHE A 142 -14.31 20.44 6.73
CA PHE A 142 -13.20 21.32 7.05
C PHE A 142 -12.12 20.58 7.83
N ALA A 143 -12.51 19.72 8.77
CA ALA A 143 -11.54 19.00 9.58
C ALA A 143 -10.70 18.05 8.73
N ARG A 144 -11.33 17.38 7.76
CA ARG A 144 -10.59 16.49 6.88
C ARG A 144 -9.57 17.25 6.04
N ARG A 145 -10.02 18.32 5.37
CA ARG A 145 -9.12 19.07 4.50
C ARG A 145 -7.97 19.68 5.27
N GLN A 146 -8.22 20.14 6.50
CA GLN A 146 -7.14 20.74 7.28
C GLN A 146 -6.13 19.70 7.74
N ALA A 147 -6.60 18.52 8.15
CA ALA A 147 -5.68 17.46 8.54
C ALA A 147 -4.83 16.99 7.36
N ILE A 148 -5.40 16.99 6.15
CA ILE A 148 -4.62 16.64 4.97
C ILE A 148 -3.57 17.69 4.69
N ARG A 149 -3.89 18.97 4.93
CA ARG A 149 -2.93 20.04 4.70
C ARG A 149 -1.71 19.90 5.61
N GLU A 150 -1.93 19.56 6.88
CA GLU A 150 -0.86 19.49 7.87
C GLU A 150 -0.14 18.15 7.88
N SER A 151 -0.67 17.13 7.21
CA SER A 151 -0.05 15.82 7.22
C SER A 151 0.48 15.44 5.83
N TRP A 152 -0.20 14.51 5.17
CA TRP A 152 0.33 13.91 3.96
C TRP A 152 0.04 14.70 2.69
N GLY A 153 -0.77 15.75 2.76
CA GLY A 153 -1.07 16.53 1.58
C GLY A 153 -0.36 17.87 1.55
N GLN A 154 0.65 18.03 2.40
CA GLN A 154 1.38 19.28 2.45
C GLN A 154 2.25 19.44 1.20
N GLU A 155 2.25 20.65 0.66
CA GLU A 155 3.03 20.94 -0.54
C GLU A 155 4.51 21.11 -0.19
N SER A 156 5.38 20.63 -1.08
CA SER A 156 6.80 20.58 -0.78
C SER A 156 7.59 20.63 -2.09
N ASN A 157 8.92 20.59 -1.96
CA ASN A 157 9.81 20.63 -3.10
C ASN A 157 11.16 20.01 -2.75
N ALA A 158 11.14 18.74 -2.34
CA ALA A 158 12.37 18.03 -1.98
C ALA A 158 13.10 17.61 -3.25
N GLY A 159 14.30 18.13 -3.45
CA GLY A 159 15.01 17.90 -4.70
C GLY A 159 14.29 18.50 -5.89
N ASN A 160 13.66 19.65 -5.70
CA ASN A 160 12.81 20.29 -6.70
C ASN A 160 11.90 19.29 -7.40
N GLN A 161 11.24 18.46 -6.60
CA GLN A 161 10.14 17.63 -7.07
C GLN A 161 8.88 18.17 -6.41
N THR A 162 8.15 18.99 -7.15
CA THR A 162 7.10 19.81 -6.58
C THR A 162 5.83 19.01 -6.40
N VAL A 163 5.28 19.07 -5.19
CA VAL A 163 3.98 18.49 -4.86
C VAL A 163 3.03 19.66 -4.62
N VAL A 164 1.94 19.70 -5.38
CA VAL A 164 0.91 20.72 -5.20
C VAL A 164 -0.41 20.02 -4.91
N ARG A 165 -1.29 20.74 -4.21
CA ARG A 165 -2.52 20.16 -3.66
C ARG A 165 -3.72 21.00 -4.07
N VAL A 166 -4.79 20.31 -4.49
CA VAL A 166 -6.09 20.94 -4.72
C VAL A 166 -7.17 20.03 -4.16
N PHE A 167 -8.24 20.65 -3.66
CA PHE A 167 -9.42 19.94 -3.21
C PHE A 167 -10.54 20.14 -4.22
N LEU A 168 -11.24 19.05 -4.54
CA LEU A 168 -12.27 19.06 -5.56
C LEU A 168 -13.64 19.11 -4.89
N LEU A 169 -14.33 20.23 -5.01
CA LEU A 169 -15.62 20.44 -4.38
C LEU A 169 -16.67 20.81 -5.41
N GLY A 170 -17.92 20.44 -5.13
CA GLY A 170 -19.07 20.98 -5.78
C GLY A 170 -19.83 21.92 -4.86
N GLN A 171 -21.07 22.21 -5.24
CA GLN A 171 -21.94 23.06 -4.43
C GLN A 171 -22.86 22.22 -3.57
N THR A 172 -23.02 22.63 -2.32
CA THR A 172 -24.03 22.08 -1.43
C THR A 172 -25.11 23.14 -1.25
N PRO A 173 -26.04 23.24 -2.20
CA PRO A 173 -26.94 24.39 -2.24
C PRO A 173 -28.01 24.29 -1.17
N PRO A 174 -28.58 25.43 -0.75
CA PRO A 174 -29.69 25.38 0.22
C PRO A 174 -30.90 24.61 -0.29
N GLU A 175 -31.02 24.38 -1.60
CA GLU A 175 -32.16 23.66 -2.14
C GLU A 175 -32.25 22.24 -1.59
N ASP A 176 -31.11 21.64 -1.26
CA ASP A 176 -31.08 20.33 -0.60
C ASP A 176 -31.03 20.43 0.92
N ASN A 177 -31.46 21.56 1.48
CA ASN A 177 -31.43 21.76 2.93
C ASN A 177 -30.01 21.69 3.48
N HIS A 178 -29.01 22.18 2.67
CA HIS A 178 -27.65 22.25 3.19
C HIS A 178 -27.46 23.54 3.98
N PRO A 179 -26.78 23.47 5.12
CA PRO A 179 -26.49 24.70 5.86
C PRO A 179 -25.56 25.61 5.07
N ASP A 180 -25.81 26.92 5.15
CA ASP A 180 -25.04 27.89 4.40
C ASP A 180 -23.66 28.02 5.01
N LEU A 181 -22.67 27.37 4.39
CA LEU A 181 -21.29 27.45 4.83
C LEU A 181 -20.41 28.13 3.79
N SER A 182 -21.01 28.86 2.85
CA SER A 182 -20.26 29.44 1.75
C SER A 182 -19.27 30.49 2.24
N ASP A 183 -19.65 31.27 3.24
CA ASP A 183 -18.75 32.31 3.74
C ASP A 183 -17.48 31.72 4.32
N MET A 184 -17.59 30.63 5.09
CA MET A 184 -16.40 29.99 5.62
C MET A 184 -15.60 29.30 4.52
N LEU A 185 -16.27 28.80 3.48
CA LEU A 185 -15.55 28.22 2.36
C LEU A 185 -14.74 29.28 1.62
N LYS A 186 -15.29 30.49 1.49
CA LYS A 186 -14.53 31.59 0.91
C LYS A 186 -13.33 31.95 1.80
N PHE A 187 -13.56 32.03 3.11
CA PHE A 187 -12.48 32.38 4.03
C PHE A 187 -11.37 31.33 4.01
N GLU A 188 -11.73 30.06 3.82
CA GLU A 188 -10.72 29.01 3.71
C GLU A 188 -10.05 29.03 2.35
N SER A 189 -10.81 29.34 1.29
CA SER A 189 -10.24 29.34 -0.05
C SER A 189 -9.17 30.41 -0.20
N GLU A 190 -9.39 31.59 0.38
CA GLU A 190 -8.40 32.65 0.29
C GLU A 190 -7.24 32.46 1.26
N LYS A 191 -7.44 31.72 2.34
CA LYS A 191 -6.37 31.50 3.31
C LYS A 191 -5.43 30.38 2.90
N HIS A 192 -5.93 29.38 2.16
CA HIS A 192 -5.11 28.24 1.78
C HIS A 192 -4.94 28.06 0.28
N GLN A 193 -5.81 28.63 -0.55
CA GLN A 193 -5.63 28.67 -2.00
C GLN A 193 -5.49 27.28 -2.61
N ASP A 194 -6.24 26.31 -2.07
CA ASP A 194 -6.24 24.95 -2.59
C ASP A 194 -7.66 24.44 -2.84
N ILE A 195 -8.61 25.33 -3.04
CA ILE A 195 -10.02 24.98 -3.22
C ILE A 195 -10.37 25.18 -4.69
N LEU A 196 -10.84 24.11 -5.33
CA LEU A 196 -11.48 24.19 -6.64
C LEU A 196 -12.94 23.79 -6.48
N MET A 197 -13.84 24.64 -6.98
CA MET A 197 -15.27 24.42 -6.78
C MET A 197 -16.03 24.85 -8.02
N TRP A 198 -16.80 23.93 -8.58
CA TRP A 198 -17.65 24.17 -9.73
C TRP A 198 -19.08 24.46 -9.27
N ASN A 199 -19.96 24.80 -10.20
CA ASN A 199 -21.33 25.21 -9.89
C ASN A 199 -22.33 24.10 -10.17
N TYR A 200 -22.09 22.91 -9.64
CA TYR A 200 -23.02 21.80 -9.75
C TYR A 200 -23.28 21.22 -8.38
N ARG A 201 -24.31 20.39 -8.29
CA ARG A 201 -24.69 19.77 -7.02
C ARG A 201 -23.71 18.65 -6.68
N ASP A 202 -22.91 18.86 -5.65
CA ASP A 202 -21.96 17.85 -5.19
C ASP A 202 -22.73 16.70 -4.55
N THR A 203 -23.02 15.67 -5.33
CA THR A 203 -23.71 14.48 -4.84
C THR A 203 -22.92 13.24 -5.21
N PHE A 204 -23.39 12.10 -4.68
CA PHE A 204 -22.69 10.83 -4.89
C PHE A 204 -22.84 10.34 -6.33
N PHE A 205 -23.96 10.65 -6.98
CA PHE A 205 -24.17 10.28 -8.38
C PHE A 205 -23.63 11.32 -9.36
N ASN A 206 -23.09 12.43 -8.87
CA ASN A 206 -22.47 13.45 -9.71
C ASN A 206 -20.94 13.43 -9.61
N LEU A 207 -20.38 12.35 -9.06
CA LEU A 207 -18.93 12.30 -8.88
C LEU A 207 -18.17 12.06 -10.17
N SER A 208 -18.78 11.34 -11.13
CA SER A 208 -18.15 11.24 -12.45
C SER A 208 -18.11 12.60 -13.14
N LEU A 209 -19.09 13.45 -12.85
CA LEU A 209 -19.01 14.85 -13.29
C LEU A 209 -17.83 15.56 -12.64
N LYS A 210 -17.59 15.27 -11.36
CA LYS A 210 -16.42 15.83 -10.68
C LYS A 210 -15.13 15.35 -11.35
N GLU A 211 -15.11 14.10 -11.80
CA GLU A 211 -13.94 13.58 -12.49
C GLU A 211 -13.71 14.32 -13.80
N VAL A 212 -14.75 14.48 -14.61
CA VAL A 212 -14.61 15.14 -15.91
C VAL A 212 -14.19 16.59 -15.72
N LEU A 213 -14.85 17.30 -14.79
CA LEU A 213 -14.53 18.70 -14.57
C LEU A 213 -13.10 18.88 -14.05
N PHE A 214 -12.62 17.94 -13.22
CA PHE A 214 -11.23 18.03 -12.76
C PHE A 214 -10.27 17.78 -13.90
N LEU A 215 -10.58 16.83 -14.79
CA LEU A 215 -9.70 16.55 -15.92
C LEU A 215 -9.63 17.75 -16.86
N ARG A 216 -10.74 18.47 -17.02
CA ARG A 216 -10.72 19.69 -17.82
C ARG A 216 -9.82 20.74 -17.19
N TRP A 217 -9.81 20.82 -15.85
CA TRP A 217 -8.95 21.77 -15.17
C TRP A 217 -7.49 21.42 -15.36
N VAL A 218 -7.17 20.13 -15.38
CA VAL A 218 -5.79 19.71 -15.67
C VAL A 218 -5.42 20.05 -17.10
N SER A 219 -6.38 19.90 -18.03
CA SER A 219 -6.10 20.24 -19.43
C SER A 219 -5.84 21.72 -19.60
N THR A 220 -6.43 22.56 -18.75
CA THR A 220 -6.36 24.01 -18.88
C THR A 220 -5.26 24.63 -18.01
N SER A 221 -5.23 24.28 -16.72
CA SER A 221 -4.37 24.96 -15.76
C SER A 221 -3.23 24.12 -15.25
N CYS A 222 -3.18 22.82 -15.56
CA CYS A 222 -2.07 22.00 -15.08
C CYS A 222 -1.74 20.85 -16.03
N PRO A 223 -1.57 21.09 -17.33
CA PRO A 223 -1.29 19.99 -18.25
C PRO A 223 0.16 19.51 -18.23
N ASP A 224 1.04 20.17 -17.48
N ASP A 224 0.99 20.20 -17.45
CA ASP A 224 2.45 19.81 -17.46
CA ASP A 224 2.43 19.97 -17.37
C ASP A 224 2.86 19.10 -16.18
C ASP A 224 2.84 19.08 -16.21
N THR A 225 1.91 18.74 -15.31
CA THR A 225 2.24 17.95 -14.14
C THR A 225 2.69 16.55 -14.56
N GLU A 226 3.66 16.01 -13.83
CA GLU A 226 4.23 14.72 -14.21
C GLU A 226 3.32 13.57 -13.79
N PHE A 227 2.70 13.66 -12.63
CA PHE A 227 1.81 12.62 -12.14
C PHE A 227 0.63 13.23 -11.41
N VAL A 228 -0.45 12.47 -11.34
CA VAL A 228 -1.68 12.88 -10.66
C VAL A 228 -2.09 11.77 -9.71
N PHE A 229 -2.31 12.13 -8.45
CA PHE A 229 -2.98 11.25 -7.49
C PHE A 229 -4.36 11.83 -7.21
N LYS A 230 -5.41 11.06 -7.50
CA LYS A 230 -6.78 11.44 -7.19
C LYS A 230 -7.28 10.53 -6.08
N GLY A 231 -7.66 11.13 -4.95
CA GLY A 231 -8.06 10.37 -3.79
C GLY A 231 -9.20 11.02 -3.03
N ASP A 232 -9.60 10.34 -1.96
CA ASP A 232 -10.66 10.80 -1.07
C ASP A 232 -10.08 11.57 0.10
N ASP A 233 -10.95 12.27 0.83
CA ASP A 233 -10.52 13.04 2.00
C ASP A 233 -10.61 12.25 3.30
N ASP A 234 -10.99 10.97 3.25
CA ASP A 234 -11.01 10.11 4.42
C ASP A 234 -9.95 9.02 4.33
N VAL A 235 -8.96 9.18 3.46
CA VAL A 235 -7.93 8.19 3.23
C VAL A 235 -6.61 8.74 3.73
N PHE A 236 -5.73 7.84 4.17
CA PHE A 236 -4.36 8.19 4.49
C PHE A 236 -3.46 7.77 3.34
N VAL A 237 -2.57 8.67 2.94
CA VAL A 237 -1.68 8.45 1.81
C VAL A 237 -0.25 8.64 2.30
N ASN A 238 0.58 7.61 2.13
CA ASN A 238 2.01 7.76 2.41
C ASN A 238 2.63 8.44 1.19
N THR A 239 2.67 9.78 1.25
CA THR A 239 3.18 10.54 0.11
C THR A 239 4.67 10.27 -0.10
N HIS A 240 5.42 10.07 1.00
CA HIS A 240 6.83 9.75 0.87
C HIS A 240 7.04 8.47 0.07
N HIS A 241 6.23 7.45 0.32
CA HIS A 241 6.36 6.19 -0.41
C HIS A 241 5.92 6.34 -1.87
N ILE A 242 4.95 7.21 -2.13
CA ILE A 242 4.52 7.43 -3.52
C ILE A 242 5.64 8.12 -4.31
N LEU A 243 6.29 9.11 -3.72
CA LEU A 243 7.37 9.80 -4.41
C LEU A 243 8.53 8.86 -4.70
N ASN A 244 8.84 7.96 -3.76
CA ASN A 244 9.87 6.95 -4.02
C ASN A 244 9.46 6.04 -5.16
N TYR A 245 8.19 5.63 -5.20
CA TYR A 245 7.72 4.75 -6.27
C TYR A 245 7.79 5.43 -7.62
N LEU A 246 7.37 6.70 -7.69
CA LEU A 246 7.40 7.42 -8.97
C LEU A 246 8.82 7.57 -9.49
N ASN A 247 9.78 7.82 -8.60
CA ASN A 247 11.17 7.96 -9.01
C ASN A 247 11.84 6.64 -9.33
N SER A 248 11.20 5.50 -9.03
CA SER A 248 11.74 4.20 -9.36
C SER A 248 11.21 3.65 -10.68
N LEU A 249 10.25 4.33 -11.30
CA LEU A 249 9.65 3.85 -12.54
C LEU A 249 10.58 4.07 -13.72
N SER A 250 10.51 3.16 -14.68
CA SER A 250 11.17 3.38 -15.95
C SER A 250 10.49 4.51 -16.70
N LYS A 251 11.24 5.15 -17.61
CA LYS A 251 10.65 6.22 -18.41
C LYS A 251 9.52 5.69 -19.30
N THR A 252 9.62 4.43 -19.74
CA THR A 252 8.56 3.86 -20.55
C THR A 252 7.29 3.64 -19.73
N LYS A 253 7.43 3.00 -18.56
CA LYS A 253 6.27 2.74 -17.71
C LYS A 253 5.65 4.03 -17.18
N ALA A 254 6.47 5.06 -16.98
CA ALA A 254 5.96 6.32 -16.42
C ALA A 254 5.05 7.07 -17.40
N LYS A 255 5.13 6.76 -18.70
CA LYS A 255 4.34 7.51 -19.68
C LYS A 255 2.85 7.20 -19.53
N ASP A 256 2.50 5.93 -19.40
CA ASP A 256 1.11 5.49 -19.33
C ASP A 256 0.79 4.86 -17.98
N LEU A 257 1.32 5.44 -16.90
CA LEU A 257 1.08 4.90 -15.57
C LEU A 257 -0.39 5.07 -15.18
N PHE A 258 -0.93 4.01 -14.56
CA PHE A 258 -2.26 4.09 -13.93
C PHE A 258 -2.36 2.88 -13.00
N ILE A 259 -2.20 3.12 -11.70
CA ILE A 259 -2.18 2.05 -10.71
C ILE A 259 -3.20 2.33 -9.61
N GLY A 260 -3.62 1.25 -8.97
CA GLY A 260 -4.58 1.35 -7.89
C GLY A 260 -5.09 -0.02 -7.52
N ASP A 261 -6.10 -0.04 -6.64
CA ASP A 261 -6.78 -1.28 -6.28
C ASP A 261 -7.73 -1.63 -7.42
N VAL A 262 -7.19 -2.32 -8.42
CA VAL A 262 -7.92 -2.59 -9.65
C VAL A 262 -8.82 -3.81 -9.46
N ILE A 263 -10.03 -3.72 -10.03
CA ILE A 263 -11.06 -4.74 -9.88
C ILE A 263 -11.49 -5.21 -11.26
N HIS A 264 -11.30 -6.49 -11.54
CA HIS A 264 -11.71 -7.09 -12.80
C HIS A 264 -12.97 -7.91 -12.62
N ASN A 265 -13.76 -8.00 -13.70
CA ASN A 265 -14.94 -8.87 -13.76
C ASN A 265 -15.99 -8.49 -12.72
N ALA A 266 -16.07 -7.21 -12.36
CA ALA A 266 -17.10 -6.75 -11.45
C ALA A 266 -18.37 -6.41 -12.21
N GLY A 267 -19.48 -6.38 -11.47
CA GLY A 267 -20.76 -6.04 -12.03
C GLY A 267 -21.56 -5.16 -11.09
N PRO A 268 -22.67 -4.61 -11.58
CA PRO A 268 -23.50 -3.76 -10.72
C PRO A 268 -24.14 -4.56 -9.59
N HIS A 269 -24.21 -3.95 -8.42
CA HIS A 269 -24.91 -4.55 -7.29
C HIS A 269 -26.41 -4.40 -7.49
N ARG A 270 -27.13 -5.51 -7.45
CA ARG A 270 -28.57 -5.50 -7.63
C ARG A 270 -29.35 -5.45 -6.33
N ASP A 271 -28.69 -5.63 -5.19
CA ASP A 271 -29.34 -5.45 -3.90
C ASP A 271 -29.71 -3.98 -3.74
N LYS A 272 -31.01 -3.69 -3.80
CA LYS A 272 -31.47 -2.30 -3.79
C LYS A 272 -31.03 -1.57 -2.53
N LYS A 273 -30.81 -2.27 -1.44
CA LYS A 273 -30.42 -1.65 -0.19
C LYS A 273 -28.96 -1.22 -0.17
N LEU A 274 -28.15 -1.65 -1.13
CA LEU A 274 -26.74 -1.32 -1.13
C LEU A 274 -26.49 0.11 -1.61
N LYS A 275 -25.30 0.62 -1.29
CA LYS A 275 -24.95 1.98 -1.66
C LYS A 275 -24.74 2.12 -3.15
N TYR A 276 -23.98 1.19 -3.76
CA TYR A 276 -23.71 1.22 -5.18
C TYR A 276 -24.72 0.39 -5.98
N TYR A 277 -25.96 0.34 -5.51
CA TYR A 277 -27.01 -0.37 -6.23
C TYR A 277 -27.28 0.30 -7.57
N ILE A 278 -27.35 -0.51 -8.63
CA ILE A 278 -27.66 -0.04 -9.97
C ILE A 278 -28.78 -0.91 -10.53
N PRO A 279 -29.94 -0.35 -10.88
CA PRO A 279 -31.02 -1.17 -11.44
C PRO A 279 -30.61 -1.75 -12.79
N GLU A 280 -31.24 -2.87 -13.14
CA GLU A 280 -30.97 -3.50 -14.43
C GLU A 280 -31.53 -2.68 -15.59
N VAL A 281 -32.51 -1.83 -15.33
CA VAL A 281 -33.00 -0.95 -16.39
C VAL A 281 -32.00 0.15 -16.70
N VAL A 282 -31.07 0.43 -15.79
CA VAL A 282 -30.08 1.49 -15.99
C VAL A 282 -28.84 0.96 -16.68
N TYR A 283 -28.26 -0.12 -16.17
CA TYR A 283 -27.02 -0.67 -16.71
C TYR A 283 -27.06 -2.19 -16.67
N SER A 284 -26.65 -2.81 -17.77
CA SER A 284 -26.57 -4.26 -17.88
C SER A 284 -25.16 -4.67 -18.27
N GLY A 285 -24.79 -5.88 -17.88
CA GLY A 285 -23.48 -6.42 -18.19
C GLY A 285 -22.48 -6.24 -17.06
N LEU A 286 -21.21 -6.40 -17.41
CA LEU A 286 -20.12 -6.29 -16.46
C LEU A 286 -19.44 -4.93 -16.57
N TYR A 287 -18.72 -4.58 -15.50
CA TYR A 287 -17.92 -3.37 -15.50
C TYR A 287 -16.57 -3.63 -16.16
N PRO A 288 -15.99 -2.62 -16.80
CA PRO A 288 -14.60 -2.72 -17.25
C PRO A 288 -13.67 -2.76 -16.05
N PRO A 289 -12.42 -3.18 -16.24
CA PRO A 289 -11.46 -3.09 -15.14
C PRO A 289 -11.30 -1.65 -14.67
N TYR A 290 -11.33 -1.46 -13.35
CA TYR A 290 -11.23 -0.11 -12.80
C TYR A 290 -10.63 -0.19 -11.41
N ALA A 291 -9.93 0.87 -11.03
CA ALA A 291 -9.38 1.02 -9.70
C ALA A 291 -10.30 1.89 -8.86
N GLY A 292 -10.51 1.49 -7.60
CA GLY A 292 -11.35 2.27 -6.70
C GLY A 292 -10.99 2.07 -5.25
N GLY A 293 -11.85 2.50 -4.35
CA GLY A 293 -11.67 2.26 -2.94
C GLY A 293 -10.90 3.32 -2.17
N GLY A 294 -10.61 4.46 -2.78
CA GLY A 294 -9.93 5.51 -2.05
C GLY A 294 -9.02 6.40 -2.88
N GLY A 295 -8.44 5.85 -3.94
CA GLY A 295 -7.57 6.64 -4.77
C GLY A 295 -6.72 5.85 -5.76
N PHE A 296 -6.27 6.52 -6.82
CA PHE A 296 -5.37 5.91 -7.80
C PHE A 296 -4.33 6.93 -8.24
N LEU A 297 -3.31 6.42 -8.93
CA LEU A 297 -2.13 7.20 -9.29
C LEU A 297 -1.86 7.01 -10.78
N TYR A 298 -1.64 8.12 -11.49
CA TYR A 298 -1.40 8.04 -12.93
C TYR A 298 -0.56 9.24 -13.38
N SER A 299 -0.17 9.20 -14.64
CA SER A 299 0.71 10.20 -15.23
C SER A 299 -0.09 11.36 -15.81
N GLY A 300 0.57 12.52 -15.89
CA GLY A 300 -0.07 13.69 -16.48
C GLY A 300 -0.37 13.52 -17.97
N HIS A 301 0.48 12.78 -18.67
CA HIS A 301 0.20 12.48 -20.08
C HIS A 301 -1.10 11.71 -20.22
N LEU A 302 -1.33 10.73 -19.33
CA LEU A 302 -2.56 9.97 -19.39
C LEU A 302 -3.77 10.78 -18.96
N ALA A 303 -3.56 11.79 -18.11
CA ALA A 303 -4.67 12.67 -17.72
C ALA A 303 -5.19 13.46 -18.90
N LEU A 304 -4.29 13.88 -19.80
CA LEU A 304 -4.72 14.62 -20.98
C LEU A 304 -5.44 13.70 -21.97
N ARG A 305 -4.97 12.46 -22.11
CA ARG A 305 -5.66 11.49 -22.96
C ARG A 305 -7.00 11.09 -22.36
N LEU A 306 -7.06 10.98 -21.03
CA LEU A 306 -8.33 10.62 -20.39
C LEU A 306 -9.38 11.69 -20.59
N TYR A 307 -9.00 12.96 -20.47
CA TYR A 307 -9.99 14.03 -20.62
C TYR A 307 -10.56 14.09 -22.03
N HIS A 308 -9.74 13.78 -23.04
CA HIS A 308 -10.16 14.02 -24.41
C HIS A 308 -11.05 12.92 -24.99
N ILE A 309 -11.26 11.82 -24.26
CA ILE A 309 -12.25 10.83 -24.65
C ILE A 309 -13.47 10.84 -23.76
N THR A 310 -13.48 11.67 -22.71
CA THR A 310 -14.64 11.75 -21.82
C THR A 310 -15.89 12.17 -22.58
N ASP A 311 -15.74 12.97 -23.64
CA ASP A 311 -16.89 13.36 -24.45
C ASP A 311 -17.53 12.14 -25.10
N GLN A 312 -16.76 11.07 -25.31
CA GLN A 312 -17.24 9.87 -25.99
C GLN A 312 -17.79 8.82 -25.03
N VAL A 313 -17.80 9.10 -23.73
CA VAL A 313 -18.34 8.19 -22.73
C VAL A 313 -19.42 8.92 -21.95
N HIS A 314 -20.59 8.32 -21.85
CA HIS A 314 -21.66 8.89 -21.04
C HIS A 314 -21.32 8.81 -19.56
N LEU A 315 -21.75 9.84 -18.82
CA LEU A 315 -21.51 9.86 -17.38
C LEU A 315 -22.17 8.66 -16.71
N TYR A 316 -21.58 8.23 -15.60
CA TYR A 316 -22.06 7.07 -14.85
C TYR A 316 -22.18 7.43 -13.39
N PRO A 317 -23.16 6.85 -12.68
CA PRO A 317 -23.35 7.21 -11.27
C PRO A 317 -22.19 6.84 -10.36
N ILE A 318 -21.29 5.95 -10.80
CA ILE A 318 -20.11 5.58 -10.03
C ILE A 318 -18.89 6.14 -10.74
N ASP A 319 -18.19 7.06 -10.08
CA ASP A 319 -17.10 7.77 -10.73
C ASP A 319 -15.94 6.85 -11.07
N ASP A 320 -15.60 5.92 -10.16
CA ASP A 320 -14.48 5.02 -10.40
C ASP A 320 -14.76 4.09 -11.58
N VAL A 321 -16.02 3.67 -11.75
CA VAL A 321 -16.38 2.87 -12.92
C VAL A 321 -16.27 3.71 -14.19
N TYR A 322 -16.63 4.99 -14.10
CA TYR A 322 -16.55 5.86 -15.27
C TYR A 322 -15.10 6.02 -15.75
N THR A 323 -14.17 6.23 -14.81
CA THR A 323 -12.77 6.34 -15.19
C THR A 323 -12.27 5.04 -15.82
N GLY A 324 -12.77 3.90 -15.33
CA GLY A 324 -12.43 2.63 -15.95
C GLY A 324 -12.97 2.52 -17.36
N MET A 325 -14.23 2.92 -17.57
CA MET A 325 -14.78 2.98 -18.91
C MET A 325 -13.94 3.89 -19.81
N CYS A 326 -13.37 4.95 -19.25
CA CYS A 326 -12.58 5.87 -20.04
C CYS A 326 -11.22 5.27 -20.41
N LEU A 327 -10.59 4.55 -19.48
CA LEU A 327 -9.33 3.90 -19.79
C LEU A 327 -9.52 2.78 -20.82
N GLN A 328 -10.63 2.06 -20.73
CA GLN A 328 -10.87 0.96 -21.65
C GLN A 328 -11.02 1.45 -23.09
N LYS A 329 -11.64 2.64 -23.26
CA LYS A 329 -11.77 3.20 -24.60
C LYS A 329 -10.44 3.70 -25.14
N LEU A 330 -9.47 4.00 -24.27
CA LEU A 330 -8.13 4.34 -24.70
C LEU A 330 -7.30 3.12 -25.07
N GLY A 331 -7.81 1.92 -24.84
CA GLY A 331 -7.03 0.71 -25.08
C GLY A 331 -6.08 0.35 -23.97
N LEU A 332 -6.31 0.84 -22.75
CA LEU A 332 -5.43 0.60 -21.63
C LEU A 332 -6.19 -0.11 -20.51
N VAL A 333 -5.44 -0.76 -19.64
CA VAL A 333 -5.97 -1.52 -18.51
C VAL A 333 -5.34 -0.98 -17.24
N PRO A 334 -6.11 -0.59 -16.23
CA PRO A 334 -5.52 -0.13 -14.98
C PRO A 334 -4.74 -1.26 -14.31
N GLU A 335 -3.61 -0.91 -13.70
CA GLU A 335 -2.69 -1.87 -13.13
C GLU A 335 -2.90 -2.00 -11.63
N LYS A 336 -3.01 -3.24 -11.16
CA LYS A 336 -3.23 -3.50 -9.74
C LYS A 336 -1.93 -3.32 -8.96
N HIS A 337 -2.00 -2.56 -7.86
CA HIS A 337 -0.88 -2.37 -6.96
C HIS A 337 -1.36 -2.63 -5.54
N LYS A 338 -0.73 -3.60 -4.87
CA LYS A 338 -1.18 -4.06 -3.56
C LYS A 338 -0.87 -3.07 -2.43
N GLY A 339 -0.15 -1.99 -2.71
CA GLY A 339 0.07 -0.95 -1.71
C GLY A 339 -1.15 -0.11 -1.42
N PHE A 340 -2.21 -0.26 -2.21
CA PHE A 340 -3.47 0.46 -1.99
C PHE A 340 -4.34 -0.40 -1.09
N ARG A 341 -4.27 -0.14 0.22
CA ARG A 341 -4.94 -0.96 1.21
C ARG A 341 -6.35 -0.40 1.43
N THR A 342 -7.22 -0.71 0.48
CA THR A 342 -8.60 -0.22 0.51
C THR A 342 -9.45 -0.96 1.53
N PHE A 343 -9.06 -2.16 1.95
CA PHE A 343 -9.71 -2.89 3.02
C PHE A 343 -9.04 -2.70 4.37
N ASP A 344 -8.29 -1.61 4.53
CA ASP A 344 -7.51 -1.31 5.73
C ASP A 344 -6.38 -2.32 5.90
N ILE A 345 -5.65 -2.21 7.02
CA ILE A 345 -4.59 -3.14 7.36
C ILE A 345 -5.01 -3.87 8.62
N GLU A 346 -4.40 -5.05 8.84
CA GLU A 346 -4.77 -5.90 9.95
C GLU A 346 -4.74 -5.13 11.27
N GLU A 347 -5.74 -5.40 12.12
CA GLU A 347 -5.86 -4.62 13.36
C GLU A 347 -4.69 -4.86 14.30
N LYS A 348 -4.10 -6.04 14.29
CA LYS A 348 -2.93 -6.28 15.13
C LYS A 348 -1.72 -5.45 14.70
N ASN A 349 -1.78 -4.78 13.54
CA ASN A 349 -0.70 -3.92 13.09
C ASN A 349 -1.13 -2.47 12.91
N LYS A 350 -2.37 -2.12 13.22
CA LYS A 350 -2.86 -0.76 13.00
C LYS A 350 -2.16 0.28 13.85
N ASN A 351 -1.38 -0.13 14.86
CA ASN A 351 -0.60 0.79 15.65
C ASN A 351 0.90 0.62 15.45
N ASN A 352 1.31 -0.27 14.55
CA ASN A 352 2.72 -0.43 14.20
C ASN A 352 3.02 0.48 13.02
N ILE A 353 3.84 1.51 13.23
CA ILE A 353 4.13 2.48 12.20
C ILE A 353 4.89 1.85 11.04
N CYS A 354 5.51 0.69 11.23
CA CYS A 354 6.22 0.02 10.14
C CYS A 354 5.25 -0.53 9.09
N SER A 355 3.97 -0.70 9.44
CA SER A 355 2.97 -1.15 8.47
C SER A 355 2.55 -0.05 7.50
N TYR A 356 2.96 1.20 7.75
CA TYR A 356 2.63 2.32 6.88
C TYR A 356 3.81 2.79 6.04
N VAL A 357 4.99 2.18 6.21
CA VAL A 357 6.20 2.69 5.57
C VAL A 357 6.18 2.39 4.07
N ASP A 358 6.01 1.12 3.70
CA ASP A 358 5.95 0.71 2.30
C ASP A 358 4.51 0.61 1.80
N LEU A 359 3.61 1.39 2.40
CA LEU A 359 2.20 1.41 2.02
C LEU A 359 1.94 2.62 1.14
N MET A 360 1.06 2.45 0.15
CA MET A 360 0.68 3.57 -0.71
C MET A 360 -0.51 4.34 -0.16
N LEU A 361 -1.50 3.62 0.37
CA LEU A 361 -2.79 4.21 0.71
C LEU A 361 -3.50 3.25 1.66
N VAL A 362 -4.29 3.81 2.57
CA VAL A 362 -5.07 2.99 3.50
C VAL A 362 -6.39 3.70 3.77
N HIS A 363 -7.49 2.94 3.63
CA HIS A 363 -8.83 3.45 3.87
C HIS A 363 -9.46 2.68 5.03
N SER A 364 -10.03 3.39 6.02
CA SER A 364 -10.08 4.85 6.04
C SER A 364 -9.53 5.39 7.36
N ARG A 365 -9.40 6.71 7.46
CA ARG A 365 -8.81 7.37 8.61
C ARG A 365 -9.53 8.67 8.95
N LYS A 366 -9.67 8.93 10.24
CA LYS A 366 -10.20 10.19 10.71
C LYS A 366 -9.10 11.25 10.74
N PRO A 367 -9.47 12.54 10.73
CA PRO A 367 -8.46 13.61 10.70
C PRO A 367 -7.36 13.49 11.76
N GLN A 368 -7.71 13.13 12.99
CA GLN A 368 -6.70 12.96 14.03
C GLN A 368 -5.71 11.87 13.66
N GLU A 369 -6.19 10.75 13.13
CA GLU A 369 -5.32 9.63 12.83
C GLU A 369 -4.35 9.96 11.70
N MET A 370 -4.80 10.73 10.71
CA MET A 370 -3.91 11.15 9.63
C MET A 370 -2.73 11.94 10.18
N ILE A 371 -2.99 12.82 11.14
CA ILE A 371 -1.91 13.61 11.74
C ILE A 371 -1.04 12.74 12.64
N ASP A 372 -1.66 11.83 13.40
CA ASP A 372 -0.91 10.96 14.29
C ASP A 372 0.02 10.03 13.49
N ILE A 373 -0.51 9.42 12.43
CA ILE A 373 0.31 8.49 11.64
C ILE A 373 1.43 9.23 10.93
N TRP A 374 1.09 10.37 10.31
CA TRP A 374 2.11 11.15 9.60
C TRP A 374 3.19 11.66 10.55
N SER A 375 2.81 11.94 11.80
CA SER A 375 3.81 12.35 12.80
C SER A 375 4.78 11.21 13.10
N GLN A 376 4.25 10.02 13.41
CA GLN A 376 5.10 8.88 13.69
C GLN A 376 5.90 8.46 12.47
N LEU A 377 5.40 8.75 11.28
CA LEU A 377 6.07 8.32 10.05
C LEU A 377 7.40 9.04 9.84
N GLN A 378 7.56 10.24 10.41
CA GLN A 378 8.75 11.04 10.13
C GLN A 378 10.01 10.43 10.72
N SER A 379 9.89 9.59 11.76
CA SER A 379 11.03 8.92 12.36
C SER A 379 10.93 7.41 12.25
N ALA A 380 10.13 6.91 11.30
CA ALA A 380 9.96 5.47 11.16
C ALA A 380 11.19 4.80 10.57
N HIS A 381 11.99 5.54 9.80
CA HIS A 381 13.20 4.96 9.23
C HIS A 381 14.25 4.63 10.29
N LEU A 382 14.16 5.24 11.46
CA LEU A 382 15.08 4.94 12.55
C LEU A 382 14.64 3.71 13.35
N LYS A 383 13.48 3.13 13.05
CA LYS A 383 13.03 1.94 13.74
C LYS A 383 12.33 0.92 12.85
N CYS A 384 12.15 1.22 11.56
CA CYS A 384 11.57 0.24 10.64
C CYS A 384 12.53 -0.12 9.54
N GLU B 43 51.60 -18.91 -7.50
CA GLU B 43 52.99 -18.47 -7.58
C GLU B 43 53.19 -17.53 -8.77
N ALA B 44 52.10 -17.27 -9.49
CA ALA B 44 52.14 -16.26 -10.54
C ALA B 44 52.28 -14.88 -9.93
N TYR B 45 52.94 -13.97 -10.67
CA TYR B 45 53.28 -12.67 -10.12
C TYR B 45 52.03 -11.85 -9.78
N TRP B 46 51.15 -11.65 -10.76
CA TRP B 46 49.97 -10.83 -10.54
C TRP B 46 49.12 -11.38 -9.40
N ASN B 47 48.95 -12.70 -9.35
CA ASN B 47 48.18 -13.32 -8.27
C ASN B 47 48.81 -13.03 -6.92
N ARG B 48 50.13 -13.20 -6.81
CA ARG B 48 50.81 -12.93 -5.54
C ARG B 48 50.67 -11.47 -5.13
N GLU B 49 50.78 -10.55 -6.09
CA GLU B 49 50.69 -9.13 -5.77
C GLU B 49 49.26 -8.72 -5.47
N GLN B 50 48.27 -9.35 -6.12
CA GLN B 50 46.88 -9.04 -5.81
C GLN B 50 46.49 -9.54 -4.43
N GLU B 51 47.08 -10.65 -3.98
CA GLU B 51 46.81 -11.13 -2.62
C GLU B 51 47.37 -10.16 -1.58
N LYS B 52 48.52 -9.54 -1.87
CA LYS B 52 49.05 -8.53 -0.97
C LYS B 52 48.12 -7.34 -0.85
N LEU B 53 47.49 -6.94 -1.96
CA LEU B 53 46.51 -5.87 -1.91
C LEU B 53 45.29 -6.27 -1.08
N ASN B 54 44.86 -7.53 -1.20
CA ASN B 54 43.72 -8.01 -0.42
C ASN B 54 44.00 -7.89 1.07
N ARG B 55 45.18 -8.30 1.51
CA ARG B 55 45.53 -8.18 2.92
C ARG B 55 45.65 -6.72 3.35
N GLN B 56 46.08 -5.84 2.45
CA GLN B 56 46.23 -4.43 2.80
C GLN B 56 44.88 -3.75 2.98
N TYR B 57 43.87 -4.15 2.22
CA TYR B 57 42.56 -3.51 2.25
C TYR B 57 41.53 -4.24 3.09
N ASN B 58 41.89 -5.40 3.67
CA ASN B 58 40.93 -6.22 4.41
C ASN B 58 41.57 -6.72 5.70
N PRO B 59 41.25 -6.09 6.84
CA PRO B 59 41.89 -6.51 8.09
C PRO B 59 41.52 -7.91 8.53
N ILE B 60 40.35 -8.42 8.13
CA ILE B 60 39.90 -9.73 8.59
C ILE B 60 40.79 -10.86 8.10
N LEU B 61 41.69 -10.59 7.15
CA LEU B 61 42.65 -11.59 6.69
C LEU B 61 43.79 -11.80 7.67
N SER B 62 43.90 -10.97 8.71
CA SER B 62 44.90 -11.17 9.75
C SER B 62 44.37 -12.13 10.82
N ILE B 77 56.24 -0.04 -0.59
CA ILE B 77 56.06 1.11 -1.48
C ILE B 77 54.62 1.18 -1.98
N SER B 78 54.23 2.34 -2.49
CA SER B 78 52.86 2.52 -2.94
C SER B 78 52.57 1.70 -4.19
N HIS B 79 51.32 1.30 -4.34
CA HIS B 79 50.84 0.62 -5.53
C HIS B 79 50.02 1.55 -6.42
N LEU B 80 49.92 2.82 -6.06
CA LEU B 80 49.10 3.79 -6.79
C LEU B 80 49.88 4.93 -7.41
N ASN B 81 50.98 5.37 -6.79
CA ASN B 81 51.72 6.52 -7.31
C ASN B 81 53.23 6.30 -7.27
N TYR B 82 53.67 5.05 -7.37
CA TYR B 82 55.10 4.73 -7.47
C TYR B 82 55.44 4.64 -8.95
N CYS B 83 55.93 5.75 -9.50
CA CYS B 83 56.14 5.88 -10.94
C CYS B 83 57.61 5.76 -11.33
N GLU B 84 58.46 5.28 -10.44
CA GLU B 84 59.82 4.88 -10.79
C GLU B 84 59.82 3.42 -11.24
N PRO B 85 60.75 3.00 -12.10
CA PRO B 85 60.81 1.58 -12.47
C PRO B 85 61.05 0.70 -11.26
N ASP B 86 60.06 -0.14 -10.96
CA ASP B 86 60.15 -1.06 -9.82
C ASP B 86 60.96 -2.28 -10.24
N LEU B 87 62.28 -2.16 -10.13
CA LEU B 87 63.20 -3.19 -10.60
C LEU B 87 63.19 -4.45 -9.75
N ARG B 88 62.35 -4.51 -8.69
CA ARG B 88 62.23 -5.73 -7.92
C ARG B 88 61.72 -6.89 -8.77
N VAL B 89 60.96 -6.59 -9.83
CA VAL B 89 60.43 -7.64 -10.69
C VAL B 89 61.53 -8.37 -11.44
N THR B 90 62.69 -7.73 -11.65
CA THR B 90 63.81 -8.40 -12.29
C THR B 90 64.27 -9.60 -11.48
N SER B 91 64.14 -9.53 -10.16
CA SER B 91 64.45 -10.65 -9.29
C SER B 91 63.23 -11.50 -8.97
N VAL B 92 62.05 -10.88 -8.87
CA VAL B 92 60.86 -11.58 -8.41
C VAL B 92 60.30 -12.50 -9.49
N VAL B 93 60.38 -12.12 -10.76
CA VAL B 93 59.72 -12.84 -11.85
C VAL B 93 60.72 -13.79 -12.49
N THR B 94 60.26 -15.02 -12.76
CA THR B 94 61.10 -16.03 -13.40
C THR B 94 61.15 -15.79 -14.89
N GLY B 95 62.35 -15.57 -15.43
CA GLY B 95 62.51 -15.31 -16.84
C GLY B 95 62.10 -13.91 -17.25
N PHE B 96 62.34 -12.91 -16.40
CA PHE B 96 61.93 -11.54 -16.69
C PHE B 96 62.61 -11.01 -17.94
N ASN B 97 63.92 -11.22 -18.06
CA ASN B 97 64.68 -10.67 -19.18
C ASN B 97 64.31 -11.33 -20.51
N ASN B 98 63.66 -12.49 -20.47
CA ASN B 98 63.25 -13.20 -21.68
C ASN B 98 61.80 -12.94 -22.05
N LEU B 99 61.10 -12.10 -21.30
CA LEU B 99 59.72 -11.78 -21.61
C LEU B 99 59.65 -10.73 -22.72
N PRO B 100 58.56 -10.72 -23.50
CA PRO B 100 58.37 -9.65 -24.48
C PRO B 100 58.39 -8.28 -23.80
N ASP B 101 58.85 -7.28 -24.55
CA ASP B 101 59.08 -5.96 -23.98
C ASP B 101 57.81 -5.35 -23.40
N ARG B 102 56.64 -5.75 -23.88
CA ARG B 102 55.40 -5.20 -23.34
C ARG B 102 55.12 -5.72 -21.94
N PHE B 103 55.59 -6.92 -21.61
CA PHE B 103 55.43 -7.43 -20.25
C PHE B 103 56.45 -6.80 -19.29
N LYS B 104 57.66 -6.54 -19.78
CA LYS B 104 58.65 -5.84 -18.96
C LYS B 104 58.14 -4.46 -18.58
N ASP B 105 57.61 -3.71 -19.55
CA ASP B 105 57.07 -2.39 -19.25
C ASP B 105 55.84 -2.47 -18.36
N PHE B 106 55.02 -3.51 -18.51
CA PHE B 106 53.84 -3.63 -17.66
C PHE B 106 54.21 -3.90 -16.22
N LEU B 107 55.19 -4.79 -15.99
CA LEU B 107 55.58 -5.14 -14.63
C LEU B 107 56.42 -4.06 -13.98
N LEU B 108 57.21 -3.32 -14.77
CA LEU B 108 58.09 -2.31 -14.19
C LEU B 108 57.33 -1.09 -13.68
N TYR B 109 56.22 -0.74 -14.32
CA TYR B 109 55.46 0.46 -13.96
C TYR B 109 54.04 0.13 -13.54
N LEU B 110 53.81 -1.09 -13.07
CA LEU B 110 52.47 -1.52 -12.66
C LEU B 110 51.90 -0.65 -11.54
N ARG B 111 52.76 -0.15 -10.65
CA ARG B 111 52.31 0.57 -9.46
C ARG B 111 52.20 2.08 -9.69
N CYS B 112 51.99 2.52 -10.93
CA CYS B 112 51.86 3.94 -11.25
C CYS B 112 50.60 4.13 -12.08
N ARG B 113 49.64 4.88 -11.54
CA ARG B 113 48.42 5.19 -12.27
C ARG B 113 47.95 6.62 -12.04
N ASN B 114 48.76 7.49 -11.45
CA ASN B 114 48.38 8.88 -11.21
C ASN B 114 48.88 9.76 -12.36
N TYR B 115 48.26 9.55 -13.52
CA TYR B 115 48.55 10.33 -14.71
C TYR B 115 47.54 11.45 -14.85
N SER B 116 48.00 12.56 -15.43
CA SER B 116 47.23 13.80 -15.46
C SER B 116 46.50 13.98 -16.79
N LEU B 117 45.39 14.70 -16.73
CA LEU B 117 44.63 15.03 -17.93
C LEU B 117 45.33 16.16 -18.68
N LEU B 118 45.69 15.90 -19.93
CA LEU B 118 46.27 16.92 -20.79
C LEU B 118 45.20 17.70 -21.55
N ILE B 119 44.24 16.98 -22.14
CA ILE B 119 43.15 17.58 -22.90
C ILE B 119 41.86 17.15 -22.22
N ASP B 120 41.14 18.12 -21.65
CA ASP B 120 39.92 17.86 -20.90
C ASP B 120 38.75 18.58 -21.54
N GLN B 121 37.54 18.04 -21.29
CA GLN B 121 36.29 18.69 -21.66
C GLN B 121 35.51 18.89 -20.37
N PRO B 122 35.88 19.89 -19.56
CA PRO B 122 35.28 20.02 -18.21
C PRO B 122 33.77 20.17 -18.21
N ASP B 123 33.20 20.78 -19.25
CA ASP B 123 31.77 21.06 -19.30
C ASP B 123 31.00 20.04 -20.12
N LYS B 124 31.61 18.89 -20.40
CA LYS B 124 30.95 17.88 -21.23
C LYS B 124 29.63 17.44 -20.61
N CYS B 125 29.61 17.20 -19.30
CA CYS B 125 28.40 16.78 -18.60
C CYS B 125 27.75 17.93 -17.85
N ALA B 126 27.76 19.13 -18.44
CA ALA B 126 27.03 20.26 -17.89
C ALA B 126 25.57 19.89 -17.69
N LYS B 127 24.86 19.65 -18.78
CA LYS B 127 23.52 19.08 -18.67
C LYS B 127 23.63 17.62 -18.28
N LYS B 128 22.83 17.20 -17.30
CA LYS B 128 22.88 15.84 -16.78
C LYS B 128 22.64 14.83 -17.89
N PRO B 129 23.62 14.00 -18.24
CA PRO B 129 23.43 13.06 -19.35
C PRO B 129 22.55 11.89 -18.96
N PHE B 130 21.72 11.46 -19.91
CA PHE B 130 21.05 10.16 -19.76
C PHE B 130 21.97 9.03 -20.19
N LEU B 131 22.83 9.26 -21.18
CA LEU B 131 23.76 8.27 -21.68
C LEU B 131 25.08 8.94 -22.03
N LEU B 132 26.17 8.44 -21.46
CA LEU B 132 27.52 8.91 -21.78
C LEU B 132 28.18 7.89 -22.69
N LEU B 133 28.58 8.35 -23.89
CA LEU B 133 29.28 7.50 -24.83
C LEU B 133 30.79 7.70 -24.67
N ALA B 134 31.49 6.66 -24.24
CA ALA B 134 32.93 6.69 -24.05
C ALA B 134 33.57 5.74 -25.05
N ILE B 135 34.31 6.28 -26.01
CA ILE B 135 34.85 5.51 -27.12
C ILE B 135 36.36 5.52 -27.01
N LYS B 136 36.95 4.35 -26.78
CA LYS B 136 38.40 4.23 -26.80
C LYS B 136 38.93 4.44 -28.21
N SER B 137 40.00 5.21 -28.32
CA SER B 137 40.54 5.56 -29.63
C SER B 137 42.02 5.85 -29.52
N LEU B 138 42.68 5.87 -30.68
CA LEU B 138 44.08 6.25 -30.80
C LEU B 138 44.19 7.56 -31.58
N THR B 139 45.32 8.26 -31.36
CA THR B 139 45.54 9.56 -31.99
C THR B 139 45.36 9.54 -33.50
N PRO B 140 45.92 8.61 -34.27
CA PRO B 140 45.78 8.67 -35.73
C PRO B 140 44.41 8.27 -36.27
N HIS B 141 43.48 7.83 -35.43
CA HIS B 141 42.17 7.38 -35.90
C HIS B 141 41.20 8.54 -36.07
N PHE B 142 41.59 9.49 -36.95
CA PHE B 142 40.74 10.65 -37.19
C PHE B 142 39.48 10.26 -37.96
N ALA B 143 39.61 9.34 -38.92
CA ALA B 143 38.46 8.94 -39.72
C ALA B 143 37.43 8.20 -38.89
N ARG B 144 37.89 7.32 -37.98
CA ARG B 144 36.96 6.57 -37.15
C ARG B 144 36.16 7.50 -36.24
N ARG B 145 36.85 8.43 -35.57
CA ARG B 145 36.16 9.34 -34.66
C ARG B 145 35.16 10.21 -35.40
N GLN B 146 35.54 10.72 -36.57
CA GLN B 146 34.64 11.60 -37.32
C GLN B 146 33.41 10.83 -37.81
N ALA B 147 33.59 9.58 -38.23
CA ALA B 147 32.45 8.78 -38.65
C ALA B 147 31.49 8.54 -37.50
N ILE B 148 32.03 8.35 -36.29
CA ILE B 148 31.18 8.14 -35.12
C ILE B 148 30.44 9.43 -34.77
N ARG B 149 31.10 10.58 -34.92
CA ARG B 149 30.44 11.86 -34.67
C ARG B 149 29.25 12.07 -35.60
N GLU B 150 29.32 11.54 -36.82
CA GLU B 150 28.26 11.73 -37.81
C GLU B 150 27.22 10.62 -37.81
N SER B 151 27.52 9.46 -37.22
CA SER B 151 26.59 8.35 -37.24
C SER B 151 26.03 8.05 -35.86
N TRP B 152 26.44 6.93 -35.25
CA TRP B 152 25.80 6.48 -34.03
C TRP B 152 26.26 7.23 -32.78
N GLY B 153 27.37 7.95 -32.85
CA GLY B 153 27.86 8.70 -31.72
C GLY B 153 27.45 10.16 -31.66
N GLN B 154 26.49 10.57 -32.50
CA GLN B 154 26.07 11.96 -32.49
C GLN B 154 25.30 12.28 -31.22
N GLU B 155 25.54 13.47 -30.68
CA GLU B 155 24.86 13.91 -29.47
C GLU B 155 23.43 14.33 -29.81
N SER B 156 22.51 14.04 -28.88
CA SER B 156 21.10 14.22 -29.15
C SER B 156 20.39 14.66 -27.88
N ASN B 157 19.07 14.83 -27.99
CA ASN B 157 18.27 15.35 -26.90
C ASN B 157 16.80 15.00 -27.09
N ALA B 158 16.53 13.86 -27.73
CA ALA B 158 15.16 13.41 -27.93
C ALA B 158 14.45 13.24 -26.59
N GLY B 159 13.39 14.02 -26.39
CA GLY B 159 12.66 13.98 -25.13
C GLY B 159 13.51 14.36 -23.94
N ASN B 160 14.38 15.37 -24.09
CA ASN B 160 15.31 15.77 -23.04
C ASN B 160 16.05 14.56 -22.46
N GLN B 161 16.51 13.70 -23.35
CA GLN B 161 17.44 12.64 -22.94
C GLN B 161 18.74 12.95 -23.66
N THR B 162 19.60 13.70 -22.98
CA THR B 162 20.85 14.15 -23.58
C THR B 162 21.83 12.99 -23.68
N VAL B 163 22.43 12.84 -24.85
CA VAL B 163 23.49 11.86 -25.07
C VAL B 163 24.76 12.65 -25.37
N VAL B 164 25.80 12.43 -24.58
CA VAL B 164 27.07 13.12 -24.75
C VAL B 164 28.13 12.10 -25.15
N ARG B 165 29.22 12.60 -25.73
CA ARG B 165 30.24 11.75 -26.33
C ARG B 165 31.62 12.25 -25.95
N VAL B 166 32.49 11.32 -25.55
CA VAL B 166 33.90 11.60 -25.34
C VAL B 166 34.72 10.47 -25.94
N PHE B 167 35.93 10.81 -26.39
CA PHE B 167 36.89 9.83 -26.88
C PHE B 167 38.03 9.70 -25.89
N LEU B 168 38.43 8.47 -25.62
CA LEU B 168 39.42 8.17 -24.59
C LEU B 168 40.75 7.88 -25.28
N LEU B 169 41.72 8.78 -25.09
CA LEU B 169 43.03 8.66 -25.73
C LEU B 169 44.14 8.82 -24.71
N GLY B 170 45.20 8.04 -24.89
CA GLY B 170 46.48 8.32 -24.27
C GLY B 170 47.36 9.10 -25.23
N GLN B 171 48.66 8.92 -25.11
CA GLN B 171 49.60 9.57 -26.00
C GLN B 171 50.30 8.54 -26.89
N THR B 172 50.58 8.95 -28.12
CA THR B 172 51.37 8.17 -29.06
C THR B 172 52.72 8.85 -29.20
N PRO B 173 53.67 8.57 -28.30
CA PRO B 173 54.89 9.38 -28.23
C PRO B 173 55.85 9.06 -29.36
N PRO B 174 56.75 9.98 -29.68
CA PRO B 174 57.75 9.69 -30.72
C PRO B 174 58.69 8.56 -30.36
N GLU B 175 58.94 8.32 -29.06
CA GLU B 175 59.83 7.24 -28.66
C GLU B 175 59.30 5.87 -29.08
N ASP B 176 58.00 5.76 -29.37
CA ASP B 176 57.41 4.55 -29.92
C ASP B 176 57.27 4.60 -31.43
N ASN B 177 58.06 5.46 -32.10
CA ASN B 177 58.04 5.60 -33.56
C ASN B 177 56.69 6.07 -34.08
N HIS B 178 55.95 6.80 -33.26
CA HIS B 178 54.67 7.34 -33.73
C HIS B 178 54.91 8.65 -34.48
N PRO B 179 54.23 8.87 -35.60
CA PRO B 179 54.29 10.18 -36.25
C PRO B 179 53.65 11.23 -35.35
N ASP B 180 54.20 12.45 -35.41
CA ASP B 180 53.72 13.53 -34.55
C ASP B 180 52.44 14.10 -35.13
N LEU B 181 51.31 13.76 -34.49
CA LEU B 181 50.00 14.29 -34.86
C LEU B 181 49.38 15.10 -33.73
N SER B 182 50.20 15.53 -32.77
CA SER B 182 49.67 16.20 -31.58
C SER B 182 49.00 17.53 -31.94
N ASP B 183 49.61 18.30 -32.84
CA ASP B 183 49.02 19.57 -33.23
C ASP B 183 47.68 19.38 -33.93
N MET B 184 47.52 18.28 -34.66
CA MET B 184 46.25 18.03 -35.34
C MET B 184 45.21 17.43 -34.39
N LEU B 185 45.65 16.64 -33.41
CA LEU B 185 44.73 16.19 -32.36
C LEU B 185 44.22 17.37 -31.55
N LYS B 186 45.09 18.36 -31.30
CA LYS B 186 44.67 19.57 -30.60
C LYS B 186 43.61 20.32 -31.39
N PHE B 187 43.86 20.51 -32.70
CA PHE B 187 42.87 21.14 -33.56
C PHE B 187 41.56 20.37 -33.57
N GLU B 188 41.64 19.04 -33.60
CA GLU B 188 40.43 18.22 -33.52
C GLU B 188 39.70 18.42 -32.21
N SER B 189 40.45 18.52 -31.11
CA SER B 189 39.83 18.72 -29.80
C SER B 189 39.18 20.09 -29.71
N GLU B 190 39.78 21.10 -30.33
CA GLU B 190 39.19 22.45 -30.29
C GLU B 190 37.89 22.50 -31.07
N LYS B 191 37.83 21.80 -32.21
CA LYS B 191 36.66 21.89 -33.08
C LYS B 191 35.48 21.11 -32.54
N HIS B 192 35.71 19.91 -32.01
CA HIS B 192 34.63 19.02 -31.62
C HIS B 192 34.46 18.87 -30.11
N GLN B 193 35.47 19.21 -29.31
CA GLN B 193 35.36 19.23 -27.85
C GLN B 193 34.92 17.88 -27.29
N ASP B 194 35.45 16.79 -27.84
CA ASP B 194 35.13 15.45 -27.36
C ASP B 194 36.37 14.60 -27.14
N ILE B 195 37.52 15.23 -26.91
CA ILE B 195 38.78 14.52 -26.73
C ILE B 195 39.17 14.60 -25.26
N LEU B 196 39.30 13.43 -24.63
CA LEU B 196 39.93 13.30 -23.32
C LEU B 196 41.26 12.60 -23.51
N MET B 197 42.33 13.21 -22.99
CA MET B 197 43.68 12.73 -23.30
C MET B 197 44.55 12.83 -22.05
N TRP B 198 45.15 11.71 -21.66
CA TRP B 198 46.03 11.61 -20.50
C TRP B 198 47.47 11.42 -20.94
N ASN B 199 48.40 11.69 -20.01
CA ASN B 199 49.82 11.68 -20.34
C ASN B 199 50.44 10.32 -19.97
N TYR B 200 50.01 9.30 -20.68
CA TYR B 200 50.60 7.97 -20.54
C TYR B 200 50.75 7.35 -21.92
N ARG B 201 51.62 6.34 -21.98
CA ARG B 201 51.92 5.63 -23.22
C ARG B 201 50.73 4.78 -23.62
N ASP B 202 49.98 5.24 -24.63
CA ASP B 202 48.75 4.57 -25.07
C ASP B 202 49.12 3.28 -25.79
N THR B 203 49.03 2.15 -25.09
CA THR B 203 49.38 0.86 -25.65
C THR B 203 48.29 -0.15 -25.33
N PHE B 204 48.41 -1.31 -25.99
CA PHE B 204 47.45 -2.39 -25.80
C PHE B 204 47.46 -2.90 -24.36
N PHE B 205 48.62 -2.96 -23.74
CA PHE B 205 48.73 -3.41 -22.35
C PHE B 205 48.42 -2.31 -21.34
N ASN B 206 48.30 -1.06 -21.76
CA ASN B 206 47.94 0.04 -20.89
C ASN B 206 46.45 0.38 -20.98
N LEU B 207 45.63 -0.49 -21.57
CA LEU B 207 44.22 -0.18 -21.72
C LEU B 207 43.47 -0.24 -20.39
N SER B 208 43.91 -1.09 -19.46
CA SER B 208 43.33 -1.07 -18.12
C SER B 208 43.64 0.25 -17.42
N LEU B 209 44.75 0.88 -17.79
CA LEU B 209 45.02 2.23 -17.30
C LEU B 209 44.10 3.26 -17.95
N LYS B 210 43.68 3.01 -19.20
CA LYS B 210 42.67 3.86 -19.82
C LYS B 210 41.32 3.69 -19.14
N GLU B 211 41.03 2.50 -18.63
CA GLU B 211 39.77 2.25 -17.93
C GLU B 211 39.73 3.00 -16.60
N VAL B 212 40.83 2.93 -15.83
CA VAL B 212 40.88 3.58 -14.53
C VAL B 212 40.79 5.10 -14.67
N LEU B 213 41.51 5.66 -15.65
CA LEU B 213 41.54 7.10 -15.81
C LEU B 213 40.20 7.65 -16.30
N PHE B 214 39.49 6.89 -17.15
CA PHE B 214 38.16 7.31 -17.54
C PHE B 214 37.19 7.27 -16.37
N LEU B 215 37.22 6.18 -15.60
CA LEU B 215 36.40 6.08 -14.39
C LEU B 215 36.72 7.21 -13.42
N ARG B 216 38.00 7.59 -13.33
CA ARG B 216 38.38 8.74 -12.50
C ARG B 216 37.75 10.01 -13.03
N TRP B 217 37.71 10.17 -14.35
CA TRP B 217 37.10 11.35 -14.95
C TRP B 217 35.60 11.38 -14.72
N VAL B 218 34.94 10.22 -14.70
CA VAL B 218 33.52 10.18 -14.42
C VAL B 218 33.23 10.60 -12.99
N SER B 219 34.07 10.16 -12.05
CA SER B 219 33.87 10.55 -10.65
C SER B 219 33.98 12.05 -10.46
N THR B 220 34.92 12.69 -11.17
CA THR B 220 35.18 14.11 -10.97
C THR B 220 34.35 15.00 -11.88
N SER B 221 34.11 14.58 -13.11
CA SER B 221 33.50 15.44 -14.12
C SER B 221 32.16 14.96 -14.65
N CYS B 222 31.75 13.73 -14.36
CA CYS B 222 30.46 13.28 -14.87
C CYS B 222 29.81 12.25 -13.94
N PRO B 223 29.68 12.52 -12.64
CA PRO B 223 29.09 11.51 -11.74
C PRO B 223 27.58 11.44 -11.80
N ASP B 224 26.94 12.34 -12.55
CA ASP B 224 25.49 12.44 -12.59
C ASP B 224 24.88 11.75 -13.81
N THR B 225 25.69 11.15 -14.69
CA THR B 225 25.14 10.49 -15.85
C THR B 225 24.40 9.22 -15.43
N GLU B 226 23.27 8.97 -16.10
CA GLU B 226 22.46 7.80 -15.74
C GLU B 226 23.11 6.51 -16.19
N PHE B 227 23.61 6.47 -17.43
CA PHE B 227 24.17 5.26 -17.99
C PHE B 227 25.44 5.58 -18.75
N VAL B 228 26.28 4.56 -18.91
CA VAL B 228 27.56 4.68 -19.59
C VAL B 228 27.68 3.55 -20.60
N PHE B 229 28.07 3.90 -21.83
CA PHE B 229 28.52 2.93 -22.81
C PHE B 229 30.00 3.15 -23.08
N LYS B 230 30.79 2.08 -23.02
CA LYS B 230 32.21 2.14 -23.30
C LYS B 230 32.55 1.11 -24.37
N GLY B 231 33.05 1.58 -25.52
CA GLY B 231 33.39 0.69 -26.61
C GLY B 231 34.59 1.17 -27.41
N ASP B 232 34.86 0.50 -28.53
CA ASP B 232 36.00 0.82 -29.38
C ASP B 232 35.54 1.70 -30.55
N ASP B 233 36.52 2.28 -31.25
CA ASP B 233 36.23 3.18 -32.36
C ASP B 233 36.10 2.46 -33.70
N ASP B 234 35.96 1.13 -33.68
CA ASP B 234 35.69 0.37 -34.90
C ASP B 234 34.43 -0.48 -34.75
N VAL B 235 33.57 -0.17 -33.77
CA VAL B 235 32.32 -0.88 -33.58
C VAL B 235 31.17 -0.02 -34.09
N PHE B 236 30.12 -0.69 -34.56
CA PHE B 236 28.86 -0.02 -34.85
C PHE B 236 27.90 -0.28 -33.69
N VAL B 237 27.24 0.78 -33.23
CA VAL B 237 26.34 0.72 -32.09
C VAL B 237 24.97 1.20 -32.53
N ASN B 238 23.94 0.41 -32.25
CA ASN B 238 22.57 0.83 -32.49
C ASN B 238 22.13 1.64 -31.28
N THR B 239 22.40 2.95 -31.33
CA THR B 239 22.09 3.81 -30.19
C THR B 239 20.58 3.92 -29.96
N HIS B 240 19.79 3.85 -31.03
CA HIS B 240 18.34 3.86 -30.88
C HIS B 240 17.88 2.66 -30.07
N HIS B 241 18.36 1.46 -30.42
CA HIS B 241 18.00 0.26 -29.69
C HIS B 241 18.49 0.31 -28.25
N ILE B 242 19.63 0.97 -28.01
CA ILE B 242 20.13 1.10 -26.64
C ILE B 242 19.25 2.04 -25.83
N LEU B 243 18.89 3.19 -26.40
CA LEU B 243 18.03 4.14 -25.70
C LEU B 243 16.66 3.53 -25.41
N ASN B 244 16.14 2.72 -26.33
CA ASN B 244 14.88 2.04 -26.07
C ASN B 244 15.03 1.01 -24.96
N TYR B 245 16.19 0.36 -24.86
CA TYR B 245 16.42 -0.61 -23.79
C TYR B 245 16.58 0.09 -22.45
N LEU B 246 17.31 1.20 -22.41
CA LEU B 246 17.54 1.89 -21.15
C LEU B 246 16.25 2.47 -20.59
N ASN B 247 15.36 2.95 -21.45
CA ASN B 247 14.10 3.53 -20.98
C ASN B 247 13.12 2.47 -20.50
N SER B 248 13.42 1.19 -20.68
CA SER B 248 12.59 0.11 -20.16
C SER B 248 13.02 -0.36 -18.78
N LEU B 249 14.10 0.20 -18.24
CA LEU B 249 14.68 -0.28 -16.99
C LEU B 249 14.11 0.48 -15.80
N SER B 250 13.60 -0.26 -14.82
CA SER B 250 13.27 0.34 -13.54
C SER B 250 14.54 0.71 -12.79
N LYS B 251 14.37 1.44 -11.68
CA LYS B 251 15.53 1.82 -10.88
C LYS B 251 16.25 0.61 -10.33
N THR B 252 15.50 -0.44 -9.97
CA THR B 252 16.12 -1.65 -9.44
C THR B 252 16.99 -2.33 -10.49
N LYS B 253 16.45 -2.52 -11.70
CA LYS B 253 17.23 -3.11 -12.77
C LYS B 253 18.38 -2.21 -13.20
N ALA B 254 18.20 -0.90 -13.12
CA ALA B 254 19.19 0.04 -13.66
C ALA B 254 20.33 0.30 -12.69
N LYS B 255 20.14 0.02 -11.40
CA LYS B 255 21.14 0.42 -10.41
C LYS B 255 22.46 -0.33 -10.61
N ASP B 256 22.37 -1.65 -10.78
CA ASP B 256 23.54 -2.51 -10.98
C ASP B 256 23.62 -3.06 -12.40
N LEU B 257 23.19 -2.25 -13.37
CA LEU B 257 23.19 -2.70 -14.76
C LEU B 257 24.61 -2.87 -15.27
N PHE B 258 24.88 -4.01 -15.90
CA PHE B 258 26.12 -4.23 -16.62
C PHE B 258 25.89 -5.37 -17.60
N ILE B 259 25.79 -5.04 -18.89
CA ILE B 259 25.52 -6.05 -19.90
C ILE B 259 26.57 -5.94 -21.02
N GLY B 260 26.67 -7.02 -21.79
CA GLY B 260 27.63 -7.11 -22.87
C GLY B 260 27.72 -8.55 -23.33
N ASP B 261 28.78 -8.84 -24.08
CA ASP B 261 29.07 -10.22 -24.47
C ASP B 261 29.96 -10.82 -23.40
N VAL B 262 29.32 -11.44 -22.42
CA VAL B 262 30.01 -11.95 -21.22
C VAL B 262 30.56 -13.34 -21.51
N ILE B 263 31.78 -13.57 -21.07
CA ILE B 263 32.47 -14.86 -21.23
C ILE B 263 32.73 -15.42 -19.83
N HIS B 264 32.24 -16.62 -19.59
CA HIS B 264 32.44 -17.30 -18.31
C HIS B 264 33.51 -18.37 -18.43
N ASN B 265 34.21 -18.61 -17.31
CA ASN B 265 35.18 -19.71 -17.19
C ASN B 265 36.30 -19.61 -18.22
N ALA B 266 36.60 -18.40 -18.66
CA ALA B 266 37.69 -18.21 -19.61
C ALA B 266 39.04 -18.27 -18.90
N GLY B 267 40.07 -18.57 -19.66
CA GLY B 267 41.41 -18.64 -19.14
C GLY B 267 42.40 -17.88 -20.01
N PRO B 268 43.57 -17.57 -19.46
CA PRO B 268 44.58 -16.83 -20.24
C PRO B 268 45.12 -17.70 -21.37
N HIS B 269 45.19 -17.13 -22.56
CA HIS B 269 45.83 -17.80 -23.68
C HIS B 269 47.32 -17.95 -23.38
N ARG B 270 47.83 -19.17 -23.54
CA ARG B 270 49.23 -19.48 -23.25
C ARG B 270 50.08 -19.58 -24.51
N ASP B 271 49.51 -19.35 -25.68
CA ASP B 271 50.24 -19.44 -26.94
C ASP B 271 51.11 -18.20 -27.10
N LYS B 272 52.43 -18.41 -27.13
CA LYS B 272 53.38 -17.29 -27.10
C LYS B 272 53.23 -16.33 -28.27
N LYS B 273 52.56 -16.76 -29.35
CA LYS B 273 52.37 -15.93 -30.53
C LYS B 273 51.05 -15.17 -30.54
N LEU B 274 50.05 -15.67 -29.82
CA LEU B 274 48.74 -15.03 -29.84
C LEU B 274 48.79 -13.66 -29.18
N LYS B 275 47.82 -12.82 -29.55
CA LYS B 275 47.82 -11.44 -29.06
C LYS B 275 47.51 -11.39 -27.56
N TYR B 276 46.51 -12.15 -27.11
CA TYR B 276 46.12 -12.16 -25.70
C TYR B 276 46.90 -13.18 -24.89
N TYR B 277 48.18 -13.34 -25.21
CA TYR B 277 49.03 -14.31 -24.54
C TYR B 277 49.48 -13.78 -23.18
N ILE B 278 49.32 -14.61 -22.15
CA ILE B 278 49.76 -14.26 -20.80
C ILE B 278 50.64 -15.40 -20.29
N PRO B 279 51.90 -15.14 -19.94
CA PRO B 279 52.75 -16.20 -19.38
C PRO B 279 52.19 -16.71 -18.05
N GLU B 280 52.55 -17.95 -17.73
CA GLU B 280 52.09 -18.55 -16.48
C GLU B 280 52.76 -17.90 -15.28
N VAL B 281 53.96 -17.35 -15.46
CA VAL B 281 54.64 -16.65 -14.37
C VAL B 281 53.91 -15.36 -14.02
N VAL B 282 53.07 -14.85 -14.91
CA VAL B 282 52.36 -13.59 -14.68
C VAL B 282 51.00 -13.83 -14.04
N TYR B 283 50.18 -14.70 -14.62
CA TYR B 283 48.83 -14.94 -14.13
C TYR B 283 48.52 -16.42 -14.16
N SER B 284 47.97 -16.92 -13.05
CA SER B 284 47.56 -18.32 -12.93
C SER B 284 46.08 -18.39 -12.62
N GLY B 285 45.46 -19.50 -13.02
CA GLY B 285 44.05 -19.71 -12.79
C GLY B 285 43.19 -19.24 -13.93
N LEU B 286 41.90 -19.12 -13.64
CA LEU B 286 40.91 -18.70 -14.62
C LEU B 286 40.55 -17.22 -14.45
N TYR B 287 39.93 -16.67 -15.49
CA TYR B 287 39.44 -15.30 -15.48
C TYR B 287 38.07 -15.24 -14.82
N PRO B 288 37.75 -14.12 -14.17
CA PRO B 288 36.38 -13.90 -13.70
C PRO B 288 35.45 -13.64 -14.89
N PRO B 289 34.14 -13.76 -14.70
CA PRO B 289 33.21 -13.39 -15.78
C PRO B 289 33.41 -11.93 -16.17
N TYR B 290 33.67 -11.70 -17.46
CA TYR B 290 33.93 -10.37 -17.96
C TYR B 290 33.22 -10.17 -19.30
N ALA B 291 32.86 -8.92 -19.57
CA ALA B 291 32.28 -8.54 -20.85
C ALA B 291 33.37 -7.97 -21.74
N GLY B 292 33.55 -8.56 -22.91
CA GLY B 292 34.49 -8.05 -23.89
C GLY B 292 33.83 -7.90 -25.25
N GLY B 293 34.64 -7.89 -26.31
CA GLY B 293 34.11 -7.89 -27.65
C GLY B 293 33.82 -6.53 -28.25
N GLY B 294 34.33 -5.46 -27.67
CA GLY B 294 34.23 -4.15 -28.28
C GLY B 294 33.23 -3.20 -27.66
N GLY B 295 32.65 -3.54 -26.51
CA GLY B 295 31.72 -2.62 -25.87
C GLY B 295 30.79 -3.25 -24.85
N PHE B 296 30.50 -2.51 -23.78
CA PHE B 296 29.53 -2.94 -22.80
C PHE B 296 28.78 -1.72 -22.26
N LEU B 297 27.62 -1.98 -21.67
CA LEU B 297 26.71 -0.94 -21.22
C LEU B 297 26.45 -1.11 -19.73
N TYR B 298 26.52 -0.01 -18.97
CA TYR B 298 26.31 -0.08 -17.53
C TYR B 298 25.83 1.28 -17.04
N SER B 299 25.49 1.33 -15.75
CA SER B 299 24.90 2.51 -15.15
C SER B 299 25.97 3.44 -14.58
N GLY B 300 25.64 4.73 -14.52
CA GLY B 300 26.52 5.68 -13.87
C GLY B 300 26.70 5.42 -12.40
N HIS B 301 25.66 4.88 -11.74
CA HIS B 301 25.80 4.49 -10.34
C HIS B 301 26.87 3.42 -10.17
N LEU B 302 26.86 2.42 -11.06
CA LEU B 302 27.88 1.37 -11.00
C LEU B 302 29.26 1.91 -11.37
N ALA B 303 29.32 2.91 -12.25
CA ALA B 303 30.60 3.51 -12.60
C ALA B 303 31.30 4.11 -11.39
N LEU B 304 30.54 4.83 -10.55
CA LEU B 304 31.12 5.40 -9.33
C LEU B 304 31.56 4.31 -8.37
N ARG B 305 30.82 3.20 -8.32
CA ARG B 305 31.24 2.07 -7.48
C ARG B 305 32.45 1.37 -8.08
N LEU B 306 32.52 1.30 -9.41
CA LEU B 306 33.66 0.64 -10.05
C LEU B 306 34.96 1.41 -9.83
N TYR B 307 34.91 2.74 -9.93
CA TYR B 307 36.14 3.52 -9.82
C TYR B 307 36.75 3.41 -8.44
N HIS B 308 35.93 3.50 -7.38
CA HIS B 308 36.47 3.48 -6.03
C HIS B 308 37.04 2.11 -5.66
N ILE B 309 36.63 1.04 -6.35
CA ILE B 309 37.20 -0.28 -6.08
C ILE B 309 38.46 -0.55 -6.91
N THR B 310 38.79 0.33 -7.86
CA THR B 310 39.94 0.10 -8.72
C THR B 310 41.25 0.11 -7.95
N ASP B 311 41.33 0.89 -6.86
CA ASP B 311 42.55 0.92 -6.07
C ASP B 311 42.85 -0.42 -5.40
N GLN B 312 41.85 -1.28 -5.26
CA GLN B 312 42.02 -2.58 -4.62
C GLN B 312 42.35 -3.68 -5.61
N VAL B 313 42.48 -3.38 -6.89
CA VAL B 313 42.79 -4.37 -7.92
C VAL B 313 43.99 -3.87 -8.71
N HIS B 314 45.01 -4.72 -8.84
CA HIS B 314 46.16 -4.40 -9.65
C HIS B 314 45.77 -4.37 -11.13
N LEU B 315 46.49 -3.53 -11.88
CA LEU B 315 46.27 -3.45 -13.32
C LEU B 315 46.56 -4.80 -13.98
N TYR B 316 45.92 -5.04 -15.11
CA TYR B 316 46.08 -6.28 -15.85
C TYR B 316 46.24 -5.94 -17.32
N PRO B 317 47.06 -6.69 -18.06
CA PRO B 317 47.31 -6.35 -19.47
C PRO B 317 46.06 -6.31 -20.33
N ILE B 318 45.05 -7.13 -20.03
CA ILE B 318 43.80 -7.15 -20.79
C ILE B 318 42.77 -6.33 -20.01
N ASP B 319 42.34 -5.22 -20.62
CA ASP B 319 41.49 -4.27 -19.89
C ASP B 319 40.12 -4.86 -19.58
N ASP B 320 39.54 -5.60 -20.51
CA ASP B 320 38.20 -6.15 -20.27
C ASP B 320 38.23 -7.19 -19.15
N VAL B 321 39.36 -7.86 -18.94
CA VAL B 321 39.48 -8.76 -17.79
C VAL B 321 39.56 -7.95 -16.51
N TYR B 322 40.25 -6.80 -16.55
CA TYR B 322 40.38 -5.96 -15.36
C TYR B 322 39.01 -5.46 -14.90
N THR B 323 38.13 -5.11 -15.85
CA THR B 323 36.79 -4.67 -15.47
C THR B 323 36.02 -5.80 -14.80
N GLY B 324 36.08 -7.00 -15.36
CA GLY B 324 35.43 -8.14 -14.74
C GLY B 324 35.97 -8.44 -13.35
N MET B 325 37.26 -8.19 -13.13
CA MET B 325 37.84 -8.36 -11.80
C MET B 325 37.24 -7.37 -10.81
N CYS B 326 37.11 -6.10 -11.22
CA CYS B 326 36.52 -5.10 -10.35
C CYS B 326 35.05 -5.41 -10.08
N LEU B 327 34.33 -5.89 -11.10
CA LEU B 327 32.94 -6.27 -10.92
C LEU B 327 32.80 -7.40 -9.90
N GLN B 328 33.70 -8.38 -9.97
CA GLN B 328 33.64 -9.51 -9.04
C GLN B 328 33.94 -9.08 -7.61
N LYS B 329 34.86 -8.14 -7.44
CA LYS B 329 35.18 -7.64 -6.11
C LYS B 329 34.02 -6.86 -5.49
N LEU B 330 33.10 -6.33 -6.32
CA LEU B 330 31.91 -5.67 -5.82
C LEU B 330 30.78 -6.65 -5.51
N GLY B 331 30.93 -7.93 -5.87
CA GLY B 331 29.87 -8.89 -5.68
C GLY B 331 28.86 -8.94 -6.81
N LEU B 332 29.25 -8.52 -8.01
CA LEU B 332 28.37 -8.49 -9.16
C LEU B 332 28.89 -9.41 -10.25
N VAL B 333 27.99 -9.85 -11.11
CA VAL B 333 28.32 -10.68 -12.26
C VAL B 333 27.81 -9.96 -13.50
N PRO B 334 28.66 -9.66 -14.48
CA PRO B 334 28.18 -8.99 -15.69
C PRO B 334 27.19 -9.88 -16.45
N GLU B 335 26.12 -9.26 -16.93
CA GLU B 335 25.02 -9.98 -17.55
C GLU B 335 25.25 -10.15 -19.05
N LYS B 336 25.03 -11.35 -19.55
CA LYS B 336 25.13 -11.61 -20.97
C LYS B 336 23.92 -11.04 -21.70
N HIS B 337 24.17 -10.42 -22.86
CA HIS B 337 23.10 -9.87 -23.69
C HIS B 337 23.41 -10.21 -25.15
N LYS B 338 22.43 -10.82 -25.83
CA LYS B 338 22.66 -11.31 -27.18
C LYS B 338 22.87 -10.18 -28.19
N GLY B 339 22.41 -8.97 -27.89
CA GLY B 339 22.56 -7.85 -28.80
C GLY B 339 23.98 -7.36 -28.98
N PHE B 340 24.92 -7.87 -28.17
CA PHE B 340 26.34 -7.51 -28.29
C PHE B 340 27.02 -8.57 -29.15
N ARG B 341 27.02 -8.34 -30.46
CA ARG B 341 27.51 -9.31 -31.43
C ARG B 341 29.03 -9.18 -31.54
N THR B 342 29.73 -9.80 -30.59
CA THR B 342 31.17 -9.92 -30.71
C THR B 342 31.55 -10.71 -31.94
N PHE B 343 30.98 -11.91 -32.08
CA PHE B 343 30.99 -12.59 -33.37
C PHE B 343 30.19 -11.75 -34.35
N ASP B 344 30.89 -11.08 -35.27
CA ASP B 344 30.24 -10.30 -36.31
C ASP B 344 29.11 -11.09 -36.95
N ILE B 345 28.00 -10.41 -37.23
CA ILE B 345 26.82 -11.09 -37.77
C ILE B 345 27.22 -11.82 -39.05
N GLU B 346 26.85 -13.10 -39.12
CA GLU B 346 27.33 -13.97 -40.20
C GLU B 346 26.98 -13.39 -41.56
N GLU B 347 27.89 -13.61 -42.52
CA GLU B 347 27.91 -12.98 -43.84
C GLU B 347 26.54 -12.83 -44.51
N LYS B 348 25.63 -13.77 -44.25
CA LYS B 348 24.35 -13.82 -44.97
C LYS B 348 23.53 -12.53 -44.81
N ASN B 349 23.77 -11.75 -43.76
CA ASN B 349 22.79 -10.76 -43.33
C ASN B 349 23.31 -9.33 -43.22
N LYS B 350 24.51 -9.03 -43.74
CA LYS B 350 24.97 -7.65 -43.71
C LYS B 350 24.22 -6.80 -44.73
N ASN B 351 23.82 -7.40 -45.85
CA ASN B 351 22.93 -6.73 -46.79
C ASN B 351 21.56 -6.47 -46.21
N ASN B 352 21.21 -7.15 -45.12
CA ASN B 352 19.89 -7.03 -44.49
C ASN B 352 19.98 -6.02 -43.35
N ILE B 353 19.30 -4.88 -43.52
CA ILE B 353 19.30 -3.86 -42.48
C ILE B 353 18.53 -4.32 -41.25
N CYS B 354 17.68 -5.35 -41.38
CA CYS B 354 16.95 -5.88 -40.23
C CYS B 354 17.88 -6.55 -39.23
N SER B 355 19.06 -7.00 -39.67
CA SER B 355 20.03 -7.57 -38.74
C SER B 355 20.55 -6.53 -37.78
N TYR B 356 20.60 -5.27 -38.20
CA TYR B 356 21.10 -4.18 -37.37
C TYR B 356 20.01 -3.56 -36.50
N VAL B 357 18.74 -3.89 -36.74
CA VAL B 357 17.66 -3.34 -35.93
C VAL B 357 17.64 -3.98 -34.55
N ASP B 358 17.76 -5.31 -34.50
CA ASP B 358 17.60 -6.05 -33.26
C ASP B 358 18.93 -6.30 -32.55
N LEU B 359 20.02 -5.69 -33.00
CA LEU B 359 21.29 -5.75 -32.27
C LEU B 359 21.52 -4.44 -31.53
N MET B 360 22.45 -4.49 -30.59
CA MET B 360 22.93 -3.30 -29.91
C MET B 360 24.33 -2.89 -30.32
N LEU B 361 25.11 -3.82 -30.86
CA LEU B 361 26.51 -3.60 -31.17
C LEU B 361 26.97 -4.71 -32.10
N VAL B 362 27.84 -4.36 -33.05
CA VAL B 362 28.46 -5.34 -33.93
C VAL B 362 29.89 -4.89 -34.22
N HIS B 363 30.82 -5.83 -34.14
CA HIS B 363 32.24 -5.58 -34.37
C HIS B 363 32.70 -6.44 -35.54
N SER B 364 33.41 -5.86 -36.51
CA SER B 364 33.78 -4.45 -36.52
C SER B 364 33.43 -3.82 -37.87
N ARG B 365 33.47 -2.49 -37.94
CA ARG B 365 33.07 -1.79 -39.15
C ARG B 365 34.01 -0.62 -39.43
N LYS B 366 34.22 -0.37 -40.72
CA LYS B 366 35.03 0.77 -41.17
C LYS B 366 34.20 2.04 -41.16
N PRO B 367 34.84 3.21 -41.13
CA PRO B 367 34.10 4.48 -41.03
C PRO B 367 33.02 4.67 -42.09
N GLN B 368 33.29 4.33 -43.35
CA GLN B 368 32.26 4.44 -44.38
C GLN B 368 31.10 3.49 -44.09
N GLU B 369 31.40 2.31 -43.55
CA GLU B 369 30.34 1.36 -43.24
C GLU B 369 29.45 1.86 -42.11
N MET B 370 30.03 2.51 -41.10
CA MET B 370 29.23 3.08 -40.03
C MET B 370 28.25 4.11 -40.57
N ILE B 371 28.71 4.96 -41.48
CA ILE B 371 27.83 5.97 -42.07
C ILE B 371 26.80 5.32 -42.97
N ASP B 372 27.20 4.29 -43.72
CA ASP B 372 26.26 3.60 -44.61
C ASP B 372 25.17 2.88 -43.81
N ILE B 373 25.57 2.12 -42.78
CA ILE B 373 24.59 1.39 -41.99
C ILE B 373 23.66 2.35 -41.26
N TRP B 374 24.22 3.43 -40.68
CA TRP B 374 23.41 4.37 -39.93
C TRP B 374 22.38 5.06 -40.82
N SER B 375 22.75 5.32 -42.08
CA SER B 375 21.81 5.95 -43.00
C SER B 375 20.63 5.03 -43.30
N GLN B 376 20.91 3.77 -43.67
CA GLN B 376 19.84 2.82 -43.94
C GLN B 376 18.99 2.56 -42.70
N LEU B 377 19.58 2.65 -41.52
CA LEU B 377 18.89 2.29 -40.30
C LEU B 377 17.76 3.25 -39.95
N GLN B 378 17.81 4.49 -40.46
CA GLN B 378 16.77 5.46 -40.13
C GLN B 378 15.44 5.10 -40.78
N SER B 379 15.47 4.41 -41.93
CA SER B 379 14.26 3.94 -42.59
C SER B 379 14.11 2.42 -42.47
N ALA B 380 14.78 1.80 -41.49
CA ALA B 380 14.74 0.36 -41.36
C ALA B 380 13.43 -0.13 -40.73
N HIS B 381 12.80 0.70 -39.89
CA HIS B 381 11.53 0.29 -39.27
C HIS B 381 10.45 0.09 -40.33
N LEU B 382 10.55 0.80 -41.46
CA LEU B 382 9.62 0.57 -42.56
C LEU B 382 9.93 -0.75 -43.26
N LYS B 383 11.21 -0.99 -43.54
CA LYS B 383 11.63 -2.20 -44.25
C LYS B 383 11.59 -3.45 -43.37
N CYS B 384 11.64 -3.28 -42.06
CA CYS B 384 11.64 -4.41 -41.14
C CYS B 384 10.45 -4.35 -40.19
N PRO C 42 6.91 -48.38 22.77
CA PRO C 42 6.91 -49.07 21.48
C PRO C 42 8.31 -49.30 21.03
N GLU C 43 8.41 -50.06 19.96
CA GLU C 43 9.67 -50.28 19.28
C GLU C 43 9.82 -49.41 18.05
N ALA C 44 8.72 -49.04 17.41
CA ALA C 44 8.77 -48.15 16.26
C ALA C 44 9.41 -46.83 16.64
N TYR C 45 10.30 -46.34 15.78
CA TYR C 45 11.11 -45.18 16.12
C TYR C 45 10.27 -43.93 16.28
N TRP C 46 9.36 -43.69 15.34
CA TRP C 46 8.55 -42.47 15.40
C TRP C 46 7.66 -42.46 16.65
N ASN C 47 7.10 -43.61 17.01
CA ASN C 47 6.26 -43.68 18.19
C ASN C 47 7.06 -43.43 19.47
N ARG C 48 8.30 -43.92 19.51
CA ARG C 48 9.16 -43.67 20.66
C ARG C 48 9.45 -42.19 20.83
N GLU C 49 9.89 -41.53 19.76
CA GLU C 49 10.26 -40.13 19.85
C GLU C 49 9.04 -39.24 20.11
N GLN C 50 7.85 -39.67 19.67
CA GLN C 50 6.66 -38.87 19.90
C GLN C 50 6.24 -38.91 21.37
N GLU C 51 6.40 -40.05 22.03
CA GLU C 51 6.07 -40.10 23.44
C GLU C 51 7.04 -39.30 24.29
N LYS C 52 8.32 -39.28 23.91
CA LYS C 52 9.25 -38.38 24.58
C LYS C 52 8.86 -36.93 24.37
N LEU C 53 8.40 -36.59 23.16
CA LEU C 53 7.96 -35.24 22.88
C LEU C 53 6.70 -34.89 23.68
N ASN C 54 5.78 -35.85 23.81
CA ASN C 54 4.59 -35.63 24.64
C ASN C 54 4.98 -35.32 26.07
N ARG C 55 5.93 -36.08 26.63
CA ARG C 55 6.37 -35.84 27.99
C ARG C 55 7.10 -34.51 28.13
N GLN C 56 7.92 -34.17 27.14
CA GLN C 56 8.63 -32.89 27.19
C GLN C 56 7.66 -31.73 27.34
N TYR C 57 6.50 -31.80 26.68
CA TYR C 57 5.50 -30.75 26.75
C TYR C 57 4.51 -30.96 27.90
N ASN C 58 4.28 -32.20 28.30
CA ASN C 58 3.34 -32.52 29.39
C ASN C 58 4.02 -33.51 30.33
N PRO C 59 4.93 -33.03 31.19
CA PRO C 59 5.70 -33.96 32.02
C PRO C 59 4.85 -34.70 33.05
N ILE C 60 3.78 -34.10 33.56
CA ILE C 60 2.96 -34.79 34.56
C ILE C 60 2.00 -35.77 33.89
N LEU C 61 1.25 -35.30 32.90
CA LEU C 61 0.24 -36.15 32.27
C LEU C 61 0.86 -37.26 31.42
N SER C 62 2.12 -37.12 31.01
CA SER C 62 2.79 -38.10 30.15
C SER C 62 4.10 -38.54 30.81
N MET C 63 3.98 -39.17 31.97
CA MET C 63 5.15 -39.63 32.71
C MET C 63 5.82 -40.82 32.03
N ASN C 76 18.74 -34.38 24.51
CA ASN C 76 19.14 -33.07 25.00
C ASN C 76 19.18 -32.06 23.86
N ILE C 77 19.10 -32.55 22.63
CA ILE C 77 19.19 -31.71 21.44
C ILE C 77 17.79 -31.27 21.04
N SER C 78 17.71 -30.10 20.42
CA SER C 78 16.43 -29.58 19.97
C SER C 78 15.82 -30.48 18.90
N HIS C 79 14.50 -30.59 18.92
CA HIS C 79 13.77 -31.33 17.91
C HIS C 79 13.23 -30.43 16.80
N LEU C 80 13.52 -29.13 16.86
CA LEU C 80 13.00 -28.17 15.91
C LEU C 80 14.06 -27.47 15.07
N ASN C 81 15.31 -27.38 15.57
CA ASN C 81 16.33 -26.63 14.84
C ASN C 81 17.70 -27.31 14.92
N TYR C 82 17.73 -28.63 15.10
CA TYR C 82 18.99 -29.38 15.03
C TYR C 82 19.15 -29.85 13.58
N CYS C 83 19.90 -29.09 12.80
CA CYS C 83 20.06 -29.34 11.37
C CYS C 83 21.39 -29.99 11.04
N GLU C 84 22.02 -30.64 11.99
CA GLU C 84 23.10 -31.58 11.80
C GLU C 84 22.54 -32.99 11.79
N PRO C 85 23.17 -33.93 11.07
CA PRO C 85 22.62 -35.30 11.03
C PRO C 85 22.62 -35.94 12.40
N ASP C 86 21.50 -36.58 12.73
CA ASP C 86 21.32 -37.27 14.01
C ASP C 86 21.77 -38.71 13.81
N LEU C 87 23.07 -38.92 13.90
CA LEU C 87 23.67 -40.24 13.67
C LEU C 87 23.19 -41.28 14.65
N ARG C 88 22.72 -40.87 15.83
CA ARG C 88 22.22 -41.78 16.85
C ARG C 88 21.17 -42.74 16.32
N VAL C 89 20.46 -42.35 15.25
CA VAL C 89 19.44 -43.23 14.68
C VAL C 89 20.05 -44.47 14.03
N THR C 90 21.34 -44.43 13.70
CA THR C 90 21.98 -45.57 13.04
C THR C 90 22.02 -46.79 13.95
N SER C 91 22.54 -46.62 15.17
CA SER C 91 22.62 -47.71 16.13
C SER C 91 21.32 -47.91 16.91
N VAL C 92 20.31 -47.09 16.66
CA VAL C 92 19.09 -47.12 17.44
C VAL C 92 17.91 -47.73 16.67
N VAL C 93 17.86 -47.56 15.35
CA VAL C 93 16.82 -48.18 14.52
C VAL C 93 17.34 -49.51 13.99
N THR C 94 16.52 -50.55 14.10
CA THR C 94 16.92 -51.88 13.67
C THR C 94 17.02 -51.94 12.15
N GLY C 95 18.20 -52.30 11.65
CA GLY C 95 18.41 -52.38 10.22
C GLY C 95 18.35 -51.04 9.51
N PHE C 96 18.96 -50.01 10.11
CA PHE C 96 18.89 -48.67 9.53
C PHE C 96 19.60 -48.60 8.18
N ASN C 97 20.77 -49.24 8.07
CA ASN C 97 21.57 -49.13 6.86
C ASN C 97 21.01 -49.93 5.70
N ASN C 98 19.99 -50.76 5.91
CA ASN C 98 19.35 -51.51 4.85
C ASN C 98 17.98 -50.97 4.49
N LEU C 99 17.64 -49.77 4.97
CA LEU C 99 16.40 -49.08 4.63
C LEU C 99 16.59 -48.26 3.36
N PRO C 100 15.50 -47.99 2.64
CA PRO C 100 15.60 -47.11 1.47
C PRO C 100 16.15 -45.74 1.86
N ASP C 101 16.82 -45.10 0.89
CA ASP C 101 17.54 -43.86 1.18
C ASP C 101 16.63 -42.76 1.70
N ARG C 102 15.37 -42.73 1.26
CA ARG C 102 14.45 -41.69 1.71
C ARG C 102 14.18 -41.81 3.21
N PHE C 103 14.11 -43.04 3.73
CA PHE C 103 13.94 -43.23 5.16
C PHE C 103 15.19 -42.82 5.92
N LYS C 104 16.37 -43.12 5.38
CA LYS C 104 17.61 -42.65 5.98
C LYS C 104 17.62 -41.14 6.08
N ASP C 105 17.39 -40.45 4.96
CA ASP C 105 17.39 -38.99 4.96
C ASP C 105 16.32 -38.43 5.88
N PHE C 106 15.15 -39.07 5.94
CA PHE C 106 14.08 -38.59 6.81
C PHE C 106 14.48 -38.69 8.28
N LEU C 107 14.98 -39.86 8.69
CA LEU C 107 15.31 -40.06 10.09
C LEU C 107 16.55 -39.28 10.51
N LEU C 108 17.48 -39.06 9.59
CA LEU C 108 18.72 -38.37 9.94
C LEU C 108 18.49 -36.88 10.19
N TYR C 109 17.46 -36.30 9.58
CA TYR C 109 17.21 -34.86 9.69
C TYR C 109 15.80 -34.57 10.20
N LEU C 110 15.21 -35.51 10.95
CA LEU C 110 13.87 -35.33 11.48
C LEU C 110 13.76 -34.10 12.38
N ARG C 111 14.86 -33.73 13.04
CA ARG C 111 14.85 -32.67 14.04
C ARG C 111 15.18 -31.30 13.46
N CYS C 112 15.12 -31.15 12.14
CA CYS C 112 15.43 -29.88 11.47
C CYS C 112 14.22 -29.42 10.69
N ARG C 113 13.63 -28.29 11.09
CA ARG C 113 12.49 -27.73 10.35
C ARG C 113 12.52 -26.22 10.29
N ASN C 114 13.64 -25.56 10.62
CA ASN C 114 13.72 -24.11 10.54
C ASN C 114 14.37 -23.70 9.22
N TYR C 115 13.63 -23.92 8.15
CA TYR C 115 14.07 -23.53 6.81
C TYR C 115 13.54 -22.15 6.46
N SER C 116 14.22 -21.51 5.51
CA SER C 116 13.97 -20.11 5.18
C SER C 116 13.17 -19.98 3.91
N LEU C 117 12.59 -18.79 3.73
CA LEU C 117 11.82 -18.45 2.53
C LEU C 117 12.76 -17.79 1.53
N LEU C 118 12.98 -18.45 0.39
CA LEU C 118 13.79 -17.86 -0.67
C LEU C 118 12.95 -16.95 -1.56
N ILE C 119 11.71 -17.35 -1.85
CA ILE C 119 10.78 -16.57 -2.66
C ILE C 119 9.51 -16.38 -1.83
N ASP C 120 9.17 -15.13 -1.54
CA ASP C 120 8.03 -14.81 -0.71
C ASP C 120 7.12 -13.82 -1.42
N GLN C 121 5.84 -13.84 -1.06
CA GLN C 121 4.84 -12.87 -1.51
C GLN C 121 4.27 -12.22 -0.26
N PRO C 122 5.01 -11.29 0.36
CA PRO C 122 4.57 -10.76 1.66
C PRO C 122 3.26 -10.00 1.58
N ASP C 123 2.96 -9.39 0.45
CA ASP C 123 1.73 -8.63 0.25
C ASP C 123 0.59 -9.47 -0.30
N LYS C 124 0.73 -10.80 -0.30
CA LYS C 124 -0.28 -11.67 -0.90
C LYS C 124 -1.66 -11.41 -0.31
N CYS C 125 -1.74 -11.21 1.00
CA CYS C 125 -3.00 -10.97 1.69
C CYS C 125 -3.09 -9.52 2.17
N ALA C 126 -2.61 -8.58 1.34
CA ALA C 126 -2.73 -7.17 1.66
C ALA C 126 -4.19 -6.77 1.88
N LYS C 127 -5.11 -7.40 1.16
CA LYS C 127 -6.53 -7.32 1.46
C LYS C 127 -6.96 -8.64 2.10
N LYS C 128 -7.77 -8.55 3.14
CA LYS C 128 -8.22 -9.74 3.86
C LYS C 128 -8.92 -10.69 2.90
N PRO C 129 -8.43 -11.92 2.73
CA PRO C 129 -9.05 -12.84 1.78
C PRO C 129 -10.14 -13.68 2.42
N PHE C 130 -11.20 -13.92 1.65
CA PHE C 130 -12.23 -14.86 2.09
C PHE C 130 -11.77 -16.29 1.93
N LEU C 131 -10.98 -16.59 0.90
CA LEU C 131 -10.47 -17.93 0.66
C LEU C 131 -9.06 -17.85 0.11
N LEU C 132 -8.14 -18.61 0.70
CA LEU C 132 -6.76 -18.68 0.27
C LEU C 132 -6.52 -20.06 -0.36
N LEU C 133 -6.11 -20.07 -1.63
CA LEU C 133 -5.79 -21.30 -2.33
C LEU C 133 -4.30 -21.57 -2.23
N ALA C 134 -3.92 -22.65 -1.57
CA ALA C 134 -2.52 -23.06 -1.42
C ALA C 134 -2.35 -24.40 -2.12
N ILE C 135 -1.58 -24.41 -3.20
CA ILE C 135 -1.43 -25.58 -4.05
C ILE C 135 0.01 -26.08 -3.96
N LYS C 136 0.17 -27.36 -3.67
CA LYS C 136 1.49 -27.97 -3.65
C LYS C 136 1.94 -28.27 -5.08
N SER C 137 3.21 -27.97 -5.36
CA SER C 137 3.72 -28.10 -6.72
C SER C 137 5.22 -28.33 -6.67
N LEU C 138 5.74 -28.85 -7.78
CA LEU C 138 7.17 -28.98 -8.01
C LEU C 138 7.63 -27.95 -9.02
N THR C 139 8.93 -27.64 -8.97
CA THR C 139 9.50 -26.65 -9.88
C THR C 139 9.17 -26.89 -11.35
N PRO C 140 9.33 -28.09 -11.91
CA PRO C 140 9.10 -28.27 -13.35
C PRO C 140 7.64 -28.28 -13.77
N HIS C 141 6.69 -28.25 -12.83
CA HIS C 141 5.28 -28.32 -13.19
C HIS C 141 4.74 -26.97 -13.63
N PHE C 142 5.42 -26.32 -14.59
CA PHE C 142 5.01 -24.99 -15.03
C PHE C 142 3.62 -25.01 -15.66
N ALA C 143 3.32 -26.05 -16.45
CA ALA C 143 2.03 -26.10 -17.13
C ALA C 143 0.88 -26.36 -16.16
N ARG C 144 1.12 -27.15 -15.11
CA ARG C 144 0.08 -27.41 -14.12
C ARG C 144 -0.35 -26.12 -13.42
N ARG C 145 0.63 -25.34 -12.94
CA ARG C 145 0.32 -24.11 -12.22
C ARG C 145 -0.37 -23.11 -13.14
N GLN C 146 0.03 -23.05 -14.41
CA GLN C 146 -0.58 -22.09 -15.32
C GLN C 146 -2.03 -22.43 -15.61
N ALA C 147 -2.32 -23.71 -15.87
CA ALA C 147 -3.70 -24.12 -16.11
C ALA C 147 -4.57 -23.90 -14.88
N ILE C 148 -3.99 -24.04 -13.68
CA ILE C 148 -4.74 -23.74 -12.47
C ILE C 148 -4.99 -22.23 -12.36
N ARG C 149 -4.00 -21.42 -12.73
CA ARG C 149 -4.17 -19.97 -12.72
C ARG C 149 -5.32 -19.55 -13.62
N GLU C 150 -5.45 -20.19 -14.78
CA GLU C 150 -6.43 -19.78 -15.77
C GLU C 150 -7.81 -20.41 -15.57
N SER C 151 -7.92 -21.42 -14.71
CA SER C 151 -9.20 -22.09 -14.52
C SER C 151 -9.72 -21.90 -13.10
N TRP C 152 -9.69 -22.98 -12.30
CA TRP C 152 -10.33 -22.95 -10.98
C TRP C 152 -9.52 -22.21 -9.93
N GLY C 153 -8.24 -21.94 -10.17
CA GLY C 153 -7.42 -21.29 -9.17
C GLY C 153 -7.17 -19.81 -9.44
N GLN C 154 -7.99 -19.21 -10.29
CA GLN C 154 -7.81 -17.79 -10.61
C GLN C 154 -8.18 -16.93 -9.42
N GLU C 155 -7.51 -15.78 -9.30
CA GLU C 155 -7.74 -14.88 -8.19
C GLU C 155 -8.99 -14.05 -8.42
N SER C 156 -9.49 -13.46 -7.34
CA SER C 156 -10.72 -12.67 -7.39
C SER C 156 -10.58 -11.50 -6.43
N ASN C 157 -10.77 -10.29 -6.96
CA ASN C 157 -10.72 -9.04 -6.20
C ASN C 157 -11.93 -8.19 -6.53
N ALA C 158 -13.09 -8.83 -6.73
CA ALA C 158 -14.26 -8.14 -7.25
C ALA C 158 -15.03 -7.42 -6.14
N GLY C 159 -15.47 -8.17 -5.13
CA GLY C 159 -16.25 -7.59 -4.06
C GLY C 159 -15.61 -7.75 -2.69
N ASN C 160 -16.43 -8.04 -1.68
CA ASN C 160 -15.92 -8.24 -0.33
C ASN C 160 -15.29 -9.60 -0.14
N GLN C 161 -15.56 -10.57 -1.01
CA GLN C 161 -15.14 -11.96 -0.82
C GLN C 161 -13.97 -12.26 -1.75
N THR C 162 -12.76 -12.11 -1.22
CA THR C 162 -11.53 -12.13 -2.00
C THR C 162 -10.97 -13.55 -2.07
N VAL C 163 -10.42 -13.90 -3.22
CA VAL C 163 -9.75 -15.18 -3.45
C VAL C 163 -8.30 -14.91 -3.84
N VAL C 164 -7.37 -15.51 -3.11
CA VAL C 164 -5.94 -15.37 -3.37
C VAL C 164 -5.34 -16.75 -3.54
N ARG C 165 -4.20 -16.80 -4.24
CA ARG C 165 -3.58 -18.06 -4.63
C ARG C 165 -2.08 -18.03 -4.38
N VAL C 166 -1.56 -19.10 -3.79
CA VAL C 166 -0.12 -19.30 -3.64
C VAL C 166 0.20 -20.74 -4.00
N PHE C 167 1.36 -20.95 -4.62
CA PHE C 167 1.89 -22.28 -4.87
C PHE C 167 3.01 -22.58 -3.90
N LEU C 168 3.01 -23.80 -3.36
CA LEU C 168 3.93 -24.20 -2.30
C LEU C 168 5.03 -25.07 -2.90
N LEU C 169 6.26 -24.54 -2.93
CA LEU C 169 7.38 -25.22 -3.54
C LEU C 169 8.56 -25.30 -2.58
N GLY C 170 9.35 -26.36 -2.74
CA GLY C 170 10.67 -26.44 -2.16
C GLY C 170 11.70 -26.32 -3.25
N GLN C 171 12.90 -26.88 -3.04
CA GLN C 171 13.97 -26.81 -4.02
C GLN C 171 14.14 -28.15 -4.72
N THR C 172 14.45 -28.11 -6.01
CA THR C 172 14.82 -29.27 -6.79
C THR C 172 16.29 -29.16 -7.15
N PRO C 173 17.19 -29.52 -6.23
CA PRO C 173 18.61 -29.18 -6.39
C PRO C 173 19.28 -30.08 -7.42
N PRO C 174 20.42 -29.63 -7.98
CA PRO C 174 21.18 -30.51 -8.88
C PRO C 174 21.71 -31.76 -8.21
N GLU C 175 21.74 -31.81 -6.87
CA GLU C 175 22.19 -33.03 -6.19
C GLU C 175 21.29 -34.22 -6.51
N ASP C 176 20.01 -33.97 -6.79
CA ASP C 176 19.08 -35.01 -7.19
C ASP C 176 18.92 -35.11 -8.71
N ASN C 177 19.90 -34.62 -9.46
CA ASN C 177 19.90 -34.69 -10.92
C ASN C 177 18.75 -33.89 -11.54
N HIS C 178 18.27 -32.87 -10.82
CA HIS C 178 17.25 -32.01 -11.39
C HIS C 178 17.89 -31.01 -12.36
N PRO C 179 17.29 -30.81 -13.54
CA PRO C 179 17.76 -29.73 -14.41
C PRO C 179 17.53 -28.37 -13.77
N ASP C 180 18.45 -27.45 -14.04
CA ASP C 180 18.40 -26.11 -13.45
C ASP C 180 17.29 -25.32 -14.13
N LEU C 181 16.15 -25.19 -13.45
CA LEU C 181 15.03 -24.38 -13.92
C LEU C 181 14.81 -23.15 -13.04
N SER C 182 15.86 -22.72 -12.32
CA SER C 182 15.69 -21.66 -11.32
C SER C 182 15.30 -20.33 -11.96
N ASP C 183 15.93 -20.00 -13.09
CA ASP C 183 15.62 -18.72 -13.73
C ASP C 183 14.23 -18.71 -14.34
N MET C 184 13.73 -19.86 -14.78
CA MET C 184 12.35 -19.95 -15.22
C MET C 184 11.39 -19.73 -14.06
N LEU C 185 11.74 -20.25 -12.88
CA LEU C 185 10.90 -20.07 -11.70
C LEU C 185 10.87 -18.62 -11.25
N LYS C 186 12.02 -17.94 -11.28
CA LYS C 186 12.05 -16.53 -10.89
C LYS C 186 11.26 -15.67 -11.87
N PHE C 187 11.36 -15.98 -13.17
CA PHE C 187 10.53 -15.29 -14.15
C PHE C 187 9.05 -15.53 -13.90
N GLU C 188 8.68 -16.78 -13.61
CA GLU C 188 7.28 -17.09 -13.31
C GLU C 188 6.82 -16.39 -12.04
N SER C 189 7.68 -16.34 -11.03
CA SER C 189 7.33 -15.64 -9.79
C SER C 189 7.17 -14.15 -10.01
N GLU C 190 7.93 -13.57 -10.94
CA GLU C 190 7.84 -12.14 -11.19
C GLU C 190 6.62 -11.77 -12.02
N LYS C 191 6.12 -12.70 -12.83
CA LYS C 191 4.96 -12.41 -13.68
C LYS C 191 3.64 -12.64 -12.97
N HIS C 192 3.57 -13.65 -12.09
CA HIS C 192 2.30 -14.03 -11.46
C HIS C 192 2.25 -13.76 -9.96
N GLN C 193 3.40 -13.65 -9.29
CA GLN C 193 3.45 -13.26 -7.88
C GLN C 193 2.62 -14.19 -6.99
N ASP C 194 2.75 -15.50 -7.23
CA ASP C 194 2.01 -16.50 -6.46
C ASP C 194 2.91 -17.65 -6.04
N ILE C 195 4.23 -17.49 -6.10
CA ILE C 195 5.17 -18.55 -5.79
C ILE C 195 5.74 -18.34 -4.40
N LEU C 196 5.58 -19.33 -3.54
CA LEU C 196 6.25 -19.38 -2.24
C LEU C 196 7.22 -20.57 -2.27
N MET C 197 8.49 -20.30 -2.00
CA MET C 197 9.52 -21.31 -2.13
C MET C 197 10.44 -21.27 -0.91
N TRP C 198 10.72 -22.45 -0.35
CA TRP C 198 11.58 -22.58 0.82
C TRP C 198 12.86 -23.32 0.46
N ASN C 199 13.91 -23.07 1.26
CA ASN C 199 15.25 -23.59 0.96
C ASN C 199 15.46 -25.00 1.50
N TYR C 200 14.50 -25.88 1.27
CA TYR C 200 14.65 -27.29 1.65
C TYR C 200 14.50 -28.16 0.41
N ARG C 201 14.82 -29.44 0.58
CA ARG C 201 14.83 -30.40 -0.52
C ARG C 201 13.43 -30.94 -0.73
N ASP C 202 12.77 -30.48 -1.80
CA ASP C 202 11.38 -30.85 -2.07
C ASP C 202 11.27 -32.30 -2.52
N THR C 203 11.03 -33.21 -1.57
CA THR C 203 10.81 -34.61 -1.87
C THR C 203 9.46 -35.06 -1.31
N PHE C 204 9.07 -36.30 -1.64
N PHE C 204 9.12 -36.32 -1.60
CA PHE C 204 7.81 -36.82 -1.15
CA PHE C 204 7.84 -36.88 -1.19
C PHE C 204 7.82 -36.94 0.37
C PHE C 204 7.77 -37.14 0.31
N PHE C 205 8.91 -37.46 0.93
CA PHE C 205 8.98 -37.64 2.38
C PHE C 205 9.19 -36.33 3.13
N ASN C 206 9.42 -35.22 2.43
CA ASN C 206 9.54 -33.91 3.05
C ASN C 206 8.26 -33.09 2.90
N LEU C 207 7.15 -33.71 2.54
CA LEU C 207 5.91 -32.96 2.32
C LEU C 207 5.28 -32.47 3.61
N SER C 208 5.58 -33.10 4.75
CA SER C 208 5.11 -32.56 6.02
C SER C 208 5.87 -31.28 6.38
N LEU C 209 7.12 -31.15 5.94
CA LEU C 209 7.82 -29.87 6.02
C LEU C 209 7.07 -28.81 5.23
N LYS C 210 6.67 -29.14 4.00
CA LYS C 210 5.86 -28.22 3.20
C LYS C 210 4.58 -27.86 3.93
N GLU C 211 3.97 -28.86 4.59
CA GLU C 211 2.81 -28.60 5.43
C GLU C 211 3.12 -27.62 6.55
N VAL C 212 4.15 -27.91 7.34
CA VAL C 212 4.48 -27.08 8.49
C VAL C 212 4.94 -25.70 8.05
N LEU C 213 5.80 -25.63 7.04
CA LEU C 213 6.30 -24.35 6.56
C LEU C 213 5.18 -23.50 5.96
N PHE C 214 4.18 -24.13 5.35
CA PHE C 214 3.05 -23.37 4.84
C PHE C 214 2.23 -22.77 5.98
N LEU C 215 1.93 -23.58 7.00
CA LEU C 215 1.17 -23.09 8.14
C LEU C 215 1.92 -21.98 8.87
N ARG C 216 3.25 -22.02 8.86
CA ARG C 216 4.02 -20.93 9.43
C ARG C 216 3.81 -19.64 8.65
N TRP C 217 3.79 -19.73 7.32
CA TRP C 217 3.56 -18.55 6.49
C TRP C 217 2.15 -18.01 6.66
N VAL C 218 1.18 -18.88 6.90
CA VAL C 218 -0.19 -18.42 7.19
C VAL C 218 -0.20 -17.57 8.44
N SER C 219 0.42 -18.05 9.51
CA SER C 219 0.45 -17.29 10.76
C SER C 219 1.17 -15.96 10.58
N THR C 220 2.21 -15.94 9.77
CA THR C 220 3.03 -14.75 9.62
C THR C 220 2.47 -13.76 8.61
N SER C 221 2.04 -14.24 7.43
CA SER C 221 1.70 -13.35 6.33
C SER C 221 0.25 -13.39 5.89
N CYS C 222 -0.56 -14.32 6.38
CA CYS C 222 -1.97 -14.33 6.01
C CYS C 222 -2.83 -14.88 7.14
N PRO C 223 -2.82 -14.25 8.32
CA PRO C 223 -3.50 -14.85 9.48
C PRO C 223 -5.00 -14.62 9.51
N ASP C 224 -5.51 -13.66 8.75
CA ASP C 224 -6.91 -13.27 8.84
C ASP C 224 -7.73 -13.74 7.64
N THR C 225 -7.24 -14.72 6.89
CA THR C 225 -8.05 -15.31 5.85
C THR C 225 -9.15 -16.17 6.46
N GLU C 226 -10.36 -16.06 5.89
CA GLU C 226 -11.49 -16.78 6.46
C GLU C 226 -11.34 -18.29 6.30
N PHE C 227 -10.94 -18.73 5.10
CA PHE C 227 -10.83 -20.15 4.83
C PHE C 227 -9.57 -20.43 4.02
N VAL C 228 -9.11 -21.67 4.10
CA VAL C 228 -7.91 -22.13 3.40
C VAL C 228 -8.24 -23.44 2.70
N PHE C 229 -7.86 -23.55 1.43
CA PHE C 229 -7.89 -24.80 0.70
C PHE C 229 -6.47 -25.19 0.33
N LYS C 230 -6.07 -26.40 0.72
CA LYS C 230 -4.75 -26.93 0.42
C LYS C 230 -4.91 -28.20 -0.41
N GLY C 231 -4.37 -28.19 -1.63
CA GLY C 231 -4.52 -29.32 -2.52
C GLY C 231 -3.31 -29.52 -3.41
N ASP C 232 -3.40 -30.52 -4.28
CA ASP C 232 -2.33 -30.83 -5.21
C ASP C 232 -2.53 -30.07 -6.52
N ASP C 233 -1.48 -30.06 -7.35
CA ASP C 233 -1.52 -29.37 -8.63
C ASP C 233 -1.97 -30.28 -9.77
N ASP C 234 -2.57 -31.42 -9.47
CA ASP C 234 -3.11 -32.33 -10.48
C ASP C 234 -4.58 -32.64 -10.26
N VAL C 235 -5.27 -31.89 -9.39
CA VAL C 235 -6.68 -32.10 -9.13
C VAL C 235 -7.48 -30.97 -9.77
N PHE C 236 -8.75 -31.25 -10.06
CA PHE C 236 -9.71 -30.23 -10.46
C PHE C 236 -10.55 -29.87 -9.24
N VAL C 237 -10.75 -28.57 -9.04
CA VAL C 237 -11.53 -28.05 -7.94
C VAL C 237 -12.71 -27.27 -8.51
N ASN C 238 -13.90 -27.51 -7.97
CA ASN C 238 -15.07 -26.70 -8.31
C ASN C 238 -15.13 -25.55 -7.32
N THR C 239 -14.37 -24.49 -7.62
CA THR C 239 -14.27 -23.36 -6.72
C THR C 239 -15.61 -22.65 -6.56
N HIS C 240 -16.43 -22.62 -7.61
CA HIS C 240 -17.76 -22.03 -7.51
C HIS C 240 -18.60 -22.77 -6.47
N HIS C 241 -18.54 -24.10 -6.47
CA HIS C 241 -19.30 -24.88 -5.51
C HIS C 241 -18.75 -24.71 -4.10
N ILE C 242 -17.42 -24.58 -3.97
CA ILE C 242 -16.81 -24.42 -2.65
C ILE C 242 -17.22 -23.09 -2.03
N LEU C 243 -17.28 -22.03 -2.83
CA LEU C 243 -17.65 -20.72 -2.31
C LEU C 243 -19.11 -20.70 -1.86
N ASN C 244 -19.99 -21.39 -2.60
CA ASN C 244 -21.38 -21.50 -2.17
C ASN C 244 -21.49 -22.22 -0.84
N TYR C 245 -20.69 -23.28 -0.66
CA TYR C 245 -20.70 -24.03 0.58
C TYR C 245 -20.14 -23.19 1.74
N LEU C 246 -19.02 -22.50 1.49
CA LEU C 246 -18.44 -21.65 2.53
C LEU C 246 -19.40 -20.56 2.95
N ASN C 247 -20.14 -19.99 1.99
CA ASN C 247 -21.06 -18.92 2.29
C ASN C 247 -22.36 -19.40 2.91
N SER C 248 -22.63 -20.69 2.90
CA SER C 248 -23.81 -21.22 3.57
C SER C 248 -23.54 -21.51 5.04
N LEU C 249 -22.27 -21.61 5.45
CA LEU C 249 -21.92 -22.07 6.78
C LEU C 249 -22.18 -20.98 7.83
N SER C 250 -22.68 -21.41 8.98
CA SER C 250 -22.81 -20.52 10.12
C SER C 250 -21.43 -20.28 10.74
N LYS C 251 -21.35 -19.30 11.63
CA LYS C 251 -20.09 -18.98 12.27
C LYS C 251 -19.65 -20.07 13.23
N THR C 252 -20.59 -20.85 13.76
CA THR C 252 -20.23 -21.97 14.62
C THR C 252 -19.62 -23.11 13.80
N LYS C 253 -20.30 -23.49 12.71
CA LYS C 253 -19.85 -24.59 11.88
C LYS C 253 -18.52 -24.27 11.20
N ALA C 254 -18.26 -23.00 10.91
CA ALA C 254 -17.09 -22.60 10.15
C ALA C 254 -15.84 -22.39 11.00
N LYS C 255 -15.99 -22.16 12.31
CA LYS C 255 -14.84 -21.81 13.13
C LYS C 255 -13.78 -22.90 13.12
N ASP C 256 -14.18 -24.17 13.20
CA ASP C 256 -13.23 -25.26 13.13
C ASP C 256 -13.60 -26.20 11.99
N LEU C 257 -13.85 -25.64 10.82
CA LEU C 257 -14.12 -26.43 9.63
C LEU C 257 -12.87 -27.19 9.22
N PHE C 258 -13.07 -28.46 8.83
CA PHE C 258 -12.00 -29.26 8.23
C PHE C 258 -12.69 -30.43 7.53
N ILE C 259 -12.79 -30.36 6.20
CA ILE C 259 -13.51 -31.37 5.44
C ILE C 259 -12.63 -31.89 4.31
N GLY C 260 -12.89 -33.14 3.94
CA GLY C 260 -12.16 -33.78 2.86
C GLY C 260 -12.55 -35.24 2.78
N ASP C 261 -11.77 -36.00 2.02
CA ASP C 261 -11.96 -37.44 1.91
C ASP C 261 -11.31 -38.10 3.12
N VAL C 262 -12.03 -38.06 4.24
CA VAL C 262 -11.48 -38.49 5.52
C VAL C 262 -11.52 -40.01 5.59
N ILE C 263 -10.36 -40.60 5.90
CA ILE C 263 -10.20 -42.05 5.99
C ILE C 263 -10.01 -42.40 7.45
N HIS C 264 -10.88 -43.26 7.96
CA HIS C 264 -10.80 -43.77 9.32
C HIS C 264 -10.29 -45.21 9.29
N ASN C 265 -9.67 -45.62 10.39
CA ASN C 265 -9.24 -47.01 10.62
C ASN C 265 -8.25 -47.46 9.53
N ALA C 266 -7.18 -46.70 9.42
CA ALA C 266 -6.15 -47.00 8.43
C ALA C 266 -4.81 -47.18 9.13
N GLY C 267 -3.92 -47.92 8.46
CA GLY C 267 -2.61 -48.21 8.97
C GLY C 267 -1.55 -48.04 7.90
N PRO C 268 -0.28 -48.12 8.31
CA PRO C 268 0.81 -47.99 7.34
C PRO C 268 0.88 -49.20 6.43
N HIS C 269 1.08 -48.96 5.14
CA HIS C 269 1.27 -50.04 4.18
C HIS C 269 2.61 -50.72 4.47
N ARG C 270 2.56 -52.04 4.70
CA ARG C 270 3.77 -52.80 4.97
C ARG C 270 4.39 -53.41 3.72
N ASP C 271 3.70 -53.36 2.59
CA ASP C 271 4.23 -53.86 1.33
C ASP C 271 5.35 -52.93 0.85
N LYS C 272 6.60 -53.42 0.89
CA LYS C 272 7.76 -52.61 0.54
C LYS C 272 7.71 -52.14 -0.92
N LYS C 273 6.74 -52.61 -1.69
CA LYS C 273 6.58 -52.22 -3.08
C LYS C 273 5.89 -50.87 -3.19
N LEU C 274 4.90 -50.62 -2.34
CA LEU C 274 3.96 -49.53 -2.54
C LEU C 274 4.60 -48.17 -2.26
N LYS C 275 3.99 -47.14 -2.84
CA LYS C 275 4.54 -45.78 -2.73
C LYS C 275 4.54 -45.31 -1.28
N TYR C 276 3.50 -45.65 -0.52
CA TYR C 276 3.36 -45.23 0.87
C TYR C 276 3.76 -46.32 1.85
N TYR C 277 4.74 -47.14 1.49
CA TYR C 277 5.25 -48.15 2.40
C TYR C 277 5.95 -47.51 3.59
N ILE C 278 5.68 -48.05 4.78
CA ILE C 278 6.33 -47.61 6.01
C ILE C 278 6.83 -48.86 6.74
N PRO C 279 8.13 -48.96 7.04
CA PRO C 279 8.63 -50.14 7.74
C PRO C 279 8.03 -50.27 9.13
N GLU C 280 8.10 -51.49 9.66
CA GLU C 280 7.56 -51.74 11.00
C GLU C 280 8.39 -51.05 12.08
N VAL C 281 9.70 -50.88 11.85
CA VAL C 281 10.56 -50.23 12.85
C VAL C 281 10.42 -48.73 12.85
N VAL C 282 9.67 -48.16 11.92
CA VAL C 282 9.46 -46.71 11.84
C VAL C 282 8.18 -46.29 12.53
N TYR C 283 7.06 -46.91 12.18
CA TYR C 283 5.77 -46.56 12.76
C TYR C 283 4.99 -47.83 13.07
N SER C 284 4.38 -47.85 14.26
CA SER C 284 3.56 -48.97 14.69
C SER C 284 2.15 -48.48 15.03
N GLY C 285 1.20 -49.39 14.95
CA GLY C 285 -0.18 -49.08 15.23
C GLY C 285 -0.92 -48.57 14.00
N LEU C 286 -2.01 -47.85 14.28
CA LEU C 286 -2.87 -47.31 13.23
C LEU C 286 -2.57 -45.84 13.00
N TYR C 287 -3.30 -45.26 12.08
CA TYR C 287 -3.28 -43.84 11.75
C TYR C 287 -4.51 -43.16 12.33
N PRO C 288 -4.38 -41.88 12.72
CA PRO C 288 -5.57 -41.11 13.11
C PRO C 288 -6.42 -40.82 11.89
N PRO C 289 -7.63 -40.30 12.08
CA PRO C 289 -8.42 -39.85 10.92
C PRO C 289 -7.68 -38.74 10.18
N TYR C 290 -7.66 -38.85 8.85
CA TYR C 290 -6.97 -37.87 8.03
C TYR C 290 -7.65 -37.76 6.67
N ALA C 291 -7.78 -36.54 6.18
CA ALA C 291 -8.29 -36.29 4.84
C ALA C 291 -7.13 -36.32 3.86
N GLY C 292 -7.17 -37.26 2.91
CA GLY C 292 -6.12 -37.35 1.91
C GLY C 292 -6.66 -37.25 0.51
N GLY C 293 -5.83 -37.57 -0.48
CA GLY C 293 -6.28 -37.65 -1.85
C GLY C 293 -6.25 -36.37 -2.64
N GLY C 294 -5.43 -35.39 -2.25
CA GLY C 294 -5.19 -34.23 -3.07
C GLY C 294 -5.91 -32.96 -2.69
N GLY C 295 -6.55 -32.91 -1.52
CA GLY C 295 -7.18 -31.67 -1.11
C GLY C 295 -8.10 -31.77 0.10
N PHE C 296 -8.11 -30.71 0.91
CA PHE C 296 -9.06 -30.58 2.01
C PHE C 296 -9.31 -29.10 2.25
N LEU C 297 -10.44 -28.81 2.88
CA LEU C 297 -10.91 -27.45 3.10
C LEU C 297 -11.06 -27.19 4.59
N TYR C 298 -10.52 -26.06 5.05
CA TYR C 298 -10.60 -25.72 6.47
C TYR C 298 -10.56 -24.20 6.61
N SER C 299 -10.73 -23.74 7.86
CA SER C 299 -10.83 -22.32 8.17
C SER C 299 -9.48 -21.75 8.59
N GLY C 300 -9.33 -20.44 8.41
CA GLY C 300 -8.11 -19.78 8.81
C GLY C 300 -7.89 -19.81 10.31
N HIS C 301 -8.97 -19.82 11.09
CA HIS C 301 -8.85 -19.97 12.54
C HIS C 301 -8.20 -21.30 12.90
N LEU C 302 -8.64 -22.38 12.26
CA LEU C 302 -8.03 -23.68 12.48
C LEU C 302 -6.60 -23.72 11.94
N ALA C 303 -6.32 -22.95 10.87
CA ALA C 303 -4.97 -22.88 10.36
C ALA C 303 -4.02 -22.30 11.40
N LEU C 304 -4.45 -21.27 12.12
CA LEU C 304 -3.63 -20.71 13.19
C LEU C 304 -3.44 -21.72 14.31
N ARG C 305 -4.49 -22.49 14.64
CA ARG C 305 -4.36 -23.51 15.66
C ARG C 305 -3.47 -24.65 15.21
N LEU C 306 -3.58 -25.03 13.93
CA LEU C 306 -2.79 -26.16 13.42
C LEU C 306 -1.30 -25.87 13.47
N TYR C 307 -0.90 -24.68 13.03
CA TYR C 307 0.52 -24.34 13.09
C TYR C 307 1.02 -24.29 14.53
N HIS C 308 0.19 -23.80 15.44
CA HIS C 308 0.59 -23.68 16.83
C HIS C 308 0.89 -25.04 17.45
N ILE C 309 0.22 -26.10 16.98
CA ILE C 309 0.41 -27.44 17.55
C ILE C 309 1.53 -28.22 16.87
N THR C 310 2.04 -27.75 15.73
CA THR C 310 3.01 -28.54 14.96
C THR C 310 4.32 -28.76 15.73
N ASP C 311 4.64 -27.90 16.69
CA ASP C 311 5.86 -28.11 17.48
C ASP C 311 5.78 -29.37 18.31
N GLN C 312 4.57 -29.82 18.65
CA GLN C 312 4.38 -30.95 19.55
C GLN C 312 4.20 -32.28 18.81
N VAL C 313 4.31 -32.29 17.49
CA VAL C 313 4.19 -33.51 16.69
C VAL C 313 5.41 -33.62 15.80
N HIS C 314 6.11 -34.75 15.89
CA HIS C 314 7.24 -34.99 15.00
C HIS C 314 6.78 -35.11 13.56
N LEU C 315 7.67 -34.75 12.64
CA LEU C 315 7.36 -34.88 11.22
C LEU C 315 7.14 -36.34 10.85
N TYR C 316 6.35 -36.56 9.80
CA TYR C 316 6.04 -37.89 9.33
C TYR C 316 6.27 -37.97 7.82
N PRO C 317 6.69 -39.13 7.30
CA PRO C 317 6.95 -39.24 5.86
C PRO C 317 5.73 -38.97 4.99
N ILE C 318 4.51 -39.06 5.52
CA ILE C 318 3.29 -38.83 4.76
C ILE C 318 2.61 -37.59 5.34
N ASP C 319 2.41 -36.58 4.50
CA ASP C 319 2.06 -35.25 5.02
C ASP C 319 0.63 -35.20 5.54
N ASP C 320 -0.34 -35.76 4.80
CA ASP C 320 -1.73 -35.69 5.23
C ASP C 320 -1.98 -36.51 6.49
N VAL C 321 -1.24 -37.61 6.67
CA VAL C 321 -1.29 -38.33 7.94
C VAL C 321 -0.80 -37.43 9.07
N TYR C 322 0.28 -36.67 8.80
CA TYR C 322 0.80 -35.74 9.81
C TYR C 322 -0.24 -34.69 10.17
N THR C 323 -0.95 -34.16 9.17
CA THR C 323 -2.01 -33.20 9.45
C THR C 323 -3.10 -33.83 10.31
N GLY C 324 -3.40 -35.10 10.07
CA GLY C 324 -4.36 -35.79 10.92
C GLY C 324 -3.87 -35.94 12.35
N MET C 325 -2.56 -36.16 12.52
CA MET C 325 -2.00 -36.22 13.86
C MET C 325 -2.12 -34.88 14.58
N CYS C 326 -1.90 -33.77 13.84
CA CYS C 326 -2.05 -32.45 14.44
C CYS C 326 -3.50 -32.19 14.85
N LEU C 327 -4.45 -32.65 14.02
CA LEU C 327 -5.86 -32.51 14.38
C LEU C 327 -6.20 -33.34 15.60
N GLN C 328 -5.64 -34.55 15.69
CA GLN C 328 -5.89 -35.40 16.85
C GLN C 328 -5.38 -34.76 18.13
N LYS C 329 -4.21 -34.13 18.08
CA LYS C 329 -3.65 -33.50 19.26
C LYS C 329 -4.40 -32.24 19.66
N LEU C 330 -5.09 -31.59 18.71
CA LEU C 330 -5.92 -30.45 19.03
C LEU C 330 -7.29 -30.84 19.57
N GLY C 331 -7.64 -32.12 19.52
CA GLY C 331 -8.94 -32.57 20.00
C GLY C 331 -10.05 -32.49 18.97
N LEU C 332 -9.71 -32.48 17.68
CA LEU C 332 -10.69 -32.35 16.61
C LEU C 332 -10.63 -33.57 15.69
N VAL C 333 -11.71 -33.76 14.94
CA VAL C 333 -11.79 -34.85 13.98
C VAL C 333 -12.20 -34.28 12.62
N PRO C 334 -11.46 -34.56 11.55
CA PRO C 334 -11.86 -34.05 10.23
C PRO C 334 -13.14 -34.71 9.75
N GLU C 335 -14.00 -33.91 9.12
CA GLU C 335 -15.30 -34.38 8.67
C GLU C 335 -15.23 -34.87 7.24
N LYS C 336 -15.85 -36.03 6.99
CA LYS C 336 -15.89 -36.60 5.65
C LYS C 336 -16.95 -35.90 4.81
N HIS C 337 -16.56 -35.44 3.63
CA HIS C 337 -17.45 -34.78 2.68
C HIS C 337 -17.43 -35.55 1.37
N LYS C 338 -18.62 -35.80 0.80
CA LYS C 338 -18.71 -36.64 -0.38
C LYS C 338 -18.13 -35.99 -1.61
N GLY C 339 -18.14 -34.66 -1.68
CA GLY C 339 -17.62 -33.95 -2.84
C GLY C 339 -16.14 -34.09 -3.07
N PHE C 340 -15.44 -34.88 -2.26
CA PHE C 340 -14.00 -35.06 -2.39
C PHE C 340 -13.73 -36.41 -3.04
N ARG C 341 -13.80 -36.41 -4.38
CA ARG C 341 -13.65 -37.63 -5.18
C ARG C 341 -12.18 -37.82 -5.50
N THR C 342 -11.45 -38.35 -4.53
CA THR C 342 -10.00 -38.48 -4.63
C THR C 342 -9.56 -39.73 -5.38
N PHE C 343 -10.49 -40.58 -5.78
CA PHE C 343 -10.21 -41.71 -6.65
C PHE C 343 -11.00 -41.61 -7.95
N ASP C 344 -11.26 -40.38 -8.36
CA ASP C 344 -11.95 -40.04 -9.61
C ASP C 344 -13.42 -40.42 -9.58
N ILE C 345 -14.14 -40.03 -10.63
CA ILE C 345 -15.50 -40.44 -10.84
C ILE C 345 -15.48 -41.56 -11.86
N GLU C 346 -16.60 -42.26 -12.01
CA GLU C 346 -16.61 -43.41 -12.90
C GLU C 346 -16.58 -42.95 -14.35
N GLU C 347 -15.89 -43.73 -15.20
CA GLU C 347 -15.57 -43.34 -16.57
C GLU C 347 -16.81 -43.07 -17.41
N LYS C 348 -18.00 -43.42 -16.94
CA LYS C 348 -19.23 -43.07 -17.62
C LYS C 348 -19.55 -41.58 -17.49
N ASN C 349 -18.90 -40.87 -16.59
CA ASN C 349 -19.28 -39.52 -16.21
C ASN C 349 -18.39 -38.44 -16.81
N LYS C 350 -17.21 -38.80 -17.32
CA LYS C 350 -16.21 -37.78 -17.67
C LYS C 350 -16.68 -36.88 -18.79
N ASN C 351 -17.49 -37.39 -19.71
CA ASN C 351 -18.01 -36.55 -20.78
C ASN C 351 -19.09 -35.60 -20.28
N ASN C 352 -19.86 -36.03 -19.29
CA ASN C 352 -21.00 -35.25 -18.79
C ASN C 352 -20.51 -34.26 -17.75
N ILE C 353 -20.58 -32.96 -18.09
CA ILE C 353 -20.17 -31.91 -17.17
C ILE C 353 -21.07 -31.82 -15.95
N CYS C 354 -22.24 -32.48 -15.98
CA CYS C 354 -23.11 -32.48 -14.81
C CYS C 354 -22.46 -33.15 -13.61
N SER C 355 -21.54 -34.09 -13.85
CA SER C 355 -20.89 -34.79 -12.75
C SER C 355 -20.03 -33.86 -11.91
N TYR C 356 -19.54 -32.77 -12.50
CA TYR C 356 -18.67 -31.82 -11.82
C TYR C 356 -19.42 -30.75 -11.06
N VAL C 357 -20.76 -30.70 -11.17
CA VAL C 357 -21.52 -29.65 -10.50
C VAL C 357 -21.68 -29.96 -9.02
N ASP C 358 -21.90 -31.24 -8.68
CA ASP C 358 -22.14 -31.61 -7.29
C ASP C 358 -20.85 -31.81 -6.49
N LEU C 359 -19.72 -31.98 -7.16
CA LEU C 359 -18.48 -32.26 -6.45
C LEU C 359 -17.70 -30.97 -6.18
N MET C 360 -16.75 -31.08 -5.25
CA MET C 360 -15.81 -30.01 -4.96
C MET C 360 -14.41 -30.30 -5.45
N LEU C 361 -14.06 -31.56 -5.69
CA LEU C 361 -12.69 -31.97 -5.97
C LEU C 361 -12.72 -33.31 -6.66
N VAL C 362 -11.89 -33.46 -7.69
CA VAL C 362 -11.75 -34.74 -8.39
C VAL C 362 -10.29 -34.92 -8.79
N HIS C 363 -9.78 -36.12 -8.56
CA HIS C 363 -8.37 -36.44 -8.80
C HIS C 363 -8.29 -37.66 -9.73
N SER C 364 -7.52 -37.55 -10.82
CA SER C 364 -6.71 -36.38 -11.13
C SER C 364 -6.99 -35.89 -12.55
N ARG C 365 -6.46 -34.70 -12.89
CA ARG C 365 -6.66 -34.12 -14.20
C ARG C 365 -5.38 -33.46 -14.67
N LYS C 366 -5.20 -33.40 -15.98
CA LYS C 366 -4.05 -32.77 -16.61
C LYS C 366 -4.34 -31.33 -16.95
N PRO C 367 -3.32 -30.52 -17.25
CA PRO C 367 -3.55 -29.09 -17.51
C PRO C 367 -4.63 -28.79 -18.55
N GLN C 368 -4.61 -29.48 -19.69
CA GLN C 368 -5.64 -29.26 -20.70
C GLN C 368 -7.01 -29.64 -20.19
N GLU C 369 -7.09 -30.64 -19.32
CA GLU C 369 -8.39 -31.10 -18.82
C GLU C 369 -8.96 -30.10 -17.82
N MET C 370 -8.12 -29.49 -16.99
CA MET C 370 -8.59 -28.46 -16.07
C MET C 370 -9.24 -27.30 -16.83
N ILE C 371 -8.55 -26.81 -17.87
CA ILE C 371 -9.07 -25.69 -18.65
C ILE C 371 -10.35 -26.09 -19.37
N ASP C 372 -10.42 -27.33 -19.86
CA ASP C 372 -11.58 -27.77 -20.62
C ASP C 372 -12.80 -27.93 -19.70
N ILE C 373 -12.63 -28.60 -18.57
CA ILE C 373 -13.74 -28.81 -17.64
C ILE C 373 -14.23 -27.48 -17.08
N TRP C 374 -13.31 -26.54 -16.84
CA TRP C 374 -13.70 -25.26 -16.26
C TRP C 374 -14.54 -24.44 -17.24
N SER C 375 -14.17 -24.45 -18.52
CA SER C 375 -14.94 -23.69 -19.51
C SER C 375 -16.33 -24.29 -19.71
N GLN C 376 -16.44 -25.62 -19.70
CA GLN C 376 -17.74 -26.26 -19.82
C GLN C 376 -18.60 -26.00 -18.59
N LEU C 377 -17.97 -25.87 -17.42
CA LEU C 377 -18.73 -25.71 -16.18
C LEU C 377 -19.42 -24.35 -16.09
N GLN C 378 -18.95 -23.35 -16.85
CA GLN C 378 -19.58 -22.03 -16.81
C GLN C 378 -21.00 -22.08 -17.35
N SER C 379 -21.29 -23.00 -18.28
CA SER C 379 -22.61 -23.11 -18.90
C SER C 379 -23.26 -24.45 -18.61
N ALA C 380 -22.97 -25.03 -17.44
CA ALA C 380 -23.60 -26.29 -17.06
C ALA C 380 -24.96 -26.10 -16.42
N HIS C 381 -25.30 -24.89 -16.00
CA HIS C 381 -26.58 -24.66 -15.34
C HIS C 381 -27.76 -24.78 -16.30
N LEU C 382 -27.53 -24.51 -17.59
CA LEU C 382 -28.59 -24.58 -18.58
C LEU C 382 -28.72 -25.96 -19.22
N LYS C 383 -28.01 -26.96 -18.69
CA LYS C 383 -28.11 -28.31 -19.21
C LYS C 383 -28.12 -29.39 -18.13
N CYS C 384 -27.82 -29.05 -16.89
CA CYS C 384 -27.73 -30.08 -15.85
C CYS C 384 -28.71 -29.81 -14.72
N GLU D 43 -13.99 1.99 49.38
CA GLU D 43 -13.78 1.09 48.25
C GLU D 43 -13.66 1.88 46.96
N ALA D 44 -14.81 2.25 46.38
CA ALA D 44 -14.81 2.96 45.12
C ALA D 44 -14.30 4.38 45.33
N TYR D 45 -13.40 4.81 44.44
CA TYR D 45 -12.64 6.03 44.67
C TYR D 45 -13.55 7.26 44.72
N TRP D 46 -14.47 7.37 43.77
CA TRP D 46 -15.40 8.51 43.78
C TRP D 46 -16.27 8.49 45.03
N ASN D 47 -16.64 7.29 45.49
CA ASN D 47 -17.53 7.18 46.65
C ASN D 47 -16.86 7.66 47.92
N ARG D 48 -15.54 7.48 48.05
CA ARG D 48 -14.85 7.91 49.25
C ARG D 48 -14.34 9.34 49.17
N GLU D 49 -14.08 9.84 47.96
CA GLU D 49 -13.73 11.26 47.82
C GLU D 49 -14.95 12.15 47.98
N GLN D 50 -16.13 11.67 47.59
CA GLN D 50 -17.35 12.41 47.87
C GLN D 50 -17.62 12.48 49.36
N GLU D 51 -17.37 11.39 50.08
CA GLU D 51 -17.57 11.40 51.53
C GLU D 51 -16.60 12.36 52.21
N LYS D 52 -15.36 12.41 51.74
CA LYS D 52 -14.41 13.40 52.25
C LYS D 52 -14.90 14.82 51.97
N LEU D 53 -15.41 15.06 50.76
CA LEU D 53 -15.89 16.39 50.41
C LEU D 53 -17.09 16.79 51.26
N ASN D 54 -17.93 15.82 51.64
CA ASN D 54 -19.07 16.13 52.50
C ASN D 54 -18.62 16.64 53.86
N ARG D 55 -17.47 16.17 54.36
CA ARG D 55 -16.99 16.64 55.65
C ARG D 55 -16.48 18.07 55.56
N GLN D 56 -15.89 18.47 54.44
CA GLN D 56 -15.40 19.83 54.28
C GLN D 56 -16.52 20.85 54.09
N TYR D 57 -17.74 20.41 53.79
CA TYR D 57 -18.89 21.29 53.70
C TYR D 57 -19.83 21.17 54.89
N ASN D 58 -19.50 20.32 55.87
CA ASN D 58 -20.16 20.31 57.17
C ASN D 58 -19.07 20.52 58.21
N PRO D 59 -18.59 21.76 58.37
CA PRO D 59 -17.50 22.00 59.31
C PRO D 59 -18.00 21.91 60.75
N ILE D 60 -17.04 21.82 61.66
CA ILE D 60 -17.37 21.76 63.09
C ILE D 60 -17.64 23.16 63.60
N LEU D 61 -18.70 23.30 64.40
CA LEU D 61 -19.22 24.58 64.86
C LEU D 61 -19.80 25.37 63.69
N SER D 78 -7.25 22.81 46.43
CA SER D 78 -8.50 22.29 46.98
C SER D 78 -9.00 21.10 46.16
N HIS D 79 -10.29 21.13 45.83
CA HIS D 79 -10.88 20.21 44.87
C HIS D 79 -11.40 20.96 43.65
N LEU D 80 -11.06 22.25 43.52
CA LEU D 80 -11.53 23.10 42.43
C LEU D 80 -10.43 23.92 41.77
N ASN D 81 -9.24 24.03 42.39
CA ASN D 81 -8.15 24.83 41.83
C ASN D 81 -6.81 24.14 41.99
N TYR D 82 -6.80 22.81 42.15
CA TYR D 82 -5.57 22.03 42.27
C TYR D 82 -5.33 21.36 40.93
N CYS D 83 -4.69 22.09 40.03
CA CYS D 83 -4.50 21.67 38.64
C CYS D 83 -3.16 20.99 38.42
N GLU D 84 -2.76 20.13 39.35
CA GLU D 84 -1.57 19.29 39.23
C GLU D 84 -1.99 17.82 39.22
N PRO D 85 -1.21 16.96 38.55
CA PRO D 85 -1.55 15.53 38.56
C PRO D 85 -1.55 14.95 39.96
N ASP D 86 -2.74 14.63 40.48
CA ASP D 86 -2.85 14.07 41.83
C ASP D 86 -2.27 12.66 41.82
N LEU D 87 -1.02 12.54 42.24
CA LEU D 87 -0.28 11.29 42.14
C LEU D 87 -0.64 10.28 43.23
N ARG D 88 -1.55 10.62 44.16
CA ARG D 88 -2.03 9.62 45.11
C ARG D 88 -2.83 8.53 44.42
N VAL D 89 -3.53 8.91 43.35
CA VAL D 89 -4.48 8.01 42.71
C VAL D 89 -3.78 6.75 42.22
N THR D 90 -2.52 6.87 41.82
CA THR D 90 -1.77 5.70 41.34
C THR D 90 -1.62 4.62 42.39
N SER D 91 -1.71 4.98 43.67
CA SER D 91 -1.48 4.04 44.76
C SER D 91 -2.76 3.60 45.46
N VAL D 92 -3.88 4.29 45.24
CA VAL D 92 -5.12 4.00 45.96
C VAL D 92 -6.17 3.33 45.10
N VAL D 93 -6.01 3.30 43.78
CA VAL D 93 -6.96 2.69 42.87
C VAL D 93 -6.37 1.40 42.35
N THR D 94 -7.08 0.30 42.57
CA THR D 94 -6.57 -1.03 42.19
C THR D 94 -6.45 -1.14 40.68
N GLY D 95 -5.24 -1.40 40.21
CA GLY D 95 -5.00 -1.53 38.78
C GLY D 95 -5.13 -0.24 38.01
N PHE D 96 -4.56 0.84 38.51
CA PHE D 96 -4.71 2.15 37.85
C PHE D 96 -4.05 2.16 36.48
N ASN D 97 -2.83 1.62 36.38
CA ASN D 97 -2.09 1.71 35.13
C ASN D 97 -2.65 0.82 34.03
N ASN D 98 -3.53 -0.12 34.35
CA ASN D 98 -4.19 -0.93 33.34
C ASN D 98 -5.62 -0.46 33.06
N LEU D 99 -5.99 0.71 33.57
CA LEU D 99 -7.26 1.32 33.23
C LEU D 99 -7.14 2.07 31.91
N PRO D 100 -8.25 2.27 31.20
CA PRO D 100 -8.21 3.10 29.99
C PRO D 100 -7.68 4.49 30.30
N ASP D 101 -7.04 5.10 29.28
CA ASP D 101 -6.39 6.39 29.50
C ASP D 101 -7.39 7.48 29.89
N ARG D 102 -8.64 7.35 29.46
CA ARG D 102 -9.63 8.35 29.84
C ARG D 102 -9.91 8.32 31.35
N PHE D 103 -9.80 7.15 31.97
CA PHE D 103 -9.97 7.07 33.42
C PHE D 103 -8.75 7.58 34.17
N LYS D 104 -7.56 7.43 33.58
CA LYS D 104 -6.36 8.00 34.21
C LYS D 104 -6.44 9.52 34.23
N ASP D 105 -6.71 10.14 33.08
CA ASP D 105 -6.78 11.59 33.02
C ASP D 105 -7.91 12.13 33.89
N PHE D 106 -9.04 11.42 33.95
CA PHE D 106 -10.13 11.87 34.80
C PHE D 106 -9.76 11.79 36.28
N LEU D 107 -8.97 10.79 36.66
CA LEU D 107 -8.62 10.61 38.06
C LEU D 107 -7.50 11.56 38.49
N LEU D 108 -6.54 11.81 37.60
CA LEU D 108 -5.39 12.63 37.98
C LEU D 108 -5.76 14.10 38.09
N TYR D 109 -6.54 14.61 37.14
CA TYR D 109 -6.88 16.03 37.08
C TYR D 109 -8.31 16.30 37.52
N LEU D 110 -8.82 15.48 38.45
CA LEU D 110 -10.19 15.64 38.93
C LEU D 110 -10.36 16.92 39.75
N ARG D 111 -9.30 17.40 40.38
CA ARG D 111 -9.37 18.50 41.33
C ARG D 111 -9.28 19.88 40.69
N CYS D 112 -9.33 19.96 39.36
CA CYS D 112 -9.13 21.21 38.64
C CYS D 112 -10.38 21.54 37.83
N ARG D 113 -10.98 22.70 38.12
CA ARG D 113 -12.10 23.16 37.30
C ARG D 113 -12.19 24.70 37.27
N ASN D 114 -11.07 25.38 37.48
CA ASN D 114 -11.01 26.83 37.34
C ASN D 114 -10.44 27.22 35.98
N TYR D 115 -11.08 26.70 34.93
CA TYR D 115 -10.66 26.97 33.57
C TYR D 115 -11.27 28.27 33.07
N SER D 116 -10.54 28.95 32.20
CA SER D 116 -10.85 30.31 31.80
C SER D 116 -11.60 30.33 30.47
N LEU D 117 -12.32 31.43 30.25
CA LEU D 117 -13.05 31.65 29.00
C LEU D 117 -12.09 32.19 27.94
N LEU D 118 -11.90 31.44 26.86
CA LEU D 118 -11.09 31.91 25.75
C LEU D 118 -11.90 32.70 24.73
N ILE D 119 -13.16 32.31 24.51
CA ILE D 119 -14.06 33.00 23.60
C ILE D 119 -15.37 33.24 24.34
N ASP D 120 -15.78 34.51 24.45
CA ASP D 120 -16.94 34.87 25.22
C ASP D 120 -17.88 35.74 24.39
N GLN D 121 -19.16 35.72 24.77
CA GLN D 121 -20.18 36.59 24.20
C GLN D 121 -20.83 37.32 25.37
N PRO D 122 -20.19 38.40 25.85
CA PRO D 122 -20.60 38.98 27.15
C PRO D 122 -22.03 39.50 27.18
N ASP D 123 -22.49 40.14 26.12
CA ASP D 123 -23.85 40.68 26.08
C ASP D 123 -24.84 39.71 25.46
N LYS D 124 -24.55 38.41 25.48
CA LYS D 124 -25.49 37.41 24.99
C LYS D 124 -26.84 37.56 25.68
N CYS D 125 -26.83 37.85 26.97
CA CYS D 125 -28.05 38.05 27.75
C CYS D 125 -28.14 39.49 28.26
N ALA D 126 -27.73 40.44 27.41
CA ALA D 126 -27.93 41.85 27.74
C ALA D 126 -29.41 42.16 27.92
N LYS D 127 -30.24 41.67 27.00
CA LYS D 127 -31.68 41.65 27.20
C LYS D 127 -32.08 40.35 27.88
N LYS D 128 -32.99 40.45 28.83
CA LYS D 128 -33.40 39.30 29.63
C LYS D 128 -33.99 38.22 28.72
N PRO D 129 -33.40 37.04 28.66
CA PRO D 129 -33.93 35.98 27.79
C PRO D 129 -35.03 35.20 28.47
N PHE D 130 -36.01 34.78 27.67
CA PHE D 130 -37.01 33.84 28.15
C PHE D 130 -36.52 32.39 28.05
N LEU D 131 -35.73 32.10 27.03
CA LEU D 131 -35.18 30.75 26.82
C LEU D 131 -33.74 30.88 26.37
N LEU D 132 -32.83 30.24 27.09
CA LEU D 132 -31.43 30.17 26.70
C LEU D 132 -31.15 28.81 26.08
N LEU D 133 -30.76 28.81 24.80
CA LEU D 133 -30.41 27.59 24.10
C LEU D 133 -28.89 27.40 24.18
N ALA D 134 -28.46 26.37 24.90
CA ALA D 134 -27.05 26.06 25.09
C ALA D 134 -26.77 24.69 24.49
N ILE D 135 -26.00 24.64 23.42
CA ILE D 135 -25.78 23.43 22.65
C ILE D 135 -24.33 23.00 22.83
N LYS D 136 -24.12 21.76 23.27
CA LYS D 136 -22.79 21.20 23.38
C LYS D 136 -22.29 20.80 21.99
N SER D 137 -21.06 21.20 21.67
CA SER D 137 -20.54 20.98 20.34
C SER D 137 -19.03 20.79 20.39
N LEU D 138 -18.47 20.40 19.25
CA LEU D 138 -17.04 20.20 19.07
C LEU D 138 -16.54 21.15 18.01
N THR D 139 -15.27 21.56 18.15
CA THR D 139 -14.64 22.49 17.20
C THR D 139 -14.92 22.18 15.74
N PRO D 140 -14.72 20.95 15.23
CA PRO D 140 -14.92 20.72 13.80
C PRO D 140 -16.37 20.56 13.37
N HIS D 141 -17.34 20.67 14.29
CA HIS D 141 -18.74 20.48 13.94
C HIS D 141 -19.36 21.76 13.36
N PHE D 142 -18.69 22.36 12.36
CA PHE D 142 -19.19 23.61 11.79
C PHE D 142 -20.55 23.42 11.13
N ALA D 143 -20.73 22.31 10.41
CA ALA D 143 -21.99 22.09 9.71
C ALA D 143 -23.14 21.88 10.70
N ARG D 144 -22.87 21.19 11.81
CA ARG D 144 -23.92 20.98 12.81
C ARG D 144 -24.37 22.29 13.42
N ARG D 145 -23.41 23.16 13.79
CA ARG D 145 -23.76 24.43 14.41
C ARG D 145 -24.51 25.33 13.45
N GLN D 146 -24.09 25.37 12.19
CA GLN D 146 -24.73 26.25 11.22
C GLN D 146 -26.16 25.80 10.93
N ALA D 147 -26.40 24.50 10.86
CA ALA D 147 -27.75 24.00 10.64
C ALA D 147 -28.67 24.36 11.79
N ILE D 148 -28.15 24.37 13.02
CA ILE D 148 -28.96 24.75 14.17
C ILE D 148 -29.28 26.24 14.13
N ARG D 149 -28.31 27.07 13.70
CA ARG D 149 -28.57 28.50 13.56
C ARG D 149 -29.66 28.78 12.55
N GLU D 150 -29.77 27.96 11.51
CA GLU D 150 -30.74 28.19 10.45
C GLU D 150 -32.10 27.56 10.73
N SER D 151 -32.17 26.58 11.64
CA SER D 151 -33.38 25.80 11.82
C SER D 151 -33.98 26.14 13.19
N TRP D 152 -33.70 25.37 14.23
CA TRP D 152 -34.40 25.53 15.50
C TRP D 152 -33.65 26.38 16.52
N GLY D 153 -32.41 26.78 16.23
CA GLY D 153 -31.66 27.58 17.17
C GLY D 153 -31.61 29.05 16.83
N GLN D 154 -32.65 29.54 16.17
CA GLN D 154 -32.70 30.95 15.79
C GLN D 154 -32.86 31.83 17.01
N GLU D 155 -32.08 32.90 17.09
CA GLU D 155 -32.35 33.93 18.07
C GLU D 155 -33.63 34.66 17.70
N SER D 156 -34.51 34.86 18.67
CA SER D 156 -35.84 35.38 18.39
C SER D 156 -36.25 36.36 19.48
N ASN D 157 -37.29 37.15 19.19
CA ASN D 157 -37.84 38.11 20.12
C ASN D 157 -39.36 38.16 20.05
N ALA D 158 -40.00 37.17 19.44
CA ALA D 158 -41.44 37.21 19.21
C ALA D 158 -42.21 37.21 20.53
N GLY D 159 -43.26 38.02 20.58
CA GLY D 159 -44.12 38.07 21.76
C GLY D 159 -43.43 38.53 23.01
N ASN D 160 -42.43 39.40 22.89
CA ASN D 160 -41.67 39.93 24.04
C ASN D 160 -41.03 38.78 24.82
N GLN D 161 -40.43 37.84 24.10
CA GLN D 161 -39.77 36.68 24.70
C GLN D 161 -38.48 36.41 23.92
N THR D 162 -37.36 36.83 24.49
CA THR D 162 -36.07 36.71 23.81
C THR D 162 -35.58 35.26 23.86
N VAL D 163 -35.13 34.76 22.72
CA VAL D 163 -34.47 33.47 22.62
C VAL D 163 -33.03 33.72 22.18
N VAL D 164 -32.08 33.22 22.96
CA VAL D 164 -30.66 33.39 22.68
C VAL D 164 -30.01 32.01 22.58
N ARG D 165 -28.91 31.96 21.84
CA ARG D 165 -28.24 30.69 21.54
C ARG D 165 -26.75 30.81 21.80
N VAL D 166 -26.19 29.81 22.46
CA VAL D 166 -24.75 29.70 22.66
C VAL D 166 -24.33 28.26 22.36
N PHE D 167 -23.09 28.09 21.93
CA PHE D 167 -22.48 26.78 21.73
C PHE D 167 -21.38 26.57 22.76
N LEU D 168 -21.35 25.38 23.36
CA LEU D 168 -20.43 25.05 24.44
C LEU D 168 -19.28 24.23 23.87
N LEU D 169 -18.09 24.82 23.82
CA LEU D 169 -16.92 24.18 23.24
C LEU D 169 -15.76 24.19 24.22
N GLY D 170 -14.94 23.15 24.14
CA GLY D 170 -13.65 23.11 24.77
C GLY D 170 -12.52 23.27 23.76
N GLN D 171 -11.35 22.77 24.13
CA GLN D 171 -10.19 22.82 23.27
C GLN D 171 -9.99 21.50 22.54
N THR D 172 -9.70 21.58 21.25
CA THR D 172 -9.21 20.45 20.48
C THR D 172 -7.73 20.68 20.21
N PRO D 173 -6.86 20.40 21.17
CA PRO D 173 -5.48 20.89 21.10
C PRO D 173 -4.66 20.07 20.12
N PRO D 174 -3.58 20.65 19.58
CA PRO D 174 -2.70 19.87 18.70
C PRO D 174 -1.98 18.73 19.41
N GLU D 175 -1.90 18.78 20.74
CA GLU D 175 -1.28 17.69 21.49
C GLU D 175 -2.02 16.37 21.30
N ASP D 176 -3.31 16.42 20.96
CA ASP D 176 -4.09 15.23 20.67
C ASP D 176 -4.29 15.02 19.17
N ASN D 177 -3.36 15.49 18.36
CA ASN D 177 -3.33 15.26 16.91
C ASN D 177 -4.55 15.89 16.21
N HIS D 178 -5.12 16.94 16.80
CA HIS D 178 -6.24 17.58 16.12
C HIS D 178 -5.73 18.54 15.05
N PRO D 179 -6.43 18.66 13.92
CA PRO D 179 -6.08 19.70 12.95
C PRO D 179 -6.36 21.07 13.53
N ASP D 180 -5.48 22.02 13.21
CA ASP D 180 -5.61 23.39 13.72
C ASP D 180 -6.75 24.09 12.98
N LEU D 181 -7.89 24.26 13.67
CA LEU D 181 -9.04 24.97 13.14
C LEU D 181 -9.31 26.27 13.87
N SER D 182 -8.29 26.84 14.54
CA SER D 182 -8.52 28.00 15.39
C SER D 182 -8.96 29.21 14.58
N ASP D 183 -8.39 29.40 13.38
CA ASP D 183 -8.74 30.56 12.58
C ASP D 183 -10.17 30.45 12.04
N MET D 184 -10.59 29.24 11.66
CA MET D 184 -11.97 29.04 11.25
C MET D 184 -12.92 29.26 12.42
N LEU D 185 -12.50 28.84 13.63
CA LEU D 185 -13.35 28.99 14.81
C LEU D 185 -13.49 30.46 15.20
N LYS D 186 -12.39 31.22 15.13
CA LYS D 186 -12.48 32.65 15.40
C LYS D 186 -13.32 33.36 14.34
N PHE D 187 -13.20 32.94 13.08
CA PHE D 187 -14.04 33.49 12.03
C PHE D 187 -15.52 33.20 12.31
N GLU D 188 -15.83 31.96 12.70
CA GLU D 188 -17.20 31.61 13.02
C GLU D 188 -17.70 32.37 14.25
N SER D 189 -16.82 32.60 15.22
CA SER D 189 -17.22 33.35 16.41
C SER D 189 -17.53 34.80 16.07
N GLU D 190 -16.70 35.44 15.24
CA GLU D 190 -16.92 36.83 14.88
C GLU D 190 -18.21 37.01 14.09
N LYS D 191 -18.54 36.06 13.21
CA LYS D 191 -19.66 36.24 12.31
C LYS D 191 -21.00 36.00 13.01
N HIS D 192 -21.05 35.02 13.92
CA HIS D 192 -22.32 34.60 14.50
C HIS D 192 -22.47 34.93 15.99
N GLN D 193 -21.38 35.18 16.70
CA GLN D 193 -21.43 35.69 18.08
C GLN D 193 -22.14 34.72 19.02
N ASP D 194 -21.91 33.41 18.82
CA ASP D 194 -22.60 32.43 19.66
C ASP D 194 -21.66 31.32 20.14
N ILE D 195 -20.35 31.57 20.21
CA ILE D 195 -19.37 30.57 20.62
C ILE D 195 -18.91 30.90 22.04
N LEU D 196 -18.97 29.91 22.92
CA LEU D 196 -18.37 29.98 24.25
C LEU D 196 -17.34 28.87 24.35
N MET D 197 -16.08 29.25 24.52
CA MET D 197 -14.98 28.28 24.50
C MET D 197 -14.09 28.47 25.72
N TRP D 198 -13.86 27.37 26.44
CA TRP D 198 -13.00 27.36 27.61
C TRP D 198 -11.68 26.66 27.27
N ASN D 199 -10.69 26.85 28.15
CA ASN D 199 -9.34 26.33 27.91
C ASN D 199 -9.12 24.98 28.58
N TYR D 200 -10.01 24.02 28.31
CA TYR D 200 -9.85 22.66 28.79
C TYR D 200 -9.98 21.70 27.61
N ARG D 201 -9.44 20.50 27.79
CA ARG D 201 -9.47 19.48 26.74
C ARG D 201 -10.89 18.93 26.61
N ASP D 202 -11.52 19.20 25.45
CA ASP D 202 -12.90 18.80 25.20
C ASP D 202 -12.92 17.32 24.83
N THR D 203 -13.14 16.47 25.83
CA THR D 203 -13.20 15.03 25.63
C THR D 203 -14.51 14.48 26.18
N PHE D 204 -14.70 13.18 26.00
CA PHE D 204 -15.94 12.54 26.43
C PHE D 204 -16.06 12.51 27.95
N PHE D 205 -14.96 12.29 28.67
CA PHE D 205 -15.01 12.23 30.12
C PHE D 205 -14.91 13.60 30.78
N ASN D 206 -14.68 14.66 30.01
CA ASN D 206 -14.64 16.02 30.54
C ASN D 206 -15.95 16.76 30.34
N LEU D 207 -17.01 16.07 29.91
CA LEU D 207 -18.29 16.74 29.70
C LEU D 207 -18.89 17.25 31.00
N SER D 208 -18.46 16.72 32.15
CA SER D 208 -18.90 17.29 33.42
C SER D 208 -18.31 18.68 33.62
N LEU D 209 -17.07 18.88 33.19
CA LEU D 209 -16.51 20.24 33.15
C LEU D 209 -17.36 21.14 32.28
N LYS D 210 -17.74 20.66 31.10
CA LYS D 210 -18.60 21.44 30.21
C LYS D 210 -19.92 21.79 30.89
N GLU D 211 -20.42 20.91 31.75
CA GLU D 211 -21.64 21.21 32.50
C GLU D 211 -21.38 22.25 33.58
N VAL D 212 -20.32 22.05 34.38
CA VAL D 212 -20.03 22.97 35.47
C VAL D 212 -19.64 24.34 34.93
N LEU D 213 -18.75 24.37 33.93
CA LEU D 213 -18.31 25.65 33.38
C LEU D 213 -19.46 26.41 32.72
N PHE D 214 -20.43 25.68 32.16
CA PHE D 214 -21.59 26.35 31.58
C PHE D 214 -22.48 26.95 32.67
N LEU D 215 -22.70 26.20 33.75
CA LEU D 215 -23.50 26.73 34.85
C LEU D 215 -22.84 27.96 35.49
N ARG D 216 -21.51 27.99 35.54
CA ARG D 216 -20.81 29.17 36.03
C ARG D 216 -21.07 30.36 35.12
N TRP D 217 -20.99 30.17 33.81
CA TRP D 217 -21.25 31.25 32.88
C TRP D 217 -22.69 31.74 32.98
N VAL D 218 -23.63 30.81 33.21
CA VAL D 218 -25.01 31.20 33.45
C VAL D 218 -25.10 32.04 34.72
N SER D 219 -24.40 31.61 35.78
CA SER D 219 -24.46 32.34 37.04
C SER D 219 -23.78 33.69 36.96
N THR D 220 -22.88 33.89 35.99
CA THR D 220 -22.15 35.15 35.85
C THR D 220 -22.74 36.05 34.76
N SER D 221 -23.01 35.51 33.58
CA SER D 221 -23.39 36.32 32.44
C SER D 221 -24.85 36.20 32.04
N CYS D 222 -25.59 35.23 32.58
CA CYS D 222 -26.99 35.10 32.21
C CYS D 222 -27.83 34.61 33.40
N PRO D 223 -27.84 35.32 34.52
CA PRO D 223 -28.53 34.80 35.71
C PRO D 223 -30.04 35.06 35.71
N ASP D 224 -30.55 35.86 34.78
CA ASP D 224 -31.96 36.20 34.75
C ASP D 224 -32.70 35.57 33.57
N THR D 225 -32.08 34.60 32.89
CA THR D 225 -32.80 33.86 31.87
C THR D 225 -33.91 33.04 32.51
N GLU D 226 -35.09 33.07 31.89
CA GLU D 226 -36.25 32.42 32.51
C GLU D 226 -36.17 30.91 32.42
N PHE D 227 -35.60 30.38 31.33
CA PHE D 227 -35.47 28.94 31.17
C PHE D 227 -34.18 28.64 30.41
N VAL D 228 -33.72 27.40 30.56
CA VAL D 228 -32.49 26.93 29.93
C VAL D 228 -32.75 25.59 29.28
N PHE D 229 -32.32 25.45 28.03
CA PHE D 229 -32.27 24.16 27.36
C PHE D 229 -30.81 23.83 27.06
N LYS D 230 -30.39 22.64 27.45
CA LYS D 230 -29.03 22.16 27.20
C LYS D 230 -29.12 20.84 26.45
N GLY D 231 -28.51 20.79 25.27
CA GLY D 231 -28.56 19.60 24.44
C GLY D 231 -27.31 19.46 23.60
N ASP D 232 -27.31 18.41 22.78
CA ASP D 232 -26.21 18.12 21.88
C ASP D 232 -26.47 18.75 20.51
N ASP D 233 -25.43 18.75 19.67
CA ASP D 233 -25.49 19.40 18.36
C ASP D 233 -25.99 18.47 17.26
N ASP D 234 -26.55 17.31 17.60
CA ASP D 234 -27.09 16.41 16.59
C ASP D 234 -28.54 16.04 16.86
N VAL D 235 -29.22 16.80 17.71
CA VAL D 235 -30.64 16.58 17.99
C VAL D 235 -31.45 17.68 17.35
N PHE D 236 -32.68 17.34 16.96
CA PHE D 236 -33.65 18.34 16.50
C PHE D 236 -34.56 18.70 17.67
N VAL D 237 -34.80 19.99 17.84
CA VAL D 237 -35.62 20.50 18.94
C VAL D 237 -36.77 21.30 18.33
N ASN D 238 -38.00 20.92 18.65
CA ASN D 238 -39.16 21.68 18.22
C ASN D 238 -39.29 22.88 19.15
N THR D 239 -38.57 23.96 18.81
CA THR D 239 -38.52 25.13 19.68
C THR D 239 -39.91 25.73 19.90
N HIS D 240 -40.81 25.58 18.92
CA HIS D 240 -42.16 26.12 19.07
C HIS D 240 -42.93 25.38 20.15
N HIS D 241 -42.75 24.06 20.22
CA HIS D 241 -43.40 23.30 21.28
C HIS D 241 -42.81 23.63 22.64
N ILE D 242 -41.49 23.90 22.70
CA ILE D 242 -40.87 24.25 23.97
C ILE D 242 -41.43 25.56 24.49
N LEU D 243 -41.46 26.59 23.63
CA LEU D 243 -41.95 27.90 24.05
C LEU D 243 -43.42 27.86 24.40
N ASN D 244 -44.20 27.05 23.67
CA ASN D 244 -45.61 26.90 24.00
C ASN D 244 -45.79 26.15 25.31
N TYR D 245 -45.00 25.10 25.53
CA TYR D 245 -45.06 24.37 26.80
C TYR D 245 -44.62 25.26 27.96
N LEU D 246 -43.53 26.02 27.77
CA LEU D 246 -43.05 26.89 28.84
C LEU D 246 -44.05 27.98 29.18
N ASN D 247 -44.73 28.53 28.16
CA ASN D 247 -45.70 29.58 28.42
C ASN D 247 -46.95 29.06 29.12
N SER D 248 -47.29 27.80 28.90
CA SER D 248 -48.47 27.19 29.52
C SER D 248 -48.18 26.65 30.92
N LEU D 249 -46.95 26.78 31.41
CA LEU D 249 -46.61 26.29 32.74
C LEU D 249 -47.21 27.18 33.81
N SER D 250 -47.74 26.56 34.85
CA SER D 250 -48.10 27.30 36.05
C SER D 250 -46.85 27.62 36.86
N LYS D 251 -46.97 28.59 37.76
CA LYS D 251 -45.81 28.98 38.57
C LYS D 251 -45.41 27.88 39.54
N THR D 252 -46.33 26.97 39.87
CA THR D 252 -45.97 25.81 40.68
C THR D 252 -44.90 24.97 39.99
N LYS D 253 -45.12 24.65 38.72
CA LYS D 253 -44.24 23.78 37.95
C LYS D 253 -43.08 24.52 37.29
N ALA D 254 -43.14 25.85 37.21
CA ALA D 254 -42.10 26.61 36.53
C ALA D 254 -40.97 27.03 37.45
N LYS D 255 -41.17 27.00 38.77
CA LYS D 255 -40.15 27.46 39.69
C LYS D 255 -38.89 26.61 39.61
N ASP D 256 -39.03 25.30 39.79
CA ASP D 256 -37.88 24.40 39.70
C ASP D 256 -38.13 23.34 38.63
N LEU D 257 -38.48 23.80 37.43
CA LEU D 257 -38.71 22.89 36.32
C LEU D 257 -37.43 22.15 35.96
N PHE D 258 -37.56 20.85 35.68
CA PHE D 258 -36.46 20.07 35.12
C PHE D 258 -37.08 18.83 34.48
N ILE D 259 -37.21 18.84 33.16
CA ILE D 259 -37.82 17.73 32.43
C ILE D 259 -36.87 17.25 31.35
N GLY D 260 -37.07 15.99 30.97
CA GLY D 260 -36.23 15.35 29.97
C GLY D 260 -36.52 13.87 29.94
N ASP D 261 -35.67 13.14 29.22
CA ASP D 261 -35.79 11.69 29.13
C ASP D 261 -35.12 11.08 30.36
N VAL D 262 -35.88 11.03 31.46
CA VAL D 262 -35.35 10.61 32.75
C VAL D 262 -35.24 9.10 32.81
N ILE D 263 -34.17 8.61 33.43
CA ILE D 263 -33.91 7.18 33.58
C ILE D 263 -33.89 6.85 35.06
N HIS D 264 -34.71 5.88 35.46
CA HIS D 264 -34.78 5.44 36.84
C HIS D 264 -34.16 4.05 36.99
N ASN D 265 -33.68 3.77 38.21
CA ASN D 265 -33.12 2.46 38.56
C ASN D 265 -31.93 2.09 37.67
N ALA D 266 -31.18 3.09 37.22
CA ALA D 266 -30.00 2.85 36.41
C ALA D 266 -28.79 2.57 37.30
N GLY D 267 -27.68 2.18 36.67
CA GLY D 267 -26.46 1.89 37.37
C GLY D 267 -25.26 1.89 36.44
N PRO D 268 -24.07 1.73 37.00
CA PRO D 268 -22.86 1.73 36.17
C PRO D 268 -22.81 0.52 35.26
N HIS D 269 -22.61 0.77 33.97
CA HIS D 269 -22.34 -0.32 33.04
C HIS D 269 -20.97 -0.92 33.35
N ARG D 270 -20.94 -2.23 33.57
CA ARG D 270 -19.70 -2.91 33.96
C ARG D 270 -19.01 -3.60 32.80
N ASP D 271 -19.64 -3.66 31.62
CA ASP D 271 -19.02 -4.31 30.47
C ASP D 271 -17.83 -3.49 29.99
N LYS D 272 -16.65 -4.13 29.96
CA LYS D 272 -15.41 -3.43 29.66
C LYS D 272 -15.44 -2.76 28.29
N LYS D 273 -16.19 -3.30 27.34
CA LYS D 273 -16.14 -2.86 25.95
C LYS D 273 -17.26 -1.90 25.58
N LEU D 274 -17.99 -1.37 26.56
CA LEU D 274 -19.06 -0.43 26.28
C LEU D 274 -18.56 1.01 26.40
N LYS D 275 -19.36 1.94 25.88
CA LYS D 275 -18.97 3.35 25.90
C LYS D 275 -19.01 3.91 27.32
N TYR D 276 -20.12 3.71 28.01
CA TYR D 276 -20.31 4.25 29.37
C TYR D 276 -19.90 3.26 30.44
N TYR D 277 -18.80 2.55 30.23
CA TYR D 277 -18.30 1.61 31.22
C TYR D 277 -17.68 2.36 32.40
N ILE D 278 -17.98 1.88 33.62
CA ILE D 278 -17.46 2.45 34.84
C ILE D 278 -16.89 1.33 35.69
N PRO D 279 -15.60 1.34 36.03
CA PRO D 279 -15.05 0.28 36.86
C PRO D 279 -15.57 0.37 38.29
N GLU D 280 -15.48 -0.76 38.99
CA GLU D 280 -15.91 -0.84 40.38
C GLU D 280 -15.01 -0.02 41.28
N VAL D 281 -13.71 0.03 40.97
CA VAL D 281 -12.77 0.81 41.75
C VAL D 281 -13.03 2.30 41.62
N VAL D 282 -13.73 2.73 40.58
CA VAL D 282 -14.02 4.15 40.37
C VAL D 282 -15.30 4.56 41.07
N TYR D 283 -16.40 3.85 40.82
CA TYR D 283 -17.68 4.17 41.42
C TYR D 283 -18.41 2.91 41.84
N SER D 284 -19.12 2.99 42.96
CA SER D 284 -19.92 1.89 43.47
C SER D 284 -21.32 2.39 43.79
N GLY D 285 -22.30 1.51 43.63
CA GLY D 285 -23.67 1.81 43.95
C GLY D 285 -24.52 2.04 42.71
N LEU D 286 -25.67 2.68 42.94
CA LEU D 286 -26.65 2.93 41.89
C LEU D 286 -26.47 4.33 41.31
N TYR D 287 -27.33 4.67 40.36
CA TYR D 287 -27.40 5.98 39.71
C TYR D 287 -28.65 6.72 40.15
N PRO D 288 -28.55 8.03 40.40
CA PRO D 288 -29.74 8.81 40.73
C PRO D 288 -30.65 8.93 39.52
N PRO D 289 -31.89 9.39 39.71
CA PRO D 289 -32.73 9.71 38.54
C PRO D 289 -32.10 10.83 37.74
N TYR D 290 -31.85 10.57 36.46
CA TYR D 290 -31.16 11.54 35.61
C TYR D 290 -31.77 11.53 34.22
N ALA D 291 -31.82 12.71 33.61
CA ALA D 291 -32.28 12.86 32.23
C ALA D 291 -31.09 12.83 31.29
N GLY D 292 -31.13 11.94 30.32
CA GLY D 292 -30.08 11.85 29.33
C GLY D 292 -30.62 11.78 27.91
N GLY D 293 -29.78 11.33 26.97
CA GLY D 293 -30.22 11.11 25.61
C GLY D 293 -30.64 12.36 24.86
N GLY D 294 -29.71 13.26 24.61
CA GLY D 294 -29.97 14.38 23.73
C GLY D 294 -30.06 15.74 24.39
N GLY D 295 -30.89 15.87 25.42
CA GLY D 295 -31.06 17.15 26.09
C GLY D 295 -32.17 17.19 27.11
N PHE D 296 -32.16 18.24 27.95
CA PHE D 296 -33.17 18.44 28.97
C PHE D 296 -33.48 19.92 29.09
N LEU D 297 -34.61 20.23 29.70
CA LEU D 297 -35.11 21.59 29.84
C LEU D 297 -35.39 21.88 31.31
N TYR D 298 -34.96 23.07 31.76
CA TYR D 298 -35.13 23.43 33.16
C TYR D 298 -35.20 24.95 33.30
N SER D 299 -35.57 25.39 34.49
CA SER D 299 -35.75 26.81 34.76
C SER D 299 -34.42 27.47 35.10
N GLY D 300 -34.34 28.77 34.86
CA GLY D 300 -33.15 29.52 35.22
C GLY D 300 -32.95 29.62 36.72
N HIS D 301 -34.04 29.60 37.49
CA HIS D 301 -33.92 29.59 38.94
C HIS D 301 -33.22 28.33 39.42
N LEU D 302 -33.48 27.19 38.76
CA LEU D 302 -32.81 25.95 39.12
C LEU D 302 -31.37 25.92 38.62
N ALA D 303 -31.09 26.61 37.51
CA ALA D 303 -29.72 26.67 37.01
C ALA D 303 -28.80 27.35 38.03
N LEU D 304 -29.27 28.43 38.65
CA LEU D 304 -28.47 29.09 39.67
C LEU D 304 -28.31 28.22 40.91
N ARG D 305 -29.34 27.44 41.26
CA ARG D 305 -29.21 26.50 42.37
C ARG D 305 -28.29 25.34 42.01
N LEU D 306 -28.28 24.92 40.75
CA LEU D 306 -27.44 23.80 40.34
C LEU D 306 -25.96 24.18 40.36
N TYR D 307 -25.63 25.40 39.94
CA TYR D 307 -24.22 25.79 39.92
C TYR D 307 -23.66 25.92 41.33
N HIS D 308 -24.45 26.45 42.26
CA HIS D 308 -23.96 26.62 43.62
C HIS D 308 -23.84 25.31 44.38
N ILE D 309 -24.39 24.21 43.85
CA ILE D 309 -24.24 22.90 44.49
C ILE D 309 -23.17 22.05 43.84
N THR D 310 -22.64 22.46 42.67
CA THR D 310 -21.62 21.66 42.00
C THR D 310 -20.33 21.59 42.82
N ASP D 311 -20.00 22.65 43.55
CA ASP D 311 -18.80 22.63 44.39
C ASP D 311 -18.86 21.53 45.44
N GLN D 312 -20.05 21.07 45.80
CA GLN D 312 -20.22 20.04 46.81
C GLN D 312 -20.37 18.64 46.24
N VAL D 313 -20.24 18.48 44.93
CA VAL D 313 -20.31 17.18 44.27
C VAL D 313 -19.06 17.02 43.40
N HIS D 314 -18.33 15.94 43.62
CA HIS D 314 -17.17 15.64 42.77
C HIS D 314 -17.63 15.33 41.35
N LEU D 315 -16.77 15.66 40.39
CA LEU D 315 -17.07 15.42 38.99
C LEU D 315 -17.21 13.93 38.72
N TYR D 316 -18.09 13.60 37.78
CA TYR D 316 -18.33 12.23 37.35
C TYR D 316 -18.08 12.11 35.85
N PRO D 317 -17.51 10.99 35.39
CA PRO D 317 -17.15 10.89 33.96
C PRO D 317 -18.32 11.01 33.00
N ILE D 318 -19.54 10.78 33.46
CA ILE D 318 -20.73 10.90 32.62
C ILE D 318 -21.49 12.14 33.08
N ASP D 319 -21.61 13.12 32.19
CA ASP D 319 -22.15 14.42 32.57
C ASP D 319 -23.63 14.33 32.96
N ASP D 320 -24.40 13.52 32.25
CA ASP D 320 -25.83 13.41 32.56
C ASP D 320 -26.06 12.84 33.94
N VAL D 321 -25.27 11.84 34.33
CA VAL D 321 -25.37 11.29 35.68
C VAL D 321 -24.93 12.32 36.70
N TYR D 322 -23.92 13.12 36.37
CA TYR D 322 -23.46 14.15 37.29
C TYR D 322 -24.54 15.21 37.53
N THR D 323 -25.26 15.59 36.47
CA THR D 323 -26.37 16.53 36.65
C THR D 323 -27.46 15.92 37.50
N GLY D 324 -27.74 14.62 37.32
CA GLY D 324 -28.69 13.95 38.19
C GLY D 324 -28.19 13.88 39.62
N MET D 325 -26.89 13.69 39.80
CA MET D 325 -26.32 13.71 41.16
C MET D 325 -26.52 15.06 41.82
N CYS D 326 -26.32 16.14 41.06
CA CYS D 326 -26.51 17.48 41.61
C CYS D 326 -27.97 17.73 41.99
N LEU D 327 -28.90 17.21 41.18
CA LEU D 327 -30.32 17.32 41.53
C LEU D 327 -30.62 16.54 42.81
N GLN D 328 -30.05 15.34 42.94
CA GLN D 328 -30.27 14.54 44.14
C GLN D 328 -29.70 15.23 45.37
N LYS D 329 -28.56 15.91 45.22
CA LYS D 329 -27.98 16.64 46.35
C LYS D 329 -28.91 17.73 46.85
N LEU D 330 -29.62 18.39 45.92
CA LEU D 330 -30.58 19.43 46.27
C LEU D 330 -31.92 18.85 46.75
N GLY D 331 -32.06 17.53 46.78
CA GLY D 331 -33.33 16.94 47.16
C GLY D 331 -34.42 17.08 46.11
N LEU D 332 -34.05 17.11 44.83
CA LEU D 332 -34.99 17.22 43.73
C LEU D 332 -34.92 15.98 42.86
N VAL D 333 -35.98 15.77 42.08
CA VAL D 333 -36.09 14.64 41.17
C VAL D 333 -36.43 15.17 39.79
N PRO D 334 -35.66 14.87 38.75
CA PRO D 334 -36.04 15.30 37.40
C PRO D 334 -37.29 14.57 36.92
N GLU D 335 -38.11 15.29 36.16
CA GLU D 335 -39.42 14.82 35.75
C GLU D 335 -39.36 14.26 34.34
N LYS D 336 -39.87 13.04 34.16
CA LYS D 336 -39.90 12.43 32.85
C LYS D 336 -40.99 13.07 31.99
N HIS D 337 -40.62 13.39 30.76
CA HIS D 337 -41.49 13.97 29.75
C HIS D 337 -41.16 13.25 28.45
N LYS D 338 -42.16 12.65 27.81
CA LYS D 338 -41.89 11.83 26.64
C LYS D 338 -41.86 12.61 25.34
N GLY D 339 -42.10 13.92 25.38
CA GLY D 339 -41.70 14.75 24.25
C GLY D 339 -40.22 14.67 23.97
N PHE D 340 -39.43 14.16 24.92
CA PHE D 340 -38.00 13.96 24.77
C PHE D 340 -37.78 12.53 24.29
N ARG D 341 -37.84 12.35 22.96
CA ARG D 341 -37.79 11.04 22.34
C ARG D 341 -36.36 10.75 21.91
N THR D 342 -35.68 9.87 22.66
CA THR D 342 -34.31 9.51 22.31
C THR D 342 -34.27 8.49 21.17
N PHE D 343 -35.28 7.63 21.07
CA PHE D 343 -35.34 6.61 20.02
C PHE D 343 -36.26 7.03 18.88
N ASP D 344 -36.08 8.25 18.37
CA ASP D 344 -36.93 8.77 17.30
C ASP D 344 -38.40 8.70 17.68
N ASN D 349 -44.27 6.94 11.02
CA ASN D 349 -44.89 8.25 11.15
C ASN D 349 -43.85 9.36 11.00
N LYS D 350 -42.64 8.98 10.57
CA LYS D 350 -41.58 9.95 10.38
C LYS D 350 -41.73 10.73 9.09
N ASN D 351 -42.42 10.18 8.09
CA ASN D 351 -42.67 10.91 6.85
C ASN D 351 -43.64 12.08 7.04
N ASN D 352 -44.25 12.21 8.22
CA ASN D 352 -45.22 13.27 8.49
C ASN D 352 -44.56 14.37 9.30
N ILE D 353 -44.79 15.62 8.90
CA ILE D 353 -44.32 16.76 9.68
C ILE D 353 -45.24 17.05 10.85
N CYS D 354 -46.48 16.52 10.81
CA CYS D 354 -47.45 16.82 11.86
C CYS D 354 -47.09 16.12 13.17
N SER D 355 -46.36 15.00 13.10
CA SER D 355 -45.93 14.34 14.33
C SER D 355 -44.90 15.18 15.08
N TYR D 356 -44.02 15.87 14.35
CA TYR D 356 -43.03 16.74 14.97
C TYR D 356 -43.66 17.94 15.68
N VAL D 357 -44.95 18.21 15.44
CA VAL D 357 -45.61 19.35 16.08
C VAL D 357 -45.66 19.14 17.59
N ASP D 358 -45.90 17.91 18.04
CA ASP D 358 -46.12 17.63 19.45
C ASP D 358 -44.96 16.88 20.10
N LEU D 359 -43.77 16.92 19.50
CA LEU D 359 -42.57 16.49 20.19
C LEU D 359 -41.77 17.72 20.64
N MET D 360 -40.80 17.47 21.51
CA MET D 360 -39.95 18.53 22.02
C MET D 360 -38.47 18.31 21.73
N LEU D 361 -38.07 17.09 21.35
CA LEU D 361 -36.69 16.77 21.04
C LEU D 361 -36.68 15.41 20.36
N VAL D 362 -35.79 15.24 19.38
CA VAL D 362 -35.66 13.96 18.70
C VAL D 362 -34.20 13.71 18.37
N HIS D 363 -33.68 12.58 18.84
CA HIS D 363 -32.35 12.08 18.53
C HIS D 363 -32.56 11.00 17.46
N SER D 364 -31.77 10.98 16.39
CA SER D 364 -30.67 11.88 16.12
C SER D 364 -30.81 12.41 14.69
N ARG D 365 -30.31 13.62 14.41
CA ARG D 365 -30.54 14.26 13.12
C ARG D 365 -29.24 14.85 12.56
N LYS D 366 -29.10 14.76 11.23
CA LYS D 366 -28.01 15.31 10.43
C LYS D 366 -28.31 16.77 10.10
N PRO D 367 -27.28 17.55 9.72
CA PRO D 367 -27.55 18.96 9.34
C PRO D 367 -28.61 19.11 8.25
N GLN D 368 -28.52 18.31 7.19
CA GLN D 368 -29.55 18.37 6.15
C GLN D 368 -30.91 18.00 6.72
N GLU D 369 -30.95 17.02 7.62
CA GLU D 369 -32.22 16.59 8.19
C GLU D 369 -32.81 17.67 9.10
N MET D 370 -31.96 18.40 9.82
CA MET D 370 -32.46 19.47 10.69
C MET D 370 -33.15 20.55 9.87
N ILE D 371 -32.52 20.99 8.77
CA ILE D 371 -33.12 22.02 7.94
C ILE D 371 -34.34 21.49 7.21
N ASP D 372 -34.32 20.21 6.83
CA ASP D 372 -35.47 19.63 6.14
C ASP D 372 -36.69 19.55 7.06
N ILE D 373 -36.48 19.11 8.31
CA ILE D 373 -37.60 19.00 9.25
C ILE D 373 -38.14 20.38 9.61
N TRP D 374 -37.25 21.30 9.99
CA TRP D 374 -37.70 22.61 10.44
C TRP D 374 -38.35 23.40 9.32
N SER D 375 -37.93 23.19 8.08
CA SER D 375 -38.53 23.88 6.95
C SER D 375 -40.02 23.56 6.84
N GLN D 376 -40.36 22.26 6.82
CA GLN D 376 -41.75 21.86 6.70
C GLN D 376 -42.59 22.40 7.84
N LEU D 377 -42.00 22.50 9.04
CA LEU D 377 -42.74 22.74 10.27
C LEU D 377 -43.10 24.21 10.48
N GLN D 378 -42.68 25.13 9.61
CA GLN D 378 -42.95 26.56 9.78
C GLN D 378 -44.23 27.01 9.10
N SER D 379 -44.94 26.11 8.44
CA SER D 379 -46.30 26.38 8.01
C SER D 379 -47.17 25.17 8.31
N ALA D 380 -46.92 24.53 9.47
CA ALA D 380 -47.63 23.34 9.93
C ALA D 380 -48.96 23.68 10.59
N HIS D 381 -49.25 24.96 10.82
CA HIS D 381 -50.58 25.41 11.17
C HIS D 381 -51.51 25.49 9.96
N LEU D 382 -51.01 25.16 8.76
CA LEU D 382 -51.84 25.04 7.57
C LEU D 382 -51.82 23.64 6.95
N LYS D 383 -50.92 22.76 7.36
CA LYS D 383 -50.90 21.39 6.85
C LYS D 383 -51.84 20.49 7.61
N CYS D 384 -51.91 20.69 8.92
CA CYS D 384 -52.60 19.76 9.80
C CYS D 384 -53.39 20.50 10.87
C1 NAG E . -25.76 17.06 -10.67
C2 NAG E . -27.14 16.65 -10.15
C3 NAG E . -28.24 17.38 -10.94
C4 NAG E . -28.00 18.88 -10.97
C5 NAG E . -26.58 19.18 -11.45
C6 NAG E . -26.23 20.64 -11.39
C7 NAG E . -27.48 14.43 -9.17
C8 NAG E . -27.65 12.97 -9.45
N2 NAG E . -27.32 15.22 -10.23
O3 NAG E . -29.50 17.11 -10.33
O4 NAG E . -28.90 19.50 -11.87
O5 NAG E . -25.63 18.48 -10.62
O6 NAG E . -26.22 21.12 -10.04
O7 NAG E . -27.49 14.88 -8.03
C1 NAG E . -29.94 20.22 -11.19
C2 NAG E . -30.52 21.25 -12.19
C3 NAG E . -31.73 21.96 -11.59
C4 NAG E . -32.74 20.97 -11.02
C5 NAG E . -32.03 20.00 -10.06
C6 NAG E . -32.93 18.91 -9.53
C7 NAG E . -28.85 22.17 -13.74
C8 NAG E . -27.83 23.25 -13.96
N2 NAG E . -29.50 22.21 -12.57
O3 NAG E . -32.35 22.74 -12.60
O4 NAG E . -33.74 21.70 -10.31
O5 NAG E . -30.97 19.35 -10.76
O6 NAG E . -32.19 17.96 -8.76
O7 NAG E . -29.06 21.29 -14.57
C1 BMA E . -35.08 21.30 -10.70
C2 BMA E . -35.96 21.43 -9.44
C3 BMA E . -37.38 20.98 -9.78
C4 BMA E . -37.93 21.69 -11.03
C5 BMA E . -36.92 21.63 -12.21
C6 BMA E . -37.34 22.49 -13.37
O2 BMA E . -36.07 22.79 -9.03
O3 BMA E . -38.26 21.17 -8.68
O4 BMA E . -39.14 21.09 -11.43
O5 BMA E . -35.61 22.09 -11.75
O6 BMA E . -36.49 22.22 -14.47
C1 NAG F . 52.01 2.69 -19.76
C2 NAG F . 53.26 1.97 -20.27
C3 NAG F . 54.48 2.39 -19.45
C4 NAG F . 54.60 3.91 -19.40
C5 NAG F . 53.29 4.53 -18.92
C6 NAG F . 53.30 6.03 -18.95
C7 NAG F . 52.99 -0.25 -21.29
C8 NAG F . 52.81 -1.72 -21.03
N2 NAG F . 53.08 0.53 -20.20
O3 NAG F . 55.65 1.84 -20.05
O4 NAG F . 55.62 4.28 -18.48
O5 NAG F . 52.22 4.10 -19.77
O6 NAG F . 53.90 6.53 -20.15
O7 NAG F . 53.05 0.21 -22.42
C1 NAG F . 56.83 4.68 -19.16
C2 NAG F . 57.63 5.58 -18.20
C3 NAG F . 58.99 5.94 -18.81
C4 NAG F . 59.72 4.68 -19.25
C5 NAG F . 58.85 3.88 -20.20
C6 NAG F . 59.47 2.57 -20.64
C7 NAG F . 56.22 6.96 -16.74
C8 NAG F . 55.51 8.28 -16.58
N2 NAG F . 56.89 6.79 -17.88
O3 NAG F . 59.76 6.64 -17.85
O4 NAG F . 60.94 5.03 -19.90
O5 NAG F . 57.61 3.55 -19.53
O6 NAG F . 58.79 2.03 -21.76
O7 NAG F . 56.19 6.10 -15.87
C1 NAG G . 14.33 -32.65 3.48
C2 NAG G . 15.18 -33.87 3.13
C3 NAG G . 16.56 -33.76 3.80
C4 NAG G . 17.21 -32.41 3.52
C5 NAG G . 16.24 -31.28 3.85
C6 NAG G . 16.78 -29.92 3.48
C7 NAG G . 14.10 -36.02 2.69
C8 NAG G . 13.44 -37.23 3.29
N2 NAG G . 14.52 -35.09 3.55
O3 NAG G . 17.39 -34.80 3.31
O4 NAG G . 18.36 -32.26 4.34
O5 NAG G . 15.02 -31.45 3.13
O6 NAG G . 17.42 -29.94 2.20
O7 NAG G . 14.26 -35.91 1.47
C1 NAG G . 19.57 -32.44 3.58
C2 NAG G . 20.72 -31.77 4.34
C3 NAG G . 22.05 -32.02 3.64
C4 NAG G . 22.25 -33.51 3.36
C5 NAG G . 21.03 -34.08 2.65
C6 NAG G . 21.10 -35.57 2.44
C7 NAG G . 20.07 -29.77 5.61
C8 NAG G . 19.87 -28.28 5.56
N2 NAG G . 20.48 -30.34 4.47
O3 NAG G . 23.10 -31.53 4.46
O4 NAG G . 23.40 -33.68 2.55
O5 NAG G . 19.85 -33.82 3.42
O6 NAG G . 20.17 -36.01 1.47
O7 NAG G . 19.87 -30.41 6.63
C1 BMA G . 24.35 -34.58 3.17
C2 BMA G . 25.41 -34.94 2.11
C3 BMA G . 26.54 -35.77 2.73
C4 BMA G . 27.04 -35.17 4.05
C5 BMA G . 25.85 -34.88 4.99
C6 BMA G . 26.26 -34.24 6.30
O2 BMA G . 26.01 -33.77 1.56
O3 BMA G . 27.63 -35.95 1.82
O4 BMA G . 27.93 -36.08 4.69
O5 BMA G . 24.96 -33.98 4.31
O6 BMA G . 26.94 -33.01 6.01
C1 MAN G . 27.21 -32.31 7.24
C2 MAN G . 27.61 -30.86 6.86
C3 MAN G . 28.93 -30.88 6.09
C4 MAN G . 30.02 -31.66 6.85
C5 MAN G . 29.51 -33.05 7.27
C6 MAN G . 30.47 -33.78 8.19
O2 MAN G . 27.85 -30.06 8.01
O3 MAN G . 29.39 -29.56 5.79
O4 MAN G . 31.16 -31.82 6.03
O5 MAN G . 28.25 -32.94 7.97
O6 MAN G . 29.95 -35.08 8.45
C1 NAG H . -9.94 17.56 30.98
C2 NAG H . -9.04 16.35 30.79
C3 NAG H . -7.70 16.56 31.51
C4 NAG H . -7.07 17.89 31.11
C5 NAG H . -8.08 19.02 31.30
C6 NAG H . -7.56 20.35 30.81
C7 NAG H . -9.87 14.04 30.54
C8 NAG H . -9.35 14.11 29.13
N2 NAG H . -9.69 15.14 31.28
O3 NAG H . -6.82 15.48 31.18
O4 NAG H . -5.93 18.15 31.94
O5 NAG H . -9.26 18.74 30.54
O6 NAG H . -6.91 20.23 29.55
O7 NAG H . -10.42 13.05 30.97
C1 NAG H . -4.73 18.11 31.14
C2 NAG H . -3.64 18.87 31.90
C3 NAG H . -2.30 18.76 31.18
C4 NAG H . -1.97 17.31 30.84
C5 NAG H . -3.14 16.67 30.10
C6 NAG H . -2.94 15.21 29.80
C7 NAG H . -4.53 20.76 33.20
C8 NAG H . -4.86 22.22 33.19
N2 NAG H . -4.02 20.26 32.07
O3 NAG H . -1.28 19.29 32.01
O4 NAG H . -0.81 17.27 30.00
O5 NAG H . -4.32 16.77 30.91
O6 NAG H . -3.33 14.90 28.46
O7 NAG H . -4.72 20.06 34.20
C1 BMA H . 0.25 16.56 30.67
C2 BMA H . 1.32 16.24 29.61
C3 BMA H . 2.47 15.49 30.27
C4 BMA H . 2.99 16.24 31.52
C5 BMA H . 1.83 16.62 32.46
C6 BMA H . 2.28 17.52 33.61
O2 BMA H . 1.86 17.44 29.07
O3 BMA H . 3.53 15.26 29.36
O4 BMA H . 3.92 15.42 32.21
O5 BMA H . 0.82 17.32 31.73
O6 BMA H . 3.55 17.08 34.05
C1 NAG I . -24.37 24.65 -21.48
C2 NAG I . -25.11 25.44 -20.40
C3 NAG I . -26.53 25.74 -20.87
C4 NAG I . -26.53 26.44 -22.22
C5 NAG I . -25.72 25.63 -23.23
C6 NAG I . -25.54 26.35 -24.55
C7 NAG I . -24.52 25.17 -18.04
C8 NAG I . -24.64 24.31 -16.83
N2 NAG I . -25.13 24.73 -19.14
O3 NAG I . -27.20 26.56 -19.90
O4 NAG I . -27.86 26.59 -22.70
O5 NAG I . -24.40 25.37 -22.73
O6 NAG I . -25.58 25.44 -25.65
O7 NAG I . -23.88 26.23 -18.03
MG MG J . -14.14 6.90 1.79
N1 UDP K . -17.45 12.77 -1.89
C2 UDP K . -17.69 13.91 -2.65
N3 UDP K . -18.99 14.24 -2.98
C4 UDP K . -20.03 13.44 -2.55
C5 UDP K . -19.78 12.30 -1.80
C6 UDP K . -18.46 11.93 -1.55
O2 UDP K . -16.76 14.61 -3.02
O4 UDP K . -21.19 13.73 -2.84
C1' UDP K . -16.06 12.44 -1.57
C2' UDP K . -15.77 12.68 -0.10
O2' UDP K . -15.56 14.03 0.19
C3' UDP K . -14.51 11.87 0.04
C4' UDP K . -14.74 10.70 -0.90
O4' UDP K . -15.79 11.07 -1.77
O3' UDP K . -13.42 12.62 -0.45
C5' UDP K . -15.09 9.43 -0.12
O5' UDP K . -16.48 9.18 -0.16
PA UDP K . -17.07 7.94 0.67
O1A UDP K . -16.14 7.66 1.80
O2A UDP K . -18.43 8.21 1.14
O3A UDP K . -17.04 6.71 -0.39
PB UDP K . -16.94 5.17 0.07
O1B UDP K . -17.02 4.30 -1.12
O2B UDP K . -18.06 4.85 0.99
O3B UDP K . -15.66 4.94 0.78
I IOD L . -26.55 10.67 -29.09
I IOD M . -31.91 8.99 -3.13
I IOD N . -11.74 24.54 -16.03
I IOD O . -21.35 25.84 -1.26
I IOD P . 9.27 17.62 -12.49
I IOD Q . 8.11 6.17 4.84
I IOD R . 9.52 2.11 -4.04
I IOD S . -30.01 22.23 -6.99
I IOD T . -22.13 -1.83 -1.99
I IOD U . -15.15 16.51 8.75
I IOD V . -9.93 -9.27 -10.05
CL CL W . 9.22 -0.19 -13.98
CL CL X . -0.16 -5.57 7.97
MG MG Y . 39.14 -4.74 -32.38
I IOD Z . 18.21 11.93 -17.07
I IOD AA . 14.18 -2.94 -25.92
I IOD BA . 16.37 0.91 -34.85
I IOD CA . 57.89 -7.85 -4.59
I IOD DA . 51.42 -4.33 -1.45
I IOD EA . 56.21 -6.49 -27.34
I IOD FA . 41.37 5.52 -39.13
I IOD GA . 49.89 12.83 -28.88
I IOD HA . 30.17 16.84 -36.67
I IOD IA . 57.12 6.71 -23.08
I IOD JA . 40.40 13.22 -14.22
I IOD KA . 20.61 -9.90 -32.00
C1 NAG LA . 18.22 -23.71 12.46
C2 NAG LA . 19.12 -23.47 11.25
C3 NAG LA . 20.57 -23.82 11.58
C4 NAG LA . 21.02 -23.09 12.83
C5 NAG LA . 20.06 -23.37 13.98
C6 NAG LA . 20.39 -22.59 15.23
C7 NAG LA . 18.55 -23.69 8.86
C8 NAG LA . 18.93 -22.24 8.72
N2 NAG LA . 18.66 -24.22 10.09
O3 NAG LA . 21.41 -23.48 10.48
O4 NAG LA . 22.33 -23.50 13.20
O5 NAG LA . 18.73 -23.00 13.60
O6 NAG LA . 19.99 -21.23 15.12
O7 NAG LA . 18.16 -24.35 7.91
MG MG MA . -1.95 -37.23 -7.87
N1 UDP NA . 4.66 -32.62 -4.51
C2 UDP NA . 5.60 -31.71 -4.07
N3 UDP NA . 6.90 -32.12 -3.85
C4 UDP NA . 7.25 -33.45 -4.06
C5 UDP NA . 6.29 -34.35 -4.50
C6 UDP NA . 4.98 -33.94 -4.67
O2 UDP NA . 5.27 -30.54 -3.89
O4 UDP NA . 8.40 -33.81 -3.86
C1' UDP NA . 3.29 -32.18 -4.74
C2' UDP NA . 2.85 -32.49 -6.16
O2' UDP NA . 3.03 -31.40 -7.02
C3' UDP NA . 1.39 -32.81 -5.98
C4' UDP NA . 1.29 -33.36 -4.56
O4' UDP NA . 2.42 -32.89 -3.86
O3' UDP NA . 0.67 -31.61 -6.08
C5' UDP NA . 1.26 -34.88 -4.53
O5' UDP NA . 1.43 -35.34 -5.85
PA UDP NA . 1.12 -36.85 -6.34
O1A UDP NA . 2.31 -37.49 -6.93
O2A UDP NA . 0.04 -36.75 -7.34
O3A UDP NA . 0.60 -37.65 -5.03
PB UDP NA . -0.39 -38.91 -5.16
O1B UDP NA . 0.38 -40.09 -5.61
O2B UDP NA . -1.45 -38.63 -6.14
O3B UDP NA . -1.01 -39.20 -3.85
I IOD OA . 13.14 -35.46 22.93
I IOD PA . 14.45 -44.00 -2.08
I IOD QA . 20.11 -31.59 -0.90
I IOD RA . 7.26 -17.25 6.95
I IOD SA . -21.18 -25.20 -10.48
I IOD TA . -23.73 -25.73 -1.03
I IOD UA . -8.42 -21.12 20.10
I IOD VA . 14.81 -24.50 -7.62
I IOD WA . -20.64 -35.56 -5.30
I IOD XA . 3.64 -30.27 -16.02
CL CL YA . -0.02 -29.26 -21.04
O1 PG4 ZA . 6.38 -34.91 -12.74
C1 PG4 ZA . 5.21 -34.84 -13.52
C2 PG4 ZA . 5.58 -34.45 -14.95
O2 PG4 ZA . 5.73 -33.07 -15.04
C3 PG4 ZA . 6.95 -32.67 -15.60
C4 PG4 ZA . 8.07 -32.85 -14.57
O3 PG4 ZA . 9.16 -33.50 -15.15
C5 PG4 ZA . 10.13 -33.89 -14.23
C6 PG4 ZA . 11.47 -33.28 -14.66
O4 PG4 ZA . 12.44 -33.47 -13.67
C7 PG4 ZA . 12.33 -32.58 -12.60
C8 PG4 ZA . 12.93 -31.23 -12.99
O5 PG4 ZA . 13.19 -30.48 -11.83
I IOD AB . -9.54 5.84 26.30
I IOD BB . -39.05 36.69 30.04
I IOD CB . -23.76 12.97 49.10
I IOD DB . -20.32 18.25 11.20
I IOD EB . -17.67 32.26 33.07
I IOD FB . -45.24 23.68 15.83
I IOD GB . -8.60 24.14 16.87
I IOD HB . -48.41 22.93 25.14
CL CL IB . -29.40 37.97 32.48
CL CL JB . -3.62 19.09 26.62
#